data_8SX1
#
_entry.id   8SX1
#
_cell.length_a   126.577
_cell.length_b   71.579
_cell.length_c   163.968
_cell.angle_alpha   90.00
_cell.angle_beta   103.27
_cell.angle_gamma   90.00
#
_symmetry.space_group_name_H-M   'P 1 21 1'
#
loop_
_entity.id
_entity.type
_entity.pdbx_description
1 polymer 'Protein mono-ADP-ribosyltransferase PARP4'
2 water water
#
_entity_poly.entity_id   1
_entity_poly.type   'polypeptide(L)'
_entity_poly.pdbx_seq_one_letter_code
;SSEQLQALLLEEVMNSSTLSQEVSDLVEMIWAEALGHLEHMLLKPVNRISLNDVSKAEGILLLVKAALKNGETAEQLQKM
MTEFYRLIPHKGTMPKEVNLGLLAKKADLCQLIRDMVNVCETNLSKPNPPSLAKYRALRCKIEHVEQNTEEFLRVRKEVL
QNHHSKSPVDVLQIFRVGRVNETTEFLSKLGNVRPLLHGSPVQNIVGILCRGLLLPKVVEDRGVQRTDVGNLGSGIYFSD
SLSTSIKYSHPGETDGTRLLLICDVALGKCMDLHEKDFSLTEAPPGYDSVHGVSQTASVTTDFEDDEFVVYKTNQVKMKY
IIKFSMPGDQIKD
;
_entity_poly.pdbx_strand_id   A,B,C,D,E,F,G,H
#
# COMPACT_ATOMS: atom_id res chain seq x y z
N SER A 2 -51.27 0.25 -46.22
CA SER A 2 -50.43 -0.62 -47.03
C SER A 2 -49.70 -1.60 -46.11
N GLU A 3 -48.89 -2.48 -46.69
CA GLU A 3 -48.21 -3.52 -45.87
C GLU A 3 -47.39 -2.87 -44.76
N GLN A 4 -46.36 -2.09 -45.09
CA GLN A 4 -45.42 -1.52 -44.08
C GLN A 4 -46.12 -0.61 -43.07
N LEU A 5 -47.26 -0.01 -43.41
CA LEU A 5 -47.88 0.99 -42.50
C LEU A 5 -48.59 0.27 -41.34
N GLN A 6 -49.38 -0.77 -41.58
CA GLN A 6 -50.04 -1.55 -40.55
C GLN A 6 -49.02 -2.12 -39.56
N ALA A 7 -47.85 -2.48 -40.08
CA ALA A 7 -46.76 -2.97 -39.26
C ALA A 7 -46.34 -1.91 -38.23
N LEU A 8 -46.14 -0.67 -38.70
CA LEU A 8 -45.68 0.40 -37.85
C LEU A 8 -46.80 0.88 -36.93
N LEU A 9 -48.06 0.72 -37.36
CA LEU A 9 -49.20 1.02 -36.52
C LEU A 9 -49.20 0.09 -35.31
N LEU A 10 -48.89 -1.19 -35.55
CA LEU A 10 -48.76 -2.18 -34.49
C LEU A 10 -47.61 -1.80 -33.56
N GLU A 11 -46.49 -1.34 -34.15
CA GLU A 11 -45.29 -1.02 -33.39
C GLU A 11 -45.60 0.07 -32.37
N GLU A 12 -46.30 1.13 -32.78
CA GLU A 12 -46.63 2.23 -31.90
C GLU A 12 -47.57 1.75 -30.79
N VAL A 13 -48.47 0.82 -31.11
CA VAL A 13 -49.43 0.30 -30.15
C VAL A 13 -48.72 -0.65 -29.19
N MET A 14 -47.87 -1.53 -29.73
CA MET A 14 -47.16 -2.53 -28.94
C MET A 14 -46.22 -1.82 -27.95
N ASN A 15 -45.51 -0.80 -28.44
CA ASN A 15 -44.46 -0.15 -27.67
C ASN A 15 -45.04 0.84 -26.65
N SER A 16 -46.30 1.25 -26.85
CA SER A 16 -46.96 2.17 -25.93
C SER A 16 -47.50 1.42 -24.72
N SER A 17 -46.59 1.00 -23.83
CA SER A 17 -46.97 0.27 -22.63
C SER A 17 -47.24 1.28 -21.51
N THR A 18 -48.52 1.45 -21.18
CA THR A 18 -48.93 2.32 -20.04
C THR A 18 -48.09 1.88 -18.84
N LEU A 19 -47.15 2.71 -18.39
CA LEU A 19 -46.24 2.36 -17.32
C LEU A 19 -46.22 3.70 -16.57
N SER A 20 -46.04 3.63 -15.25
CA SER A 20 -45.94 4.81 -14.41
C SER A 20 -44.57 5.46 -14.61
N GLN A 21 -44.53 6.80 -14.50
CA GLN A 21 -43.32 7.56 -14.74
C GLN A 21 -42.32 7.33 -13.61
N GLU A 22 -42.82 7.03 -12.40
CA GLU A 22 -41.97 6.80 -11.24
C GLU A 22 -41.17 5.52 -11.45
N VAL A 23 -41.80 4.49 -12.04
CA VAL A 23 -41.15 3.23 -12.34
C VAL A 23 -40.12 3.46 -13.45
N SER A 24 -40.53 4.18 -14.50
CA SER A 24 -39.65 4.49 -15.62
C SER A 24 -38.36 5.13 -15.13
N ASP A 25 -38.51 6.13 -14.24
CA ASP A 25 -37.38 6.89 -13.72
C ASP A 25 -36.53 6.00 -12.79
N LEU A 26 -37.19 5.10 -12.05
CA LEU A 26 -36.48 4.17 -11.17
C LEU A 26 -35.70 3.16 -12.02
N VAL A 27 -36.33 2.66 -13.08
CA VAL A 27 -35.71 1.71 -13.98
C VAL A 27 -34.52 2.38 -14.68
N GLU A 28 -34.72 3.61 -15.15
CA GLU A 28 -33.69 4.35 -15.85
C GLU A 28 -32.51 4.64 -14.92
N MET A 29 -32.78 4.84 -13.63
CA MET A 29 -31.74 5.17 -12.66
C MET A 29 -30.82 3.96 -12.47
N ILE A 30 -31.40 2.83 -12.05
CA ILE A 30 -30.63 1.67 -11.63
C ILE A 30 -29.72 1.20 -12.77
N TRP A 31 -30.22 1.25 -14.00
CA TRP A 31 -29.45 0.81 -15.16
C TRP A 31 -28.39 1.84 -15.52
N ALA A 32 -28.70 3.13 -15.32
CA ALA A 32 -27.72 4.19 -15.50
C ALA A 32 -26.69 4.13 -14.38
N GLU A 33 -27.14 3.77 -13.17
CA GLU A 33 -26.27 3.62 -12.01
C GLU A 33 -25.31 2.45 -12.23
N ALA A 34 -25.85 1.33 -12.71
CA ALA A 34 -25.06 0.14 -13.00
C ALA A 34 -23.99 0.45 -14.03
N LEU A 35 -24.42 1.10 -15.13
CA LEU A 35 -23.51 1.51 -16.20
C LEU A 35 -22.46 2.46 -15.64
N GLY A 36 -22.88 3.37 -14.75
CA GLY A 36 -21.99 4.34 -14.13
C GLY A 36 -20.89 3.68 -13.29
N HIS A 37 -21.24 2.60 -12.59
CA HIS A 37 -20.30 1.88 -11.75
C HIS A 37 -19.23 1.21 -12.60
N LEU A 38 -19.63 0.68 -13.76
CA LEU A 38 -18.72 0.01 -14.67
C LEU A 38 -17.75 1.03 -15.27
N GLU A 39 -18.29 2.14 -15.78
CA GLU A 39 -17.50 3.15 -16.46
C GLU A 39 -16.64 3.94 -15.48
N HIS A 40 -16.82 3.70 -14.18
CA HIS A 40 -15.99 4.31 -13.15
C HIS A 40 -14.57 3.74 -13.19
N MET A 41 -14.44 2.49 -13.66
CA MET A 41 -13.14 1.85 -13.76
C MET A 41 -13.12 0.90 -14.96
N LEU A 42 -13.34 1.45 -16.16
CA LEU A 42 -13.22 0.72 -17.41
C LEU A 42 -12.75 1.67 -18.51
N LEU A 43 -11.71 1.27 -19.24
CA LEU A 43 -11.24 2.01 -20.40
C LEU A 43 -12.21 1.81 -21.56
N LYS A 44 -12.42 0.55 -21.93
CA LYS A 44 -13.29 0.21 -23.05
C LYS A 44 -14.75 0.38 -22.62
N PRO A 45 -15.58 1.10 -23.41
CA PRO A 45 -17.03 1.15 -23.18
C PRO A 45 -17.66 -0.24 -23.06
N VAL A 46 -18.78 -0.31 -22.33
CA VAL A 46 -19.40 -1.57 -21.97
C VAL A 46 -20.11 -2.17 -23.18
N ASN A 47 -20.55 -1.32 -24.11
CA ASN A 47 -21.29 -1.76 -25.29
C ASN A 47 -20.36 -2.53 -26.23
N ARG A 48 -19.06 -2.20 -26.21
CA ARG A 48 -18.08 -2.85 -27.06
C ARG A 48 -17.80 -4.27 -26.57
N ILE A 49 -17.96 -4.50 -25.26
CA ILE A 49 -17.70 -5.80 -24.66
C ILE A 49 -18.78 -6.78 -25.11
N SER A 50 -18.35 -8.01 -25.41
CA SER A 50 -19.23 -9.05 -25.92
C SER A 50 -19.45 -10.14 -24.87
N LEU A 51 -20.33 -11.09 -25.18
CA LEU A 51 -20.62 -12.22 -24.30
C LEU A 51 -19.42 -13.15 -24.24
N ASN A 52 -18.68 -13.26 -25.35
CA ASN A 52 -17.52 -14.14 -25.44
C ASN A 52 -16.46 -13.72 -24.43
N ASP A 53 -16.13 -12.42 -24.41
CA ASP A 53 -15.08 -11.89 -23.57
C ASP A 53 -15.39 -12.14 -22.09
N VAL A 54 -16.68 -12.05 -21.73
CA VAL A 54 -17.11 -12.19 -20.35
C VAL A 54 -16.96 -13.64 -19.90
N SER A 55 -17.37 -14.58 -20.76
CA SER A 55 -17.26 -16.00 -20.47
C SER A 55 -15.80 -16.40 -20.33
N LYS A 56 -14.94 -15.86 -21.21
CA LYS A 56 -13.51 -16.08 -21.15
C LYS A 56 -12.96 -15.56 -19.83
N ALA A 57 -13.27 -14.28 -19.53
CA ALA A 57 -12.81 -13.61 -18.33
C ALA A 57 -13.04 -14.50 -17.11
N GLU A 58 -14.29 -14.89 -16.90
CA GLU A 58 -14.69 -15.69 -15.74
C GLU A 58 -13.87 -16.97 -15.68
N GLY A 59 -13.64 -17.58 -16.85
CA GLY A 59 -12.87 -18.81 -16.94
C GLY A 59 -11.44 -18.65 -16.43
N ILE A 60 -10.81 -17.52 -16.78
CA ILE A 60 -9.42 -17.26 -16.42
C ILE A 60 -9.29 -17.17 -14.90
N LEU A 61 -10.29 -16.54 -14.26
CA LEU A 61 -10.26 -16.31 -12.82
C LEU A 61 -10.21 -17.63 -12.07
N LEU A 62 -11.01 -18.61 -12.52
CA LEU A 62 -11.12 -19.90 -11.86
C LEU A 62 -9.75 -20.55 -11.71
N LEU A 63 -8.91 -20.41 -12.75
CA LEU A 63 -7.56 -20.96 -12.75
C LEU A 63 -6.68 -20.19 -11.78
N VAL A 64 -6.84 -18.85 -11.76
CA VAL A 64 -6.05 -17.98 -10.91
C VAL A 64 -6.40 -18.25 -9.45
N LYS A 65 -7.69 -18.51 -9.19
CA LYS A 65 -8.18 -18.80 -7.85
C LYS A 65 -7.50 -20.06 -7.32
N ALA A 66 -7.52 -21.13 -8.12
CA ALA A 66 -6.94 -22.40 -7.75
C ALA A 66 -5.43 -22.29 -7.63
N ALA A 67 -4.82 -21.43 -8.46
CA ALA A 67 -3.38 -21.25 -8.50
C ALA A 67 -2.88 -20.64 -7.19
N LEU A 68 -3.65 -19.71 -6.62
CA LEU A 68 -3.28 -19.05 -5.39
C LEU A 68 -3.30 -20.04 -4.22
N LYS A 69 -4.33 -20.90 -4.20
CA LYS A 69 -4.48 -21.90 -3.16
C LYS A 69 -3.39 -22.96 -3.29
N ASN A 70 -2.94 -23.21 -4.53
CA ASN A 70 -1.86 -24.14 -4.80
C ASN A 70 -0.55 -23.57 -4.23
N GLY A 71 -0.33 -22.27 -4.46
CA GLY A 71 0.84 -21.58 -3.97
C GLY A 71 1.88 -21.36 -5.05
N GLU A 72 1.44 -20.81 -6.19
CA GLU A 72 2.31 -20.54 -7.32
C GLU A 72 3.04 -19.23 -7.11
N THR A 73 4.03 -18.96 -7.96
CA THR A 73 4.74 -17.69 -7.96
C THR A 73 3.86 -16.62 -8.58
N ALA A 74 4.14 -15.36 -8.24
CA ALA A 74 3.36 -14.23 -8.72
C ALA A 74 3.55 -14.07 -10.23
N GLU A 75 4.78 -14.29 -10.70
CA GLU A 75 5.13 -14.16 -12.11
C GLU A 75 4.07 -14.82 -12.99
N GLN A 76 3.65 -16.03 -12.61
CA GLN A 76 2.70 -16.80 -13.39
C GLN A 76 1.30 -16.20 -13.28
N LEU A 77 0.96 -15.67 -12.11
CA LEU A 77 -0.33 -15.04 -11.87
C LEU A 77 -0.48 -13.81 -12.76
N GLN A 78 0.61 -13.07 -12.95
CA GLN A 78 0.61 -11.84 -13.73
C GLN A 78 0.19 -12.14 -15.17
N LYS A 79 0.89 -13.07 -15.80
CA LYS A 79 0.71 -13.37 -17.22
C LYS A 79 -0.73 -13.82 -17.49
N MET A 80 -1.31 -14.55 -16.54
CA MET A 80 -2.70 -14.98 -16.66
C MET A 80 -3.63 -13.78 -16.57
N MET A 81 -3.36 -12.89 -15.61
CA MET A 81 -4.21 -11.76 -15.31
C MET A 81 -4.13 -10.73 -16.44
N THR A 82 -2.97 -10.63 -17.10
CA THR A 82 -2.78 -9.70 -18.19
C THR A 82 -3.70 -10.07 -19.36
N GLU A 83 -3.90 -11.37 -19.58
CA GLU A 83 -4.81 -11.85 -20.61
C GLU A 83 -6.25 -11.54 -20.21
N PHE A 84 -6.55 -11.60 -18.90
CA PHE A 84 -7.85 -11.21 -18.37
C PHE A 84 -8.10 -9.73 -18.65
N TYR A 85 -7.10 -8.89 -18.40
CA TYR A 85 -7.23 -7.45 -18.53
C TYR A 85 -7.31 -7.04 -19.99
N ARG A 86 -6.81 -7.88 -20.90
CA ARG A 86 -6.86 -7.60 -22.32
C ARG A 86 -8.29 -7.74 -22.84
N LEU A 87 -9.05 -8.67 -22.25
CA LEU A 87 -10.45 -8.87 -22.62
C LEU A 87 -11.31 -7.80 -21.95
N ILE A 88 -11.01 -7.50 -20.68
CA ILE A 88 -11.75 -6.52 -19.91
C ILE A 88 -10.77 -5.45 -19.40
N PRO A 89 -10.49 -4.38 -20.19
CA PRO A 89 -9.53 -3.35 -19.78
C PRO A 89 -9.97 -2.52 -18.57
N HIS A 90 -9.08 -2.41 -17.59
CA HIS A 90 -9.28 -1.56 -16.42
C HIS A 90 -8.45 -0.28 -16.57
N LYS A 91 -8.71 0.69 -15.69
CA LYS A 91 -7.96 1.93 -15.65
C LYS A 91 -7.49 2.18 -14.21
N GLY A 92 -6.54 3.11 -14.08
CA GLY A 92 -5.88 3.37 -12.80
C GLY A 92 -4.69 2.44 -12.58
N THR A 93 -4.32 2.26 -11.31
CA THR A 93 -3.26 1.31 -10.95
C THR A 93 -3.75 -0.11 -11.21
N MET A 94 -2.84 -0.96 -11.71
CA MET A 94 -3.15 -2.34 -12.02
C MET A 94 -2.84 -3.21 -10.79
N PRO A 95 -3.85 -3.80 -10.11
CA PRO A 95 -3.62 -4.62 -8.92
C PRO A 95 -2.50 -5.54 -9.43
N LYS A 96 -1.39 -5.56 -8.67
CA LYS A 96 -0.22 -6.35 -9.05
C LYS A 96 -0.28 -7.51 -8.06
N GLU A 97 -0.89 -7.28 -6.88
CA GLU A 97 -1.07 -8.32 -5.89
C GLU A 97 -2.45 -8.97 -6.09
N VAL A 98 -2.43 -10.22 -6.57
CA VAL A 98 -3.63 -10.98 -6.84
C VAL A 98 -3.93 -11.83 -5.61
N ASN A 99 -5.08 -11.55 -4.98
CA ASN A 99 -5.51 -12.26 -3.78
C ASN A 99 -6.93 -12.78 -4.00
N LEU A 100 -7.44 -13.54 -3.02
CA LEU A 100 -8.79 -14.08 -3.07
C LEU A 100 -9.79 -12.96 -3.27
N GLY A 101 -9.58 -11.85 -2.55
CA GLY A 101 -10.49 -10.71 -2.58
C GLY A 101 -10.62 -10.09 -3.97
N LEU A 102 -9.48 -9.88 -4.64
CA LEU A 102 -9.45 -9.26 -5.95
C LEU A 102 -10.34 -10.04 -6.92
N LEU A 103 -10.12 -11.37 -6.97
CA LEU A 103 -10.81 -12.24 -7.90
C LEU A 103 -12.32 -12.14 -7.71
N ALA A 104 -12.76 -12.07 -6.44
CA ALA A 104 -14.17 -11.97 -6.11
C ALA A 104 -14.77 -10.72 -6.74
N LYS A 105 -14.04 -9.60 -6.64
CA LYS A 105 -14.50 -8.33 -7.19
C LYS A 105 -14.50 -8.39 -8.72
N LYS A 106 -13.47 -9.01 -9.29
CA LYS A 106 -13.36 -9.16 -10.74
C LYS A 106 -14.55 -9.96 -11.25
N ALA A 107 -14.95 -10.99 -10.49
CA ALA A 107 -16.07 -11.84 -10.85
C ALA A 107 -17.37 -11.04 -10.86
N ASP A 108 -17.54 -10.18 -9.85
CA ASP A 108 -18.73 -9.35 -9.73
C ASP A 108 -18.82 -8.41 -10.93
N LEU A 109 -17.68 -7.80 -11.29
CA LEU A 109 -17.61 -6.85 -12.39
C LEU A 109 -18.08 -7.51 -13.68
N CYS A 110 -17.61 -8.73 -13.93
CA CYS A 110 -17.99 -9.49 -15.11
C CYS A 110 -19.52 -9.66 -15.15
N GLN A 111 -20.08 -10.09 -14.02
CA GLN A 111 -21.49 -10.44 -13.93
C GLN A 111 -22.35 -9.22 -14.26
N LEU A 112 -21.90 -8.03 -13.84
CA LEU A 112 -22.59 -6.80 -14.15
C LEU A 112 -22.50 -6.52 -15.66
N ILE A 113 -21.30 -6.73 -16.23
CA ILE A 113 -21.08 -6.50 -17.65
C ILE A 113 -21.96 -7.45 -18.47
N ARG A 114 -22.13 -8.68 -17.96
CA ARG A 114 -22.95 -9.67 -18.63
C ARG A 114 -24.38 -9.14 -18.78
N ASP A 115 -24.91 -8.55 -17.70
CA ASP A 115 -26.27 -8.05 -17.67
C ASP A 115 -26.42 -6.87 -18.62
N MET A 116 -25.37 -6.04 -18.72
CA MET A 116 -25.40 -4.83 -19.53
C MET A 116 -25.46 -5.19 -21.02
N VAL A 117 -24.93 -6.35 -21.38
CA VAL A 117 -24.94 -6.81 -22.76
C VAL A 117 -26.32 -7.36 -23.12
N ASN A 118 -27.00 -7.98 -22.14
CA ASN A 118 -28.32 -8.57 -22.34
C ASN A 118 -29.34 -7.48 -22.64
N VAL A 119 -29.33 -6.41 -21.83
CA VAL A 119 -30.33 -5.36 -21.90
C VAL A 119 -30.19 -4.59 -23.21
N CYS A 120 -28.93 -4.35 -23.63
CA CYS A 120 -28.66 -3.58 -24.84
C CYS A 120 -29.04 -4.39 -26.08
N GLU A 121 -30.07 -3.92 -26.79
CA GLU A 121 -30.54 -4.56 -28.02
C GLU A 121 -30.49 -3.55 -29.16
N ASN A 128 -38.15 -1.48 -29.88
CA ASN A 128 -37.53 -1.79 -28.56
C ASN A 128 -36.87 -0.53 -28.01
N PRO A 129 -37.60 0.33 -27.25
CA PRO A 129 -37.03 1.51 -26.64
C PRO A 129 -36.03 1.18 -25.53
N PRO A 130 -35.22 2.17 -25.05
CA PRO A 130 -34.29 1.92 -23.95
C PRO A 130 -34.98 1.77 -22.60
N SER A 131 -36.16 2.40 -22.46
CA SER A 131 -36.91 2.37 -21.22
C SER A 131 -37.55 1.00 -21.00
N LEU A 132 -38.28 0.52 -22.02
CA LEU A 132 -39.01 -0.73 -21.92
C LEU A 132 -38.07 -1.91 -21.86
N ALA A 133 -37.05 -1.90 -22.72
CA ALA A 133 -36.06 -2.98 -22.77
C ALA A 133 -35.45 -3.22 -21.39
N LYS A 134 -35.20 -2.12 -20.67
CA LYS A 134 -34.62 -2.20 -19.33
C LYS A 134 -35.61 -2.81 -18.34
N TYR A 135 -36.91 -2.52 -18.51
CA TYR A 135 -37.94 -3.09 -17.67
C TYR A 135 -38.08 -4.59 -17.94
N ARG A 136 -38.16 -4.95 -19.22
CA ARG A 136 -38.28 -6.34 -19.65
C ARG A 136 -37.08 -7.16 -19.20
N ALA A 137 -35.89 -6.54 -19.20
CA ALA A 137 -34.65 -7.22 -18.90
C ALA A 137 -34.64 -7.73 -17.45
N LEU A 138 -35.30 -7.00 -16.55
CA LEU A 138 -35.39 -7.38 -15.14
C LEU A 138 -36.24 -8.64 -15.00
N ARG A 139 -37.24 -8.79 -15.88
CA ARG A 139 -38.19 -9.89 -15.82
C ARG A 139 -38.80 -9.93 -14.42
N CYS A 140 -39.53 -8.85 -14.09
CA CYS A 140 -40.15 -8.70 -12.79
C CYS A 140 -41.22 -7.61 -12.85
N LYS A 141 -42.25 -7.76 -12.02
CA LYS A 141 -43.37 -6.83 -12.00
C LYS A 141 -43.10 -5.74 -10.96
N ILE A 142 -42.72 -4.55 -11.43
CA ILE A 142 -42.52 -3.39 -10.57
C ILE A 142 -43.65 -2.40 -10.82
N GLU A 143 -44.45 -2.14 -9.78
CA GLU A 143 -45.58 -1.22 -9.85
C GLU A 143 -45.37 -0.06 -8.87
N HIS A 144 -45.95 1.09 -9.20
CA HIS A 144 -45.87 2.27 -8.36
C HIS A 144 -47.04 2.30 -7.39
N VAL A 145 -46.80 2.82 -6.18
CA VAL A 145 -47.83 2.98 -5.17
C VAL A 145 -47.97 4.47 -4.85
N GLU A 146 -49.22 4.96 -4.81
CA GLU A 146 -49.50 6.36 -4.54
C GLU A 146 -49.40 6.60 -3.02
N GLN A 147 -49.27 7.87 -2.64
CA GLN A 147 -49.23 8.27 -1.24
C GLN A 147 -50.64 8.29 -0.67
N ASN A 148 -51.64 8.50 -1.54
CA ASN A 148 -53.03 8.58 -1.14
C ASN A 148 -53.52 7.24 -0.63
N THR A 149 -52.99 6.15 -1.21
CA THR A 149 -53.38 4.80 -0.84
C THR A 149 -52.93 4.49 0.58
N GLU A 150 -53.67 3.59 1.23
CA GLU A 150 -53.45 3.24 2.63
C GLU A 150 -52.39 2.14 2.74
N GLU A 151 -52.03 1.53 1.59
CA GLU A 151 -50.94 0.58 1.52
C GLU A 151 -49.61 1.29 1.79
N PHE A 152 -49.50 2.54 1.31
CA PHE A 152 -48.29 3.34 1.44
C PHE A 152 -47.99 3.59 2.91
N LEU A 153 -49.03 3.91 3.68
CA LEU A 153 -48.90 4.26 5.08
C LEU A 153 -48.50 3.03 5.90
N ARG A 154 -48.96 1.84 5.48
CA ARG A 154 -48.60 0.60 6.13
C ARG A 154 -47.10 0.35 5.96
N VAL A 155 -46.63 0.43 4.71
CA VAL A 155 -45.24 0.13 4.38
C VAL A 155 -44.33 1.14 5.06
N ARG A 156 -44.73 2.41 5.04
CA ARG A 156 -43.96 3.48 5.68
C ARG A 156 -43.79 3.17 7.17
N LYS A 157 -44.89 2.77 7.82
CA LYS A 157 -44.90 2.55 9.25
C LYS A 157 -44.05 1.33 9.62
N GLU A 158 -44.16 0.26 8.82
CA GLU A 158 -43.39 -0.96 9.05
C GLU A 158 -41.89 -0.64 8.97
N VAL A 159 -41.52 0.31 8.11
CA VAL A 159 -40.14 0.76 7.99
C VAL A 159 -39.78 1.59 9.23
N LEU A 160 -40.66 2.53 9.59
CA LEU A 160 -40.41 3.46 10.68
C LEU A 160 -41.05 2.95 11.97
N GLN A 161 -40.38 1.97 12.59
CA GLN A 161 -40.75 1.48 13.91
C GLN A 161 -39.49 1.23 14.75
N ASN A 162 -38.69 0.25 14.31
CA ASN A 162 -37.42 -0.06 14.96
C ASN A 162 -36.39 0.91 14.41
N HIS A 163 -36.35 2.12 14.98
CA HIS A 163 -35.46 3.18 14.53
C HIS A 163 -34.56 3.58 15.71
N HIS A 164 -33.40 2.91 15.80
CA HIS A 164 -32.45 3.14 16.88
C HIS A 164 -31.85 4.54 16.75
N SER A 165 -31.27 4.82 15.57
CA SER A 165 -30.80 6.15 15.24
C SER A 165 -32.00 7.06 15.00
N LYS A 166 -31.80 8.38 15.21
CA LYS A 166 -32.86 9.36 15.07
C LYS A 166 -32.45 10.40 14.03
N SER A 167 -32.24 9.93 12.80
CA SER A 167 -31.99 10.81 11.66
C SER A 167 -33.27 10.97 10.86
N PRO A 168 -33.56 12.16 10.28
CA PRO A 168 -34.75 12.34 9.45
C PRO A 168 -34.82 11.37 8.27
N VAL A 169 -35.88 10.58 8.23
CA VAL A 169 -36.09 9.59 7.17
C VAL A 169 -37.09 10.15 6.16
N ASP A 170 -36.63 10.34 4.92
CA ASP A 170 -37.46 10.83 3.84
C ASP A 170 -37.86 9.66 2.95
N VAL A 171 -39.09 9.16 3.13
CA VAL A 171 -39.62 8.08 2.32
C VAL A 171 -40.24 8.68 1.06
N LEU A 172 -39.47 8.71 -0.04
CA LEU A 172 -39.91 9.32 -1.28
C LEU A 172 -40.84 8.52 -2.21
N GLN A 173 -40.46 7.28 -2.51
CA GLN A 173 -41.15 6.48 -3.51
C GLN A 173 -41.13 5.06 -2.94
N ILE A 174 -42.26 4.36 -3.10
CA ILE A 174 -42.38 2.96 -2.70
C ILE A 174 -42.99 2.18 -3.86
N PHE A 175 -42.36 1.04 -4.20
CA PHE A 175 -42.80 0.23 -5.32
C PHE A 175 -43.05 -1.20 -4.85
N ARG A 176 -44.12 -1.82 -5.37
CA ARG A 176 -44.35 -3.24 -5.22
C ARG A 176 -43.38 -3.97 -6.14
N VAL A 177 -42.99 -5.19 -5.73
CA VAL A 177 -42.07 -5.99 -6.52
C VAL A 177 -42.26 -7.47 -6.17
N GLY A 178 -41.96 -8.34 -7.15
CA GLY A 178 -42.06 -9.77 -6.95
C GLY A 178 -41.59 -10.54 -8.19
N ARG A 179 -40.59 -11.41 -8.00
CA ARG A 179 -40.05 -12.21 -9.08
C ARG A 179 -41.03 -13.33 -9.44
N VAL A 180 -40.90 -13.85 -10.66
CA VAL A 180 -41.87 -14.79 -11.22
C VAL A 180 -41.61 -16.18 -10.63
N ASN A 181 -40.38 -16.67 -10.78
CA ASN A 181 -40.04 -18.03 -10.43
C ASN A 181 -39.71 -18.15 -8.94
N GLU A 182 -39.61 -17.01 -8.24
CA GLU A 182 -39.27 -16.99 -6.83
C GLU A 182 -40.49 -17.33 -5.97
N THR A 183 -41.63 -16.73 -6.32
CA THR A 183 -42.85 -16.81 -5.52
C THR A 183 -43.27 -18.26 -5.32
N THR A 184 -43.25 -19.04 -6.41
CA THR A 184 -43.68 -20.43 -6.39
C THR A 184 -42.69 -21.29 -5.61
N GLU A 185 -41.39 -21.02 -5.80
CA GLU A 185 -40.33 -21.81 -5.19
C GLU A 185 -40.12 -21.40 -3.73
N PHE A 186 -40.62 -20.23 -3.34
CA PHE A 186 -40.45 -19.71 -1.99
C PHE A 186 -41.04 -20.69 -0.97
N LEU A 187 -40.35 -20.83 0.16
CA LEU A 187 -40.75 -21.75 1.23
C LEU A 187 -41.77 -21.06 2.13
N SER A 188 -43.03 -21.07 1.70
CA SER A 188 -44.12 -20.48 2.46
C SER A 188 -44.53 -21.42 3.61
N LYS A 189 -44.42 -22.73 3.36
CA LYS A 189 -44.82 -23.74 4.33
C LYS A 189 -43.92 -23.68 5.57
N LEU A 190 -42.65 -23.29 5.37
CA LEU A 190 -41.73 -23.09 6.49
C LEU A 190 -42.24 -21.94 7.36
N GLY A 191 -42.14 -22.12 8.68
CA GLY A 191 -42.77 -21.21 9.63
C GLY A 191 -41.97 -19.93 9.83
N ASN A 192 -42.56 -19.00 10.59
CA ASN A 192 -41.93 -17.73 10.94
C ASN A 192 -41.64 -16.94 9.66
N VAL A 193 -42.70 -16.62 8.91
CA VAL A 193 -42.62 -15.83 7.70
C VAL A 193 -42.89 -14.38 8.06
N ARG A 194 -41.83 -13.62 8.33
CA ARG A 194 -41.94 -12.22 8.71
C ARG A 194 -41.13 -11.35 7.76
N PRO A 195 -41.59 -10.13 7.44
CA PRO A 195 -40.83 -9.22 6.56
C PRO A 195 -39.65 -8.58 7.28
N LEU A 196 -38.58 -8.32 6.53
CA LEU A 196 -37.39 -7.66 7.04
C LEU A 196 -36.82 -6.74 5.97
N LEU A 197 -35.83 -5.93 6.36
CA LEU A 197 -35.22 -4.95 5.47
C LEU A 197 -33.84 -5.45 5.03
N HIS A 198 -33.59 -5.41 3.72
CA HIS A 198 -32.31 -5.79 3.15
C HIS A 198 -31.62 -4.54 2.59
N GLY A 199 -30.50 -4.16 3.22
CA GLY A 199 -29.69 -3.06 2.75
C GLY A 199 -28.80 -3.47 1.58
N SER A 200 -28.72 -2.61 0.57
CA SER A 200 -27.94 -2.90 -0.64
C SER A 200 -27.63 -1.59 -1.38
N PRO A 201 -26.47 -1.49 -2.05
CA PRO A 201 -26.17 -0.33 -2.90
C PRO A 201 -27.04 -0.30 -4.16
N VAL A 202 -27.14 0.88 -4.77
CA VAL A 202 -28.08 1.14 -5.86
C VAL A 202 -27.60 0.39 -7.11
N GLN A 203 -26.28 0.28 -7.27
CA GLN A 203 -25.67 -0.33 -8.45
C GLN A 203 -26.08 -1.80 -8.58
N ASN A 204 -26.20 -2.50 -7.45
CA ASN A 204 -26.42 -3.93 -7.44
C ASN A 204 -27.89 -4.27 -7.67
N ILE A 205 -28.77 -3.26 -7.61
CA ILE A 205 -30.22 -3.50 -7.65
C ILE A 205 -30.61 -4.21 -8.94
N VAL A 206 -30.06 -3.74 -10.07
CA VAL A 206 -30.38 -4.30 -11.38
C VAL A 206 -30.22 -5.81 -11.34
N GLY A 207 -29.14 -6.29 -10.71
CA GLY A 207 -28.87 -7.72 -10.60
C GLY A 207 -29.82 -8.42 -9.65
N ILE A 208 -30.14 -7.75 -8.53
CA ILE A 208 -31.00 -8.31 -7.50
C ILE A 208 -32.39 -8.54 -8.07
N LEU A 209 -32.88 -7.58 -8.89
CA LEU A 209 -34.20 -7.68 -9.48
C LEU A 209 -34.23 -8.76 -10.57
N CYS A 210 -33.08 -9.03 -11.18
CA CYS A 210 -32.98 -10.04 -12.23
C CYS A 210 -32.95 -11.43 -11.63
N ARG A 211 -31.92 -11.72 -10.81
CA ARG A 211 -31.60 -13.07 -10.40
C ARG A 211 -32.11 -13.35 -8.98
N GLY A 212 -32.49 -12.30 -8.25
CA GLY A 212 -32.85 -12.43 -6.84
C GLY A 212 -31.62 -12.33 -5.94
N LEU A 213 -31.86 -12.40 -4.62
CA LEU A 213 -30.79 -12.37 -3.64
C LEU A 213 -30.08 -13.72 -3.65
N LEU A 214 -28.81 -13.72 -4.07
CA LEU A 214 -28.03 -14.95 -4.18
C LEU A 214 -27.08 -15.05 -2.99
N LEU A 215 -26.50 -16.25 -2.81
CA LEU A 215 -25.58 -16.51 -1.72
C LEU A 215 -24.22 -15.92 -2.06
N PRO A 216 -23.50 -15.26 -1.11
CA PRO A 216 -22.15 -14.78 -1.35
C PRO A 216 -21.17 -15.91 -1.62
N LYS A 217 -20.15 -15.62 -2.45
CA LYS A 217 -19.09 -16.58 -2.75
C LYS A 217 -18.12 -16.59 -1.57
N VAL A 218 -17.88 -17.80 -1.03
CA VAL A 218 -17.11 -17.98 0.20
C VAL A 218 -15.65 -17.62 -0.06
N VAL A 219 -15.00 -17.05 0.97
CA VAL A 219 -13.61 -16.63 0.89
C VAL A 219 -12.87 -17.19 2.10
N GLU A 220 -11.89 -18.07 1.83
CA GLU A 220 -11.08 -18.68 2.88
C GLU A 220 -10.04 -17.67 3.37
N VAL A 229 -16.40 -10.95 4.87
CA VAL A 229 -17.10 -9.66 5.15
C VAL A 229 -18.22 -9.89 6.16
N GLY A 230 -18.96 -10.99 5.99
CA GLY A 230 -20.06 -11.34 6.88
C GLY A 230 -19.59 -12.02 8.17
N ASN A 231 -20.25 -11.69 9.28
CA ASN A 231 -19.86 -12.18 10.60
C ASN A 231 -20.70 -13.40 10.97
N LEU A 232 -21.69 -13.74 10.12
CA LEU A 232 -22.50 -14.93 10.31
C LEU A 232 -22.43 -15.80 9.05
N GLY A 233 -21.21 -15.97 8.53
CA GLY A 233 -20.98 -16.84 7.39
C GLY A 233 -21.49 -16.24 6.07
N SER A 234 -21.38 -17.03 5.01
CA SER A 234 -21.80 -16.61 3.68
C SER A 234 -23.29 -16.87 3.51
N GLY A 235 -24.10 -15.86 3.84
CA GLY A 235 -25.55 -15.93 3.71
C GLY A 235 -26.16 -14.59 3.32
N ILE A 236 -27.50 -14.56 3.23
CA ILE A 236 -28.22 -13.35 2.87
C ILE A 236 -28.59 -12.63 4.17
N TYR A 237 -28.03 -11.44 4.37
CA TYR A 237 -28.21 -10.68 5.60
C TYR A 237 -29.41 -9.75 5.48
N PHE A 238 -30.14 -9.61 6.59
CA PHE A 238 -31.27 -8.68 6.70
C PHE A 238 -31.19 -7.96 8.04
N SER A 239 -32.17 -7.08 8.28
CA SER A 239 -32.32 -6.42 9.57
C SER A 239 -33.76 -5.95 9.75
N ASP A 240 -34.21 -5.92 11.01
CA ASP A 240 -35.52 -5.38 11.36
C ASP A 240 -35.42 -3.85 11.47
N SER A 241 -34.26 -3.37 11.91
CA SER A 241 -34.01 -1.94 12.07
C SER A 241 -33.65 -1.32 10.73
N LEU A 242 -34.02 -0.04 10.56
CA LEU A 242 -33.72 0.73 9.36
C LEU A 242 -32.34 1.37 9.49
N SER A 243 -32.05 1.90 10.69
CA SER A 243 -30.81 2.60 10.95
C SER A 243 -29.60 1.72 10.62
N THR A 244 -29.73 0.41 10.87
CA THR A 244 -28.68 -0.55 10.57
C THR A 244 -28.53 -0.73 9.06
N SER A 245 -29.66 -0.63 8.33
CA SER A 245 -29.70 -0.84 6.90
C SER A 245 -29.15 0.37 6.14
N ILE A 246 -29.06 1.53 6.82
CA ILE A 246 -28.54 2.74 6.21
C ILE A 246 -27.04 2.57 5.96
N LYS A 247 -26.35 1.85 6.85
CA LYS A 247 -24.92 1.64 6.73
C LYS A 247 -24.61 0.73 5.53
N TYR A 248 -25.52 -0.20 5.24
CA TYR A 248 -25.41 -1.05 4.05
C TYR A 248 -25.64 -0.22 2.79
N SER A 249 -26.83 0.38 2.70
CA SER A 249 -27.26 1.09 1.50
C SER A 249 -26.68 2.51 1.48
N HIS A 250 -25.64 2.70 0.65
CA HIS A 250 -25.06 4.02 0.43
C HIS A 250 -25.93 4.81 -0.54
N PRO A 251 -25.79 6.15 -0.61
CA PRO A 251 -26.51 6.96 -1.59
C PRO A 251 -26.12 6.62 -3.03
N GLY A 252 -27.04 6.90 -3.97
CA GLY A 252 -26.78 6.68 -5.39
C GLY A 252 -25.91 7.77 -5.99
N GLU A 253 -25.37 7.49 -7.17
CA GLU A 253 -24.54 8.44 -7.91
C GLU A 253 -25.39 9.24 -8.88
N THR A 254 -26.33 8.57 -9.56
CA THR A 254 -27.12 9.17 -10.62
C THR A 254 -28.14 10.13 -10.01
N ASP A 255 -29.07 9.59 -9.22
CA ASP A 255 -30.16 10.36 -8.66
C ASP A 255 -29.73 10.96 -7.32
N GLY A 256 -29.21 10.10 -6.44
CA GLY A 256 -28.80 10.50 -5.10
C GLY A 256 -29.83 10.09 -4.06
N THR A 257 -30.23 8.81 -4.10
CA THR A 257 -31.26 8.27 -3.23
C THR A 257 -30.95 6.82 -2.91
N ARG A 258 -31.08 6.46 -1.62
CA ARG A 258 -30.85 5.10 -1.17
C ARG A 258 -32.01 4.20 -1.59
N LEU A 259 -31.70 2.96 -1.96
CA LEU A 259 -32.71 1.93 -2.21
C LEU A 259 -32.55 0.83 -1.16
N LEU A 260 -33.68 0.16 -0.86
CA LEU A 260 -33.72 -0.85 0.19
C LEU A 260 -34.90 -1.78 -0.08
N LEU A 261 -34.65 -3.10 0.04
CA LEU A 261 -35.62 -4.11 -0.32
C LEU A 261 -36.25 -4.70 0.95
N ILE A 262 -37.58 -4.63 1.02
CA ILE A 262 -38.34 -5.33 2.05
C ILE A 262 -38.73 -6.70 1.50
N CYS A 263 -38.41 -7.76 2.23
CA CYS A 263 -38.60 -9.13 1.76
C CYS A 263 -39.21 -9.99 2.86
N ASP A 264 -40.15 -10.85 2.48
CA ASP A 264 -40.72 -11.83 3.38
C ASP A 264 -39.72 -12.97 3.55
N VAL A 265 -38.84 -12.84 4.55
CA VAL A 265 -37.80 -13.82 4.81
C VAL A 265 -38.35 -14.91 5.73
N ALA A 266 -38.49 -16.12 5.19
CA ALA A 266 -38.84 -17.28 6.00
C ALA A 266 -37.59 -17.75 6.76
N LEU A 267 -37.47 -17.34 8.02
CA LEU A 267 -36.29 -17.69 8.85
C LEU A 267 -36.65 -18.86 9.78
N GLY A 268 -37.93 -19.14 9.97
CA GLY A 268 -38.38 -20.25 10.83
C GLY A 268 -37.55 -20.32 12.09
N LYS A 269 -37.29 -21.53 12.59
CA LYS A 269 -36.41 -21.70 13.77
C LYS A 269 -35.24 -20.75 13.59
N CYS A 270 -34.89 -19.96 14.61
CA CYS A 270 -33.73 -19.07 14.48
C CYS A 270 -32.87 -19.17 15.73
N MET A 271 -31.56 -19.37 15.53
CA MET A 271 -30.62 -19.48 16.63
C MET A 271 -30.17 -18.08 17.06
N ASP A 272 -30.50 -17.71 18.30
CA ASP A 272 -30.09 -16.44 18.87
C ASP A 272 -28.65 -16.58 19.37
N LEU A 273 -27.69 -16.48 18.45
CA LEU A 273 -26.28 -16.62 18.78
C LEU A 273 -25.74 -15.29 19.33
N HIS A 274 -24.82 -15.40 20.29
CA HIS A 274 -24.12 -14.26 20.86
C HIS A 274 -22.77 -14.11 20.17
N GLU A 275 -22.02 -15.22 20.08
CA GLU A 275 -20.69 -15.23 19.48
C GLU A 275 -20.81 -15.19 17.96
N LYS A 276 -19.73 -14.76 17.30
CA LYS A 276 -19.66 -14.77 15.85
C LYS A 276 -19.30 -16.17 15.36
N ASP A 277 -19.55 -16.43 14.08
CA ASP A 277 -19.25 -17.72 13.46
C ASP A 277 -19.17 -17.52 11.94
N PHE A 278 -17.96 -17.61 11.40
CA PHE A 278 -17.69 -17.29 10.00
C PHE A 278 -17.69 -18.55 9.14
N SER A 279 -17.63 -19.73 9.79
CA SER A 279 -17.46 -20.98 9.08
C SER A 279 -18.79 -21.52 8.57
N LEU A 280 -19.90 -20.82 8.87
CA LEU A 280 -21.23 -21.24 8.47
C LEU A 280 -21.43 -21.00 6.97
N THR A 281 -21.18 -22.04 6.17
CA THR A 281 -21.52 -22.02 4.75
C THR A 281 -23.04 -22.13 4.61
N GLU A 282 -23.66 -22.87 5.53
CA GLU A 282 -25.11 -23.02 5.59
C GLU A 282 -25.54 -22.88 7.05
N ALA A 283 -26.87 -22.93 7.27
CA ALA A 283 -27.44 -22.68 8.58
C ALA A 283 -26.95 -23.70 9.60
N PRO A 284 -26.99 -23.39 10.92
CA PRO A 284 -26.58 -24.34 11.96
C PRO A 284 -27.51 -25.55 12.05
N PRO A 285 -27.10 -26.63 12.76
CA PRO A 285 -27.89 -27.86 12.81
C PRO A 285 -29.12 -27.74 13.71
N GLY A 286 -30.30 -27.99 13.12
CA GLY A 286 -31.55 -28.00 13.86
C GLY A 286 -32.37 -26.73 13.65
N TYR A 287 -31.74 -25.68 13.10
CA TYR A 287 -32.37 -24.39 12.94
C TYR A 287 -32.22 -23.90 11.50
N ASP A 288 -33.08 -22.97 11.09
CA ASP A 288 -33.22 -22.56 9.70
C ASP A 288 -32.59 -21.19 9.47
N SER A 289 -32.13 -20.53 10.55
CA SER A 289 -31.60 -19.18 10.45
C SER A 289 -30.78 -18.83 11.69
N VAL A 290 -30.07 -17.70 11.60
CA VAL A 290 -29.27 -17.20 12.71
C VAL A 290 -29.64 -15.74 12.94
N HIS A 291 -29.91 -15.39 14.20
CA HIS A 291 -30.22 -14.02 14.59
C HIS A 291 -29.05 -13.45 15.39
N GLY A 292 -28.32 -12.52 14.77
CA GLY A 292 -27.29 -11.76 15.45
C GLY A 292 -28.22 -11.05 16.44
N VAL A 293 -27.83 -11.04 17.71
CA VAL A 293 -28.65 -10.50 18.78
C VAL A 293 -27.88 -9.21 19.02
N SER A 294 -28.56 -8.07 18.82
CA SER A 294 -27.96 -6.76 18.96
C SER A 294 -27.54 -6.53 20.41
N GLN A 295 -26.60 -5.60 20.60
CA GLN A 295 -26.05 -5.31 21.91
C GLN A 295 -27.10 -4.57 22.74
N THR A 296 -27.66 -5.27 23.74
CA THR A 296 -28.75 -4.75 24.55
C THR A 296 -28.25 -4.44 25.96
N ALA A 297 -29.03 -3.56 26.63
CA ALA A 297 -28.78 -3.20 28.03
C ALA A 297 -28.31 -4.58 28.46
N SER A 298 -27.06 -4.73 28.98
CA SER A 298 -26.58 -5.93 29.71
C SER A 298 -26.67 -7.35 29.12
N VAL A 299 -26.43 -7.62 27.82
CA VAL A 299 -26.29 -8.97 27.30
C VAL A 299 -25.09 -8.99 26.37
N THR A 300 -24.16 -9.94 26.62
CA THR A 300 -22.88 -9.99 25.94
C THR A 300 -23.06 -10.53 24.52
N THR A 301 -22.99 -9.61 23.54
CA THR A 301 -23.01 -9.99 22.13
C THR A 301 -22.01 -9.11 21.36
N ASP A 302 -21.29 -9.72 20.42
CA ASP A 302 -20.35 -9.00 19.58
C ASP A 302 -21.12 -8.23 18.51
N PHE A 303 -22.31 -8.71 18.17
CA PHE A 303 -23.15 -8.10 17.15
C PHE A 303 -23.70 -6.77 17.67
N GLU A 304 -23.51 -5.70 16.89
CA GLU A 304 -24.05 -4.39 17.21
C GLU A 304 -25.46 -4.27 16.62
N ASP A 305 -25.57 -4.58 15.32
CA ASP A 305 -26.82 -4.48 14.59
C ASP A 305 -27.61 -5.78 14.73
N ASP A 306 -28.93 -5.69 14.52
CA ASP A 306 -29.78 -6.86 14.42
C ASP A 306 -29.60 -7.48 13.04
N GLU A 307 -29.07 -8.72 13.00
CA GLU A 307 -28.74 -9.38 11.75
C GLU A 307 -29.45 -10.72 11.68
N PHE A 308 -30.50 -10.78 10.84
CA PHE A 308 -31.15 -12.03 10.48
C PHE A 308 -30.50 -12.58 9.22
N VAL A 309 -30.12 -13.87 9.25
CA VAL A 309 -29.36 -14.48 8.17
C VAL A 309 -30.00 -15.82 7.81
N VAL A 310 -30.19 -16.03 6.49
CA VAL A 310 -30.57 -17.31 5.93
C VAL A 310 -29.51 -17.72 4.92
N TYR A 311 -29.49 -19.01 4.57
CA TYR A 311 -28.45 -19.57 3.71
C TYR A 311 -29.08 -20.33 2.55
N LYS A 312 -30.20 -19.81 2.03
CA LYS A 312 -30.89 -20.43 0.90
C LYS A 312 -31.50 -19.33 0.03
N THR A 313 -31.54 -19.60 -1.28
CA THR A 313 -32.07 -18.65 -2.25
C THR A 313 -33.59 -18.59 -2.16
N ASN A 314 -34.20 -19.72 -1.78
CA ASN A 314 -35.66 -19.86 -1.79
C ASN A 314 -36.23 -19.63 -0.40
N GLN A 315 -35.44 -19.05 0.51
CA GLN A 315 -35.92 -18.65 1.83
C GLN A 315 -36.26 -17.16 1.82
N VAL A 316 -36.23 -16.53 0.63
CA VAL A 316 -36.47 -15.11 0.51
C VAL A 316 -37.55 -14.88 -0.55
N LYS A 317 -38.33 -13.82 -0.35
CA LYS A 317 -39.32 -13.38 -1.32
C LYS A 317 -39.48 -11.86 -1.20
N MET A 318 -38.95 -11.14 -2.19
CA MET A 318 -38.93 -9.68 -2.16
C MET A 318 -40.33 -9.15 -2.45
N LYS A 319 -40.70 -8.08 -1.73
CA LYS A 319 -42.06 -7.55 -1.74
C LYS A 319 -42.06 -6.09 -2.19
N TYR A 320 -41.23 -5.26 -1.56
CA TYR A 320 -41.25 -3.82 -1.81
C TYR A 320 -39.83 -3.29 -2.01
N ILE A 321 -39.75 -2.12 -2.65
CA ILE A 321 -38.51 -1.38 -2.83
C ILE A 321 -38.72 0.03 -2.28
N ILE A 322 -37.89 0.41 -1.31
CA ILE A 322 -38.05 1.69 -0.61
C ILE A 322 -36.99 2.67 -1.12
N LYS A 323 -37.45 3.69 -1.86
CA LYS A 323 -36.58 4.77 -2.30
C LYS A 323 -36.61 5.87 -1.24
N PHE A 324 -35.46 6.09 -0.58
CA PHE A 324 -35.36 7.07 0.49
C PHE A 324 -34.02 7.80 0.42
N SER A 325 -33.92 8.91 1.15
CA SER A 325 -32.74 9.74 1.16
C SER A 325 -32.48 10.27 2.57
N MET A 326 -31.19 10.39 2.92
CA MET A 326 -30.76 10.90 4.22
C MET A 326 -30.57 12.41 4.10
N PRO A 327 -30.45 13.15 5.23
CA PRO A 327 -30.19 14.59 5.20
C PRO A 327 -29.04 15.00 4.29
N GLY A 328 -27.91 14.28 4.38
CA GLY A 328 -26.75 14.54 3.57
C GLY A 328 -26.95 14.06 2.13
N SER B 2 2.94 -9.15 -80.63
CA SER B 2 3.94 -10.08 -81.16
C SER B 2 4.40 -11.01 -80.05
N GLU B 3 5.31 -11.92 -80.40
CA GLU B 3 5.85 -12.90 -79.46
C GLU B 3 6.71 -12.20 -78.42
N GLN B 4 7.44 -11.15 -78.83
CA GLN B 4 8.33 -10.42 -77.95
C GLN B 4 7.54 -9.58 -76.95
N LEU B 5 6.34 -9.14 -77.35
CA LEU B 5 5.54 -8.22 -76.55
C LEU B 5 4.96 -8.96 -75.36
N GLN B 6 4.25 -10.06 -75.64
CA GLN B 6 3.59 -10.86 -74.62
C GLN B 6 4.63 -11.41 -73.64
N ALA B 7 5.82 -11.73 -74.16
CA ALA B 7 6.92 -12.21 -73.32
C ALA B 7 7.30 -11.15 -72.30
N LEU B 8 7.47 -9.90 -72.75
CA LEU B 8 7.91 -8.81 -71.89
C LEU B 8 6.76 -8.37 -70.96
N LEU B 9 5.52 -8.57 -71.41
CA LEU B 9 4.37 -8.30 -70.55
C LEU B 9 4.37 -9.26 -69.36
N LEU B 10 4.73 -10.52 -69.62
CA LEU B 10 4.87 -11.51 -68.56
C LEU B 10 6.03 -11.11 -67.63
N GLU B 11 7.13 -10.62 -68.21
CA GLU B 11 8.31 -10.27 -67.44
C GLU B 11 7.98 -9.21 -66.40
N GLU B 12 7.25 -8.17 -66.81
CA GLU B 12 6.89 -7.08 -65.91
C GLU B 12 5.95 -7.60 -64.80
N VAL B 13 5.07 -8.55 -65.16
CA VAL B 13 4.13 -9.11 -64.22
C VAL B 13 4.86 -10.05 -63.26
N MET B 14 5.73 -10.90 -63.82
CA MET B 14 6.46 -11.89 -63.03
C MET B 14 7.38 -11.21 -62.02
N ASN B 15 8.07 -10.14 -62.48
CA ASN B 15 9.08 -9.47 -61.69
C ASN B 15 8.46 -8.54 -60.65
N SER B 16 7.19 -8.15 -60.87
CA SER B 16 6.51 -7.25 -59.95
C SER B 16 5.96 -8.02 -58.75
N SER B 17 6.86 -8.39 -57.83
CA SER B 17 6.48 -9.12 -56.62
C SER B 17 6.10 -8.11 -55.54
N THR B 18 4.79 -8.02 -55.27
CA THR B 18 4.28 -7.17 -54.17
C THR B 18 5.11 -7.54 -52.94
N LEU B 19 5.96 -6.63 -52.48
CA LEU B 19 6.84 -6.90 -51.35
C LEU B 19 6.78 -5.55 -50.64
N SER B 20 6.83 -5.61 -49.29
CA SER B 20 6.83 -4.41 -48.47
C SER B 20 8.19 -3.73 -48.57
N GLN B 21 8.19 -2.39 -48.45
CA GLN B 21 9.40 -1.60 -48.58
C GLN B 21 10.32 -1.81 -47.37
N GLU B 22 9.71 -2.12 -46.21
CA GLU B 22 10.47 -2.35 -44.98
C GLU B 22 11.32 -3.61 -45.13
N VAL B 23 10.76 -4.65 -45.76
CA VAL B 23 11.47 -5.89 -46.01
C VAL B 23 12.58 -5.63 -47.02
N SER B 24 12.24 -4.92 -48.11
CA SER B 24 13.20 -4.59 -49.15
C SER B 24 14.43 -3.91 -48.54
N ASP B 25 14.19 -2.92 -47.67
CA ASP B 25 15.25 -2.14 -47.05
C ASP B 25 16.04 -3.02 -46.07
N LEU B 26 15.35 -3.93 -45.39
CA LEU B 26 15.98 -4.85 -44.45
C LEU B 26 16.86 -5.83 -45.23
N VAL B 27 16.33 -6.35 -46.34
CA VAL B 27 17.06 -7.29 -47.19
C VAL B 27 18.28 -6.58 -47.79
N GLU B 28 18.09 -5.35 -48.27
CA GLU B 28 19.16 -4.59 -48.88
C GLU B 28 20.26 -4.28 -47.86
N MET B 29 19.87 -4.09 -46.58
CA MET B 29 20.82 -3.75 -45.54
C MET B 29 21.75 -4.94 -45.28
N ILE B 30 21.15 -6.08 -44.90
CA ILE B 30 21.91 -7.24 -44.43
C ILE B 30 22.92 -7.68 -45.49
N TRP B 31 22.53 -7.63 -46.76
CA TRP B 31 23.40 -8.04 -47.86
C TRP B 31 24.47 -6.99 -48.12
N ALA B 32 24.12 -5.71 -47.94
CA ALA B 32 25.09 -4.63 -48.03
C ALA B 32 26.02 -4.69 -46.82
N GLU B 33 25.48 -5.06 -45.66
CA GLU B 33 26.25 -5.20 -44.43
C GLU B 33 27.25 -6.35 -44.58
N ALA B 34 26.78 -7.48 -45.11
CA ALA B 34 27.61 -8.66 -45.32
C ALA B 34 28.75 -8.31 -46.27
N LEU B 35 28.41 -7.66 -47.40
CA LEU B 35 29.39 -7.22 -48.37
C LEU B 35 30.38 -6.26 -47.72
N GLY B 36 29.87 -5.38 -46.85
CA GLY B 36 30.68 -4.40 -46.16
C GLY B 36 31.72 -5.05 -45.23
N HIS B 37 31.33 -6.14 -44.57
CA HIS B 37 32.21 -6.86 -43.65
C HIS B 37 33.36 -7.51 -44.42
N LEU B 38 33.06 -8.03 -45.62
CA LEU B 38 34.07 -8.67 -46.45
C LEU B 38 35.07 -7.64 -46.95
N GLU B 39 34.55 -6.52 -47.48
CA GLU B 39 35.38 -5.49 -48.10
C GLU B 39 36.15 -4.71 -47.03
N HIS B 40 35.85 -4.96 -45.74
CA HIS B 40 36.58 -4.35 -44.64
C HIS B 40 38.00 -4.91 -44.56
N MET B 41 38.19 -6.16 -45.02
CA MET B 41 39.51 -6.79 -45.00
C MET B 41 39.64 -7.73 -46.20
N LEU B 42 39.53 -7.16 -47.41
CA LEU B 42 39.77 -7.86 -48.65
C LEU B 42 40.31 -6.89 -49.69
N LEU B 43 41.43 -7.26 -50.34
CA LEU B 43 41.99 -6.46 -51.41
C LEU B 43 41.14 -6.62 -52.67
N LYS B 44 40.99 -7.88 -53.11
CA LYS B 44 40.21 -8.20 -54.29
C LYS B 44 38.72 -8.05 -53.98
N PRO B 45 37.94 -7.31 -54.82
CA PRO B 45 36.48 -7.29 -54.71
C PRO B 45 35.86 -8.69 -54.68
N VAL B 46 34.69 -8.80 -54.06
CA VAL B 46 34.05 -10.07 -53.78
C VAL B 46 33.46 -10.65 -55.07
N ASN B 47 33.08 -9.77 -56.01
CA ASN B 47 32.46 -10.20 -57.25
C ASN B 47 33.47 -10.92 -58.14
N ARG B 48 34.76 -10.58 -58.00
CA ARG B 48 35.81 -11.19 -58.78
C ARG B 48 36.07 -12.62 -58.30
N ILE B 49 35.80 -12.89 -57.02
CA ILE B 49 36.04 -14.20 -56.43
C ILE B 49 35.01 -15.18 -57.00
N SER B 50 35.47 -16.41 -57.30
CA SER B 50 34.65 -17.43 -57.91
C SER B 50 34.36 -18.55 -56.92
N LEU B 51 33.51 -19.50 -57.34
CA LEU B 51 33.17 -20.66 -56.53
C LEU B 51 34.39 -21.58 -56.39
N ASN B 52 35.21 -21.65 -57.44
CA ASN B 52 36.39 -22.51 -57.47
C ASN B 52 37.35 -22.11 -56.36
N ASP B 53 37.66 -20.81 -56.28
CA ASP B 53 38.64 -20.29 -55.32
C ASP B 53 38.20 -20.59 -53.90
N VAL B 54 36.90 -20.52 -53.64
CA VAL B 54 36.36 -20.71 -52.30
C VAL B 54 36.50 -22.18 -51.88
N SER B 55 36.17 -23.09 -52.81
CA SER B 55 36.27 -24.52 -52.56
C SER B 55 37.74 -24.90 -52.30
N LYS B 56 38.64 -24.34 -53.11
CA LYS B 56 40.07 -24.53 -52.94
C LYS B 56 40.51 -24.05 -51.57
N ALA B 57 40.16 -22.79 -51.26
CA ALA B 57 40.53 -22.15 -50.01
C ALA B 57 40.22 -23.08 -48.83
N GLU B 58 38.95 -23.50 -48.73
CA GLU B 58 38.48 -24.33 -47.63
C GLU B 58 39.31 -25.61 -47.55
N GLY B 59 39.63 -26.19 -48.71
CA GLY B 59 40.42 -27.40 -48.79
C GLY B 59 41.81 -27.24 -48.17
N ILE B 60 42.45 -26.10 -48.44
CA ILE B 60 43.79 -25.83 -47.97
C ILE B 60 43.81 -25.79 -46.45
N LEU B 61 42.76 -25.20 -45.86
CA LEU B 61 42.69 -25.01 -44.41
C LEU B 61 42.70 -26.36 -43.70
N LEU B 62 41.95 -27.32 -44.24
CA LEU B 62 41.81 -28.65 -43.63
C LEU B 62 43.18 -29.28 -43.40
N LEU B 63 44.09 -29.10 -44.37
CA LEU B 63 45.44 -29.64 -44.29
C LEU B 63 46.24 -28.87 -43.24
N VAL B 64 46.06 -27.55 -43.19
CA VAL B 64 46.77 -26.68 -42.26
C VAL B 64 46.32 -27.00 -40.84
N LYS B 65 45.02 -27.30 -40.68
CA LYS B 65 44.45 -27.63 -39.39
C LYS B 65 45.10 -28.90 -38.84
N ALA B 66 45.15 -29.94 -39.68
CA ALA B 66 45.72 -31.22 -39.30
C ALA B 66 47.23 -31.08 -39.06
N ALA B 67 47.87 -30.19 -39.84
CA ALA B 67 49.30 -30.00 -39.76
C ALA B 67 49.71 -29.42 -38.40
N LEU B 68 48.89 -28.51 -37.87
CA LEU B 68 49.17 -27.86 -36.59
C LEU B 68 49.07 -28.89 -35.46
N LYS B 69 48.05 -29.77 -35.54
CA LYS B 69 47.85 -30.79 -34.53
C LYS B 69 48.95 -31.84 -34.61
N ASN B 70 49.49 -32.05 -35.81
CA ASN B 70 50.60 -32.97 -36.02
C ASN B 70 51.85 -32.41 -35.36
N GLY B 71 52.08 -31.10 -35.56
CA GLY B 71 53.22 -30.41 -34.98
C GLY B 71 54.33 -30.20 -36.01
N GLU B 72 53.96 -29.64 -37.17
CA GLU B 72 54.91 -29.40 -38.25
C GLU B 72 55.66 -28.10 -38.00
N THR B 73 56.69 -27.85 -38.82
CA THR B 73 57.44 -26.61 -38.77
C THR B 73 56.61 -25.51 -39.41
N ALA B 74 56.91 -24.26 -39.04
CA ALA B 74 56.17 -23.09 -39.52
C ALA B 74 56.42 -22.92 -41.02
N GLU B 75 57.67 -23.17 -41.45
CA GLU B 75 58.07 -23.01 -42.84
C GLU B 75 57.03 -23.62 -43.78
N GLN B 76 56.56 -24.83 -43.44
CA GLN B 76 55.63 -25.56 -44.28
C GLN B 76 54.24 -24.92 -44.21
N LEU B 77 53.87 -24.41 -43.03
CA LEU B 77 52.58 -23.76 -42.84
C LEU B 77 52.49 -22.51 -43.69
N GLN B 78 53.62 -21.78 -43.82
CA GLN B 78 53.67 -20.53 -44.55
C GLN B 78 53.28 -20.77 -46.01
N LYS B 79 54.01 -21.70 -46.65
CA LYS B 79 53.89 -21.93 -48.08
C LYS B 79 52.46 -22.34 -48.43
N MET B 80 51.82 -23.11 -47.53
CA MET B 80 50.44 -23.53 -47.73
C MET B 80 49.52 -22.30 -47.64
N MET B 81 49.75 -21.46 -46.63
CA MET B 81 48.88 -20.33 -46.34
C MET B 81 49.02 -19.26 -47.41
N THR B 82 50.22 -19.15 -48.02
CA THR B 82 50.47 -18.16 -49.06
C THR B 82 49.61 -18.49 -50.28
N GLU B 83 49.42 -19.78 -50.56
CA GLU B 83 48.58 -20.23 -51.66
C GLU B 83 47.12 -19.94 -51.34
N PHE B 84 46.75 -20.05 -50.06
CA PHE B 84 45.42 -19.69 -49.59
C PHE B 84 45.16 -18.21 -49.83
N TYR B 85 46.14 -17.37 -49.47
CA TYR B 85 45.99 -15.92 -49.55
C TYR B 85 46.01 -15.45 -51.00
N ARG B 86 46.57 -16.26 -51.91
CA ARG B 86 46.61 -15.91 -53.32
C ARG B 86 45.22 -16.05 -53.93
N LEU B 87 44.43 -17.01 -53.43
CA LEU B 87 43.07 -17.21 -53.91
C LEU B 87 42.15 -16.18 -53.25
N ILE B 88 42.36 -15.93 -51.95
CA ILE B 88 41.55 -14.97 -51.19
C ILE B 88 42.50 -13.93 -50.58
N PRO B 89 42.81 -12.83 -51.29
CA PRO B 89 43.71 -11.79 -50.78
C PRO B 89 43.17 -11.04 -49.57
N HIS B 90 43.99 -10.94 -48.51
CA HIS B 90 43.67 -10.14 -47.34
C HIS B 90 44.47 -8.84 -47.37
N LYS B 91 44.08 -7.89 -46.51
CA LYS B 91 44.85 -6.67 -46.30
C LYS B 91 45.07 -6.47 -44.81
N GLY B 92 45.93 -5.52 -44.46
CA GLY B 92 46.18 -5.14 -43.08
C GLY B 92 47.31 -5.95 -42.47
N THR B 93 47.41 -5.93 -41.14
CA THR B 93 48.45 -6.68 -40.43
C THR B 93 48.18 -8.18 -40.58
N MET B 94 49.26 -8.94 -40.78
CA MET B 94 49.17 -10.35 -41.10
C MET B 94 49.25 -11.15 -39.81
N PRO B 95 48.18 -11.87 -39.40
CA PRO B 95 48.27 -12.82 -38.28
C PRO B 95 49.55 -13.59 -38.61
N LYS B 96 50.50 -13.57 -37.67
CA LYS B 96 51.82 -14.15 -37.85
C LYS B 96 51.73 -15.50 -37.15
N GLU B 97 50.91 -15.56 -36.10
CA GLU B 97 50.71 -16.78 -35.33
C GLU B 97 49.49 -17.51 -35.88
N VAL B 98 49.71 -18.66 -36.53
CA VAL B 98 48.62 -19.46 -37.09
C VAL B 98 48.19 -20.50 -36.06
N ASN B 99 46.95 -20.40 -35.59
CA ASN B 99 46.39 -21.29 -34.58
C ASN B 99 45.06 -21.85 -35.08
N LEU B 100 44.49 -22.75 -34.28
CA LEU B 100 43.19 -23.36 -34.57
C LEU B 100 42.15 -22.27 -34.79
N GLY B 101 42.17 -21.24 -33.95
CA GLY B 101 41.22 -20.13 -34.00
C GLY B 101 41.26 -19.37 -35.32
N LEU B 102 42.45 -19.04 -35.81
CA LEU B 102 42.61 -18.29 -37.04
C LEU B 102 41.93 -19.02 -38.20
N LEU B 103 42.21 -20.32 -38.32
CA LEU B 103 41.67 -21.14 -39.41
C LEU B 103 40.14 -21.12 -39.38
N ALA B 104 39.56 -21.16 -38.18
CA ALA B 104 38.12 -21.13 -38.00
C ALA B 104 37.55 -19.84 -38.57
N LYS B 105 38.22 -18.71 -38.33
CA LYS B 105 37.79 -17.42 -38.83
C LYS B 105 37.96 -17.36 -40.35
N LYS B 106 39.06 -17.93 -40.86
CA LYS B 106 39.29 -18.00 -42.30
C LYS B 106 38.18 -18.78 -42.97
N ALA B 107 37.73 -19.86 -42.31
CA ALA B 107 36.66 -20.70 -42.83
C ALA B 107 35.36 -19.92 -42.90
N ASP B 108 35.07 -19.13 -41.86
CA ASP B 108 33.87 -18.31 -41.80
C ASP B 108 33.87 -17.30 -42.94
N LEU B 109 35.03 -16.67 -43.18
CA LEU B 109 35.16 -15.66 -44.22
C LEU B 109 34.80 -16.27 -45.58
N CYS B 110 35.32 -17.47 -45.84
CA CYS B 110 35.03 -18.18 -47.07
C CYS B 110 33.52 -18.39 -47.24
N GLN B 111 32.88 -18.86 -46.17
CA GLN B 111 31.46 -19.22 -46.19
C GLN B 111 30.62 -18.00 -46.54
N LEU B 112 31.02 -16.82 -46.05
CA LEU B 112 30.34 -15.57 -46.38
C LEU B 112 30.54 -15.27 -47.86
N ILE B 113 31.78 -15.44 -48.35
CA ILE B 113 32.11 -15.16 -49.75
C ILE B 113 31.31 -16.11 -50.65
N ARG B 114 31.12 -17.35 -50.20
CA ARG B 114 30.36 -18.34 -50.94
C ARG B 114 28.94 -17.83 -51.18
N ASP B 115 28.32 -17.28 -50.14
CA ASP B 115 26.96 -16.79 -50.21
C ASP B 115 26.86 -15.59 -51.16
N MET B 116 27.90 -14.75 -51.15
CA MET B 116 27.92 -13.53 -51.93
C MET B 116 27.98 -13.84 -53.42
N VAL B 117 28.57 -15.00 -53.77
CA VAL B 117 28.68 -15.41 -55.16
C VAL B 117 27.35 -15.98 -55.64
N ASN B 118 26.62 -16.64 -54.74
CA ASN B 118 25.33 -17.26 -55.07
C ASN B 118 24.31 -16.19 -55.43
N VAL B 119 24.22 -15.14 -54.59
CA VAL B 119 23.21 -14.12 -54.72
C VAL B 119 23.44 -13.29 -56.00
N CYS B 120 24.72 -13.01 -56.30
CA CYS B 120 25.07 -12.21 -57.47
C CYS B 120 24.82 -12.99 -58.74
N GLU B 121 23.84 -12.53 -59.54
CA GLU B 121 23.49 -13.15 -60.81
C GLU B 121 23.61 -12.12 -61.92
N ASN B 128 15.63 -10.51 -63.13
CA ASN B 128 16.20 -10.75 -61.77
C ASN B 128 16.85 -9.48 -61.25
N PRO B 129 16.09 -8.59 -60.55
CA PRO B 129 16.66 -7.41 -59.91
C PRO B 129 17.59 -7.76 -58.74
N PRO B 130 18.37 -6.79 -58.22
CA PRO B 130 19.22 -7.04 -57.06
C PRO B 130 18.45 -7.18 -55.75
N SER B 131 17.26 -6.57 -55.69
CA SER B 131 16.42 -6.61 -54.50
C SER B 131 15.79 -8.00 -54.33
N LEU B 132 15.15 -8.49 -55.40
CA LEU B 132 14.41 -9.74 -55.36
C LEU B 132 15.39 -10.92 -55.23
N ALA B 133 16.47 -10.89 -56.02
CA ALA B 133 17.48 -11.93 -56.00
C ALA B 133 18.00 -12.16 -54.58
N LYS B 134 18.16 -11.07 -53.82
CA LYS B 134 18.64 -11.13 -52.45
C LYS B 134 17.59 -11.77 -51.55
N TYR B 135 16.31 -11.51 -51.81
CA TYR B 135 15.22 -12.12 -51.06
C TYR B 135 15.15 -13.61 -51.34
N ARG B 136 15.18 -13.98 -52.63
CA ARG B 136 15.12 -15.37 -53.06
C ARG B 136 16.31 -16.15 -52.53
N ALA B 137 17.48 -15.49 -52.44
CA ALA B 137 18.71 -16.15 -52.04
C ALA B 137 18.61 -16.68 -50.61
N LEU B 138 17.87 -15.96 -49.76
CA LEU B 138 17.69 -16.36 -48.37
C LEU B 138 16.86 -17.63 -48.28
N ARG B 139 15.94 -17.81 -49.24
CA ARG B 139 15.01 -18.94 -49.26
C ARG B 139 14.28 -19.00 -47.91
N CYS B 140 13.51 -17.93 -47.64
CA CYS B 140 12.77 -17.80 -46.39
C CYS B 140 11.69 -16.74 -46.55
N LYS B 141 10.59 -16.91 -45.80
CA LYS B 141 9.46 -16.01 -45.87
C LYS B 141 9.60 -14.92 -44.82
N ILE B 142 10.00 -13.72 -45.25
CA ILE B 142 10.10 -12.55 -44.37
C ILE B 142 8.96 -11.59 -44.72
N GLU B 143 8.08 -11.35 -43.75
CA GLU B 143 6.94 -10.46 -43.93
C GLU B 143 7.03 -9.30 -42.93
N HIS B 144 6.46 -8.15 -43.30
CA HIS B 144 6.44 -6.97 -42.44
C HIS B 144 5.18 -6.98 -41.59
N VAL B 145 5.30 -6.45 -40.36
CA VAL B 145 4.18 -6.32 -39.45
C VAL B 145 3.99 -4.83 -39.14
N GLU B 146 2.73 -4.38 -39.23
CA GLU B 146 2.39 -2.98 -38.96
C GLU B 146 2.35 -2.74 -37.45
N GLN B 147 2.43 -1.47 -37.06
CA GLN B 147 2.34 -1.07 -35.67
C GLN B 147 0.88 -1.09 -35.21
N ASN B 148 -0.04 -0.90 -36.16
CA ASN B 148 -1.47 -0.84 -35.89
C ASN B 148 -1.97 -2.20 -35.42
N THR B 149 -1.36 -3.27 -35.96
CA THR B 149 -1.76 -4.64 -35.63
C THR B 149 -1.43 -4.95 -34.18
N GLU B 150 -2.20 -5.86 -33.58
CA GLU B 150 -2.08 -6.20 -32.17
C GLU B 150 -1.01 -7.29 -31.98
N GLU B 151 -0.54 -7.87 -33.09
CA GLU B 151 0.57 -8.80 -33.07
C GLU B 151 1.85 -8.06 -32.69
N PHE B 152 1.98 -6.82 -33.16
CA PHE B 152 3.15 -5.99 -32.92
C PHE B 152 3.32 -5.73 -31.43
N LEU B 153 2.20 -5.45 -30.74
CA LEU B 153 2.21 -5.10 -29.32
C LEU B 153 2.56 -6.33 -28.49
N ARG B 154 2.17 -7.52 -28.96
CA ARG B 154 2.50 -8.75 -28.28
C ARG B 154 4.01 -8.97 -28.31
N VAL B 155 4.59 -8.87 -29.51
CA VAL B 155 6.01 -9.14 -29.72
C VAL B 155 6.84 -8.11 -28.97
N ARG B 156 6.41 -6.84 -29.01
CA ARG B 156 7.09 -5.76 -28.32
C ARG B 156 7.14 -6.07 -26.83
N LYS B 157 6.01 -6.51 -26.26
CA LYS B 157 5.88 -6.72 -24.83
C LYS B 157 6.72 -7.93 -24.41
N GLU B 158 6.71 -9.00 -25.22
CA GLU B 158 7.48 -10.19 -24.93
C GLU B 158 8.97 -9.85 -24.88
N VAL B 159 9.40 -8.88 -25.70
CA VAL B 159 10.77 -8.39 -25.70
C VAL B 159 11.00 -7.56 -24.44
N LEU B 160 10.07 -6.63 -24.15
CA LEU B 160 10.21 -5.71 -23.04
C LEU B 160 9.48 -6.25 -21.82
N GLN B 161 10.11 -7.22 -21.13
CA GLN B 161 9.64 -7.71 -19.84
C GLN B 161 10.78 -8.00 -18.87
N ASN B 162 11.71 -8.85 -19.30
CA ASN B 162 12.89 -9.17 -18.52
C ASN B 162 13.95 -8.17 -18.97
N HIS B 163 13.91 -6.97 -18.39
CA HIS B 163 14.82 -5.89 -18.75
C HIS B 163 15.61 -5.48 -17.51
N HIS B 164 16.77 -6.12 -17.32
CA HIS B 164 17.62 -5.88 -16.16
C HIS B 164 18.19 -4.46 -16.24
N SER B 165 18.87 -4.17 -17.36
CA SER B 165 19.34 -2.82 -17.65
C SER B 165 18.15 -1.93 -17.98
N LYS B 166 18.30 -0.62 -17.77
CA LYS B 166 17.23 0.33 -17.99
C LYS B 166 17.70 1.39 -19.00
N SER B 167 18.04 0.94 -20.20
CA SER B 167 18.36 1.81 -21.31
C SER B 167 17.15 1.94 -22.23
N PRO B 168 16.90 3.13 -22.83
CA PRO B 168 15.78 3.29 -23.76
C PRO B 168 15.83 2.32 -24.94
N VAL B 169 14.79 1.50 -25.07
CA VAL B 169 14.69 0.52 -26.14
C VAL B 169 13.77 1.07 -27.23
N ASP B 170 14.33 1.26 -28.44
CA ASP B 170 13.58 1.74 -29.58
C ASP B 170 13.29 0.56 -30.51
N VAL B 171 12.06 0.03 -30.43
CA VAL B 171 11.61 -1.07 -31.28
C VAL B 171 11.09 -0.47 -32.58
N LEU B 172 11.95 -0.42 -33.61
CA LEU B 172 11.59 0.18 -34.89
C LEU B 172 10.79 -0.61 -35.91
N GLN B 173 11.20 -1.87 -36.15
CA GLN B 173 10.62 -2.68 -37.21
C GLN B 173 10.62 -4.10 -36.65
N ILE B 174 9.53 -4.83 -36.91
CA ILE B 174 9.40 -6.22 -36.52
C ILE B 174 8.92 -7.01 -37.73
N PHE B 175 9.60 -8.14 -38.02
CA PHE B 175 9.28 -8.96 -39.17
C PHE B 175 9.02 -10.40 -38.73
N ARG B 176 8.02 -11.03 -39.33
CA ARG B 176 7.81 -12.46 -39.21
C ARG B 176 8.87 -13.18 -40.03
N VAL B 177 9.26 -14.38 -39.60
CA VAL B 177 10.27 -15.15 -40.31
C VAL B 177 10.08 -16.64 -39.98
N GLY B 178 10.47 -17.50 -40.93
CA GLY B 178 10.40 -18.94 -40.74
C GLY B 178 10.99 -19.68 -41.93
N ARG B 179 11.99 -20.54 -41.66
CA ARG B 179 12.65 -21.33 -42.69
C ARG B 179 11.72 -22.46 -43.12
N VAL B 180 11.97 -22.98 -44.33
CA VAL B 180 11.07 -23.94 -44.97
C VAL B 180 11.30 -25.33 -44.37
N ASN B 181 12.56 -25.79 -44.41
CA ASN B 181 12.89 -27.16 -44.02
C ASN B 181 13.09 -27.26 -42.51
N GLU B 182 13.11 -26.13 -41.81
CA GLU B 182 13.34 -26.09 -40.37
C GLU B 182 12.06 -26.45 -39.63
N THR B 183 10.93 -25.88 -40.08
CA THR B 183 9.66 -26.00 -39.38
C THR B 183 9.25 -27.46 -39.23
N THR B 184 9.38 -28.24 -40.31
CA THR B 184 8.97 -29.64 -40.33
C THR B 184 9.91 -30.47 -39.46
N GLU B 185 11.22 -30.18 -39.53
CA GLU B 185 12.24 -30.94 -38.83
C GLU B 185 12.30 -30.54 -37.36
N PHE B 186 11.74 -29.37 -37.02
CA PHE B 186 11.77 -28.85 -35.66
C PHE B 186 11.13 -29.85 -34.70
N LEU B 187 11.71 -29.98 -33.50
CA LEU B 187 11.24 -30.91 -32.49
C LEU B 187 10.13 -30.23 -31.67
N SER B 188 8.91 -30.27 -32.22
CA SER B 188 7.74 -29.71 -31.54
C SER B 188 7.26 -30.66 -30.45
N LYS B 189 7.42 -31.97 -30.68
CA LYS B 189 6.96 -32.99 -29.76
C LYS B 189 7.75 -32.91 -28.44
N LEU B 190 9.01 -32.49 -28.52
CA LEU B 190 9.82 -32.27 -27.32
C LEU B 190 9.21 -31.14 -26.51
N GLY B 191 9.19 -31.31 -25.19
CA GLY B 191 8.46 -30.42 -24.29
C GLY B 191 9.22 -29.12 -24.01
N ASN B 192 8.53 -28.19 -23.33
CA ASN B 192 9.10 -26.92 -22.91
C ASN B 192 9.50 -26.12 -24.15
N VAL B 193 8.49 -25.83 -25.00
CA VAL B 193 8.68 -25.04 -26.21
C VAL B 193 8.35 -23.59 -25.88
N ARG B 194 9.36 -22.81 -25.50
CA ARG B 194 9.18 -21.41 -25.13
C ARG B 194 10.07 -20.53 -26.01
N PRO B 195 9.61 -19.31 -26.37
CA PRO B 195 10.42 -18.39 -27.18
C PRO B 195 11.52 -17.72 -26.36
N LEU B 196 12.65 -17.44 -27.02
CA LEU B 196 13.78 -16.76 -26.40
C LEU B 196 14.41 -15.81 -27.42
N LEU B 197 15.35 -14.99 -26.94
CA LEU B 197 16.01 -14.00 -27.78
C LEU B 197 17.43 -14.46 -28.09
N HIS B 198 17.79 -14.42 -29.38
CA HIS B 198 19.14 -14.76 -29.83
C HIS B 198 19.84 -13.51 -30.33
N GLY B 199 20.89 -13.10 -29.61
CA GLY B 199 21.71 -11.97 -30.02
C GLY B 199 22.71 -12.37 -31.11
N SER B 200 22.86 -11.51 -32.12
CA SER B 200 23.73 -11.77 -33.25
C SER B 200 24.07 -10.46 -33.95
N PRO B 201 25.30 -10.33 -34.53
CA PRO B 201 25.63 -9.16 -35.34
C PRO B 201 24.88 -9.15 -36.67
N VAL B 202 24.81 -7.97 -37.29
CA VAL B 202 23.97 -7.74 -38.46
C VAL B 202 24.57 -8.46 -39.66
N GLN B 203 25.90 -8.55 -39.71
CA GLN B 203 26.63 -9.13 -40.82
C GLN B 203 26.28 -10.61 -41.01
N ASN B 204 26.06 -11.31 -39.88
CA ASN B 204 25.88 -12.76 -39.90
C ASN B 204 24.44 -13.13 -40.27
N ILE B 205 23.53 -12.14 -40.28
CA ILE B 205 22.11 -12.41 -40.44
C ILE B 205 21.86 -13.12 -41.77
N VAL B 206 22.49 -12.64 -42.85
CA VAL B 206 22.29 -13.20 -44.17
C VAL B 206 22.48 -14.72 -44.13
N GLY B 207 23.51 -15.16 -43.41
CA GLY B 207 23.82 -16.59 -43.29
C GLY B 207 22.80 -17.31 -42.41
N ILE B 208 22.38 -16.65 -41.32
CA ILE B 208 21.44 -17.23 -40.37
C ILE B 208 20.10 -17.49 -41.06
N LEU B 209 19.67 -16.55 -41.91
CA LEU B 209 18.40 -16.67 -42.60
C LEU B 209 18.48 -17.75 -43.69
N CYS B 210 19.69 -18.00 -44.21
CA CYS B 210 19.90 -19.00 -45.24
C CYS B 210 19.91 -20.39 -44.64
N ARG B 211 20.87 -20.65 -43.74
CA ARG B 211 21.19 -22.00 -43.29
C ARG B 211 20.58 -22.29 -41.92
N GLY B 212 20.11 -21.25 -41.22
CA GLY B 212 19.63 -21.39 -39.86
C GLY B 212 20.77 -21.26 -38.84
N LEU B 213 20.42 -21.33 -37.56
CA LEU B 213 21.40 -21.28 -36.48
C LEU B 213 22.13 -22.63 -36.42
N LEU B 214 23.43 -22.61 -36.73
CA LEU B 214 24.24 -23.82 -36.77
C LEU B 214 25.07 -23.91 -35.49
N LEU B 215 25.64 -25.11 -35.26
CA LEU B 215 26.47 -25.35 -34.10
C LEU B 215 27.85 -24.75 -34.32
N PRO B 216 28.47 -24.09 -33.30
CA PRO B 216 29.84 -23.61 -33.41
C PRO B 216 30.85 -24.73 -33.58
N LYS B 217 31.92 -24.45 -34.32
CA LYS B 217 32.96 -25.42 -34.63
C LYS B 217 33.86 -25.57 -33.41
N VAL B 218 34.02 -26.81 -32.94
CA VAL B 218 34.74 -27.11 -31.71
C VAL B 218 36.22 -26.82 -31.92
N VAL B 219 36.87 -26.35 -30.83
CA VAL B 219 38.28 -26.00 -30.85
C VAL B 219 38.97 -26.69 -29.67
N GLU B 220 39.91 -27.59 -30.00
CA GLU B 220 40.68 -28.31 -29.00
C GLU B 220 41.78 -27.39 -28.45
N VAL B 229 34.96 -19.72 -26.68
CA VAL B 229 34.24 -18.43 -26.51
C VAL B 229 33.01 -18.64 -25.63
N GLY B 230 32.30 -19.75 -25.84
CA GLY B 230 31.12 -20.10 -25.05
C GLY B 230 31.49 -20.75 -23.72
N ASN B 231 30.73 -20.42 -22.67
CA ASN B 231 31.01 -20.91 -21.32
C ASN B 231 30.16 -22.15 -21.02
N LEU B 232 29.26 -22.50 -21.95
CA LEU B 232 28.46 -23.71 -21.82
C LEU B 232 28.66 -24.58 -23.07
N GLY B 233 29.92 -24.73 -23.48
CA GLY B 233 30.27 -25.60 -24.60
C GLY B 233 29.87 -25.01 -25.95
N SER B 234 30.08 -25.80 -27.01
CA SER B 234 29.77 -25.39 -28.37
C SER B 234 28.30 -25.68 -28.66
N GLY B 235 27.45 -24.68 -28.41
CA GLY B 235 26.02 -24.78 -28.66
C GLY B 235 25.42 -23.45 -29.11
N ILE B 236 24.10 -23.45 -29.33
CA ILE B 236 23.39 -22.25 -29.74
C ILE B 236 22.88 -21.55 -28.49
N TYR B 237 23.40 -20.34 -28.24
CA TYR B 237 23.11 -19.58 -27.03
C TYR B 237 21.89 -18.67 -27.25
N PHE B 238 21.07 -18.55 -26.21
CA PHE B 238 19.93 -17.65 -26.21
C PHE B 238 19.86 -16.92 -24.87
N SER B 239 18.84 -16.07 -24.71
CA SER B 239 18.57 -15.40 -23.44
C SER B 239 17.11 -14.97 -23.38
N ASP B 240 16.55 -14.94 -22.17
CA ASP B 240 15.21 -14.43 -21.94
C ASP B 240 15.26 -12.91 -21.82
N SER B 241 16.38 -12.40 -21.28
CA SER B 241 16.58 -10.97 -21.10
C SER B 241 17.04 -10.33 -22.40
N LEU B 242 16.65 -9.06 -22.61
CA LEU B 242 17.05 -8.29 -23.77
C LEU B 242 18.39 -7.62 -23.53
N SER B 243 18.57 -7.09 -22.31
CA SER B 243 19.77 -6.36 -21.93
C SER B 243 21.02 -7.21 -22.17
N THR B 244 20.90 -8.52 -21.93
CA THR B 244 21.99 -9.46 -22.13
C THR B 244 22.27 -9.62 -23.63
N SER B 245 21.20 -9.55 -24.44
CA SER B 245 21.29 -9.76 -25.88
C SER B 245 21.88 -8.55 -26.59
N ILE B 246 21.89 -7.39 -25.91
CA ILE B 246 22.44 -6.16 -26.48
C ILE B 246 23.95 -6.29 -26.60
N LYS B 247 24.58 -7.01 -25.65
CA LYS B 247 26.03 -7.19 -25.65
C LYS B 247 26.45 -8.08 -26.81
N TYR B 248 25.59 -9.04 -27.18
CA TYR B 248 25.82 -9.89 -28.35
C TYR B 248 25.68 -9.07 -29.62
N SER B 249 24.49 -8.48 -29.82
CA SER B 249 24.15 -7.78 -31.05
C SER B 249 24.71 -6.36 -31.02
N HIS B 250 25.79 -6.13 -31.76
CA HIS B 250 26.37 -4.81 -31.93
C HIS B 250 25.56 -4.04 -32.98
N PRO B 251 25.68 -2.68 -33.03
CA PRO B 251 25.03 -1.89 -34.08
C PRO B 251 25.55 -2.22 -35.48
N GLY B 252 24.72 -1.96 -36.49
CA GLY B 252 25.08 -2.18 -37.88
C GLY B 252 25.99 -1.06 -38.40
N GLU B 253 26.64 -1.32 -39.54
CA GLU B 253 27.50 -0.35 -40.19
C GLU B 253 26.72 0.43 -41.23
N THR B 254 25.86 -0.26 -42.00
CA THR B 254 25.15 0.33 -43.11
C THR B 254 24.06 1.27 -42.61
N ASP B 255 23.07 0.69 -41.89
CA ASP B 255 21.92 1.45 -41.42
C ASP B 255 22.23 2.05 -40.05
N GLY B 256 22.69 1.20 -39.13
CA GLY B 256 22.97 1.61 -37.75
C GLY B 256 21.87 1.18 -36.80
N THR B 257 21.50 -0.11 -36.88
CA THR B 257 20.41 -0.66 -36.11
C THR B 257 20.73 -2.12 -35.76
N ARG B 258 20.50 -2.50 -34.49
CA ARG B 258 20.72 -3.85 -34.02
C ARG B 258 19.61 -4.75 -34.54
N LEU B 259 19.99 -6.00 -34.88
CA LEU B 259 19.02 -7.04 -35.21
C LEU B 259 19.10 -8.14 -34.15
N LEU B 260 17.98 -8.83 -33.94
CA LEU B 260 17.86 -9.85 -32.91
C LEU B 260 16.74 -10.81 -33.28
N LEU B 261 17.01 -12.12 -33.14
CA LEU B 261 16.08 -13.16 -33.57
C LEU B 261 15.38 -13.76 -32.37
N ILE B 262 14.03 -13.73 -32.41
CA ILE B 262 13.21 -14.45 -31.44
C ILE B 262 12.90 -15.81 -32.04
N CYS B 263 13.19 -16.87 -31.28
CA CYS B 263 13.07 -18.24 -31.76
C CYS B 263 12.38 -19.11 -30.72
N ASP B 264 11.48 -20.00 -31.18
CA ASP B 264 10.87 -21.00 -30.33
C ASP B 264 11.88 -22.11 -30.07
N VAL B 265 12.66 -21.97 -29.00
CA VAL B 265 13.70 -22.92 -28.65
C VAL B 265 13.09 -24.02 -27.77
N ALA B 266 12.96 -25.22 -28.31
CA ALA B 266 12.43 -26.36 -27.54
C ALA B 266 13.49 -26.79 -26.54
N LEU B 267 13.75 -25.98 -25.51
CA LEU B 267 14.86 -26.26 -24.55
C LEU B 267 14.54 -27.55 -23.78
N GLY B 268 13.26 -27.88 -23.59
CA GLY B 268 12.86 -29.11 -22.87
C GLY B 268 13.56 -29.21 -21.52
N LYS B 269 13.64 -30.41 -20.96
CA LYS B 269 14.36 -30.64 -19.68
C LYS B 269 15.60 -29.75 -19.68
N CYS B 270 15.85 -28.98 -18.63
CA CYS B 270 16.99 -28.07 -18.65
C CYS B 270 17.74 -28.14 -17.32
N MET B 271 19.06 -28.32 -17.41
CA MET B 271 19.91 -28.42 -16.23
C MET B 271 20.29 -27.01 -15.77
N ASP B 272 19.84 -26.65 -14.56
CA ASP B 272 20.18 -25.36 -13.97
C ASP B 272 21.57 -25.46 -13.32
N LEU B 273 22.60 -25.34 -14.16
CA LEU B 273 23.99 -25.46 -13.71
C LEU B 273 24.45 -24.12 -13.12
N HIS B 274 25.28 -24.21 -12.08
CA HIS B 274 25.91 -23.05 -11.46
C HIS B 274 27.31 -22.88 -12.03
N GLU B 275 28.08 -23.97 -12.04
CA GLU B 275 29.45 -23.95 -12.52
C GLU B 275 29.47 -23.92 -14.05
N LYS B 276 30.60 -23.48 -14.62
CA LYS B 276 30.80 -23.48 -16.06
C LYS B 276 31.22 -24.89 -16.51
N ASP B 277 31.09 -25.15 -17.81
CA ASP B 277 31.48 -26.43 -18.39
C ASP B 277 31.68 -26.24 -19.89
N PHE B 278 32.94 -26.30 -20.33
CA PHE B 278 33.31 -25.98 -21.69
C PHE B 278 33.41 -27.24 -22.55
N SER B 279 33.45 -28.41 -21.90
CA SER B 279 33.70 -29.67 -22.58
C SER B 279 32.43 -30.24 -23.21
N LEU B 280 31.29 -29.55 -23.01
CA LEU B 280 30.01 -30.01 -23.52
C LEU B 280 29.94 -29.77 -25.03
N THR B 281 30.28 -30.80 -25.81
CA THR B 281 30.07 -30.79 -27.25
C THR B 281 28.57 -30.93 -27.53
N GLU B 282 27.88 -31.68 -26.66
CA GLU B 282 26.44 -31.86 -26.73
C GLU B 282 25.87 -31.73 -25.32
N ALA B 283 24.54 -31.80 -25.21
CA ALA B 283 23.84 -31.56 -23.95
C ALA B 283 24.26 -32.57 -22.89
N PRO B 284 24.10 -32.27 -21.59
CA PRO B 284 24.44 -33.21 -20.51
C PRO B 284 23.53 -34.43 -20.50
N PRO B 285 23.89 -35.51 -19.76
CA PRO B 285 23.13 -36.75 -19.77
C PRO B 285 21.83 -36.66 -18.98
N GLY B 286 20.70 -36.93 -19.66
CA GLY B 286 19.40 -36.95 -19.04
C GLY B 286 18.57 -35.70 -19.33
N TYR B 287 19.23 -34.64 -19.82
CA TYR B 287 18.58 -33.35 -20.04
C TYR B 287 18.86 -32.88 -21.46
N ASP B 288 18.01 -31.97 -21.94
CA ASP B 288 18.00 -31.56 -23.35
C ASP B 288 18.62 -30.17 -23.52
N SER B 289 18.96 -29.50 -22.41
CA SER B 289 19.47 -28.14 -22.47
C SER B 289 20.18 -27.78 -21.18
N VAL B 290 20.87 -26.63 -21.19
CA VAL B 290 21.56 -26.11 -20.02
C VAL B 290 21.14 -24.66 -19.82
N HIS B 291 20.75 -24.32 -18.59
CA HIS B 291 20.38 -22.96 -18.24
C HIS B 291 21.46 -22.35 -17.34
N GLY B 292 22.23 -21.42 -17.90
CA GLY B 292 23.18 -20.63 -17.13
C GLY B 292 22.16 -19.91 -16.24
N VAL B 293 22.42 -19.94 -14.92
CA VAL B 293 21.50 -19.39 -13.93
C VAL B 293 22.23 -18.09 -13.64
N SER B 294 21.62 -16.96 -14.05
CA SER B 294 22.24 -15.63 -13.92
C SER B 294 22.70 -15.40 -12.48
N GLN B 295 23.80 -14.67 -12.27
CA GLN B 295 24.37 -14.46 -10.90
C GLN B 295 23.74 -13.20 -10.31
N THR B 296 22.80 -13.36 -9.38
CA THR B 296 22.08 -12.23 -8.74
C THR B 296 22.15 -12.35 -7.22
N ALA B 297 21.31 -11.62 -6.49
CA ALA B 297 21.26 -11.69 -5.00
C ALA B 297 21.22 -13.16 -4.56
N SER B 298 21.99 -13.52 -3.53
CA SER B 298 22.05 -14.92 -3.01
C SER B 298 22.13 -15.92 -4.17
N VAL B 299 23.19 -15.85 -4.99
CA VAL B 299 23.42 -16.81 -6.11
C VAL B 299 24.90 -17.19 -6.12
N THR B 300 25.25 -18.38 -6.65
CA THR B 300 26.65 -18.89 -6.66
C THR B 300 27.16 -18.97 -8.09
N THR B 301 26.28 -19.05 -9.09
CA THR B 301 26.65 -19.22 -10.52
C THR B 301 27.74 -18.25 -10.95
N ASP B 302 28.63 -18.66 -11.85
CA ASP B 302 29.67 -17.77 -12.42
C ASP B 302 28.99 -17.00 -13.56
N PHE B 303 27.83 -17.48 -14.00
CA PHE B 303 27.08 -16.88 -15.10
C PHE B 303 26.46 -15.57 -14.63
N GLU B 304 26.70 -14.49 -15.39
CA GLU B 304 26.10 -13.19 -15.13
C GLU B 304 24.75 -13.11 -15.84
N ASP B 305 24.76 -13.42 -17.14
CA ASP B 305 23.57 -13.34 -17.97
C ASP B 305 22.81 -14.66 -17.89
N ASP B 306 21.51 -14.60 -18.22
CA ASP B 306 20.69 -15.79 -18.39
C ASP B 306 21.01 -16.41 -19.75
N GLU B 307 21.56 -17.63 -19.74
CA GLU B 307 22.01 -18.29 -20.96
C GLU B 307 21.33 -19.65 -21.09
N PHE B 308 20.36 -19.73 -22.01
CA PHE B 308 19.77 -20.99 -22.41
C PHE B 308 20.54 -21.53 -23.62
N VAL B 309 20.94 -22.81 -23.54
CA VAL B 309 21.80 -23.40 -24.56
C VAL B 309 21.23 -24.76 -24.98
N VAL B 310 21.16 -24.96 -26.30
CA VAL B 310 20.85 -26.26 -26.89
C VAL B 310 22.01 -26.65 -27.80
N TYR B 311 22.09 -27.94 -28.15
CA TYR B 311 23.21 -28.48 -28.90
C TYR B 311 22.71 -29.24 -30.13
N LYS B 312 21.64 -28.75 -30.75
CA LYS B 312 21.06 -29.37 -31.92
C LYS B 312 20.50 -28.29 -32.85
N THR B 313 20.59 -28.56 -34.16
CA THR B 313 20.13 -27.63 -35.18
C THR B 313 18.60 -27.60 -35.23
N ASN B 314 17.97 -28.73 -34.89
CA ASN B 314 16.54 -28.91 -35.03
C ASN B 314 15.83 -28.70 -33.69
N GLN B 315 16.54 -28.10 -32.72
CA GLN B 315 15.93 -27.70 -31.45
C GLN B 315 15.57 -26.22 -31.49
N VAL B 316 15.69 -25.60 -32.67
CA VAL B 316 15.42 -24.17 -32.81
C VAL B 316 14.44 -23.97 -33.97
N LYS B 317 13.62 -22.93 -33.84
CA LYS B 317 12.71 -22.50 -34.90
C LYS B 317 12.52 -20.99 -34.79
N MET B 318 13.11 -20.25 -35.73
CA MET B 318 13.09 -18.79 -35.70
C MET B 318 11.71 -18.29 -36.10
N LYS B 319 11.26 -17.23 -35.43
CA LYS B 319 9.89 -16.73 -35.54
C LYS B 319 9.89 -15.27 -36.00
N TYR B 320 10.65 -14.42 -35.29
CA TYR B 320 10.62 -12.99 -35.54
C TYR B 320 12.02 -12.42 -35.62
N ILE B 321 12.14 -11.24 -36.25
CA ILE B 321 13.36 -10.48 -36.32
C ILE B 321 13.08 -9.07 -35.79
N ILE B 322 13.81 -8.67 -34.75
CA ILE B 322 13.58 -7.41 -34.07
C ILE B 322 14.65 -6.41 -34.49
N LYS B 323 14.24 -5.39 -35.26
CA LYS B 323 15.10 -4.29 -35.63
C LYS B 323 14.97 -3.19 -34.58
N PHE B 324 16.06 -2.95 -33.82
CA PHE B 324 16.04 -1.98 -32.75
C PHE B 324 17.36 -1.21 -32.70
N SER B 325 17.37 -0.10 -31.96
CA SER B 325 18.54 0.76 -31.85
C SER B 325 18.67 1.29 -30.42
N MET B 326 19.92 1.43 -29.98
CA MET B 326 20.23 1.95 -28.65
C MET B 326 20.41 3.47 -28.75
N PRO B 327 20.40 4.21 -27.61
CA PRO B 327 20.62 5.65 -27.62
C PRO B 327 21.83 6.10 -28.44
N GLY B 328 22.97 5.40 -28.23
CA GLY B 328 24.19 5.70 -28.96
C GLY B 328 24.11 5.22 -30.40
N SER C 2 4.11 -10.13 77.22
CA SER C 2 5.12 -9.55 76.36
C SER C 2 4.47 -8.68 75.30
N GLU C 3 5.30 -8.07 74.44
CA GLU C 3 4.83 -7.20 73.38
C GLU C 3 4.07 -8.01 72.33
N GLN C 4 4.54 -9.25 72.06
CA GLN C 4 3.95 -10.11 71.06
C GLN C 4 2.59 -10.63 71.53
N LEU C 5 2.42 -10.77 72.85
CA LEU C 5 1.23 -11.38 73.43
C LEU C 5 0.05 -10.41 73.30
N GLN C 6 0.24 -9.19 73.81
CA GLN C 6 -0.80 -8.18 73.80
C GLN C 6 -1.20 -7.85 72.38
N ALA C 7 -0.22 -7.89 71.46
CA ALA C 7 -0.47 -7.66 70.04
C ALA C 7 -1.46 -8.69 69.51
N LEU C 8 -1.19 -9.97 69.80
CA LEU C 8 -2.01 -11.06 69.29
C LEU C 8 -3.35 -11.12 70.01
N LEU C 9 -3.40 -10.64 71.26
CA LEU C 9 -4.65 -10.53 71.99
C LEU C 9 -5.57 -9.53 71.29
N LEU C 10 -4.98 -8.42 70.82
CA LEU C 10 -5.70 -7.43 70.05
C LEU C 10 -6.19 -8.03 68.73
N GLU C 11 -5.33 -8.84 68.09
CA GLU C 11 -5.63 -9.43 66.80
C GLU C 11 -6.89 -10.29 66.89
N GLU C 12 -6.98 -11.13 67.92
CA GLU C 12 -8.12 -12.02 68.10
C GLU C 12 -9.39 -11.20 68.37
N VAL C 13 -9.23 -10.08 69.09
CA VAL C 13 -10.37 -9.22 69.42
C VAL C 13 -10.79 -8.44 68.18
N MET C 14 -9.82 -7.89 67.46
CA MET C 14 -10.07 -7.07 66.29
C MET C 14 -10.74 -7.91 65.20
N ASN C 15 -10.25 -9.14 65.01
CA ASN C 15 -10.68 -9.98 63.91
C ASN C 15 -12.01 -10.67 64.24
N SER C 16 -12.38 -10.71 65.52
CA SER C 16 -13.64 -11.32 65.93
C SER C 16 -14.80 -10.34 65.74
N SER C 17 -15.17 -10.06 64.49
CA SER C 17 -16.19 -9.07 64.20
C SER C 17 -17.53 -9.79 64.13
N THR C 18 -18.40 -9.54 65.11
CA THR C 18 -19.74 -10.13 65.15
C THR C 18 -20.19 -9.66 63.77
N LEU C 19 -20.61 -10.61 62.93
CA LEU C 19 -21.18 -10.30 61.63
C LEU C 19 -22.19 -11.43 61.47
N SER C 20 -23.29 -11.13 60.77
CA SER C 20 -24.32 -12.11 60.47
C SER C 20 -23.81 -13.07 59.39
N GLN C 21 -24.26 -14.33 59.46
CA GLN C 21 -23.82 -15.37 58.54
C GLN C 21 -24.39 -15.12 57.15
N GLU C 22 -25.57 -14.48 57.08
CA GLU C 22 -26.23 -14.19 55.82
C GLU C 22 -25.40 -13.18 55.03
N VAL C 23 -24.83 -12.20 55.72
CA VAL C 23 -23.98 -11.19 55.11
C VAL C 23 -22.69 -11.86 54.64
N SER C 24 -22.09 -12.68 55.53
CA SER C 24 -20.86 -13.39 55.22
C SER C 24 -21.01 -14.18 53.93
N ASP C 25 -22.12 -14.93 53.82
CA ASP C 25 -22.39 -15.77 52.66
C ASP C 25 -22.65 -14.92 51.42
N LEU C 26 -23.31 -13.77 51.61
CA LEU C 26 -23.58 -12.85 50.52
C LEU C 26 -22.27 -12.23 50.03
N VAL C 27 -21.41 -11.83 50.98
CA VAL C 27 -20.12 -11.24 50.66
C VAL C 27 -19.25 -12.28 49.95
N GLU C 28 -19.25 -13.51 50.46
CA GLU C 28 -18.44 -14.59 49.90
C GLU C 28 -18.92 -14.92 48.49
N MET C 29 -20.22 -14.79 48.23
CA MET C 29 -20.79 -15.12 46.93
C MET C 29 -20.30 -14.13 45.87
N ILE C 30 -20.57 -12.84 46.10
CA ILE C 30 -20.35 -11.81 45.10
C ILE C 30 -18.87 -11.79 44.68
N TRP C 31 -17.97 -11.99 45.65
CA TRP C 31 -16.54 -11.97 45.37
C TRP C 31 -16.11 -13.25 44.67
N ALA C 32 -16.76 -14.38 45.03
CA ALA C 32 -16.54 -15.64 44.33
C ALA C 32 -17.14 -15.56 42.93
N GLU C 33 -18.28 -14.86 42.80
CA GLU C 33 -18.94 -14.69 41.52
C GLU C 33 -18.08 -13.81 40.62
N ALA C 34 -17.54 -12.73 41.17
CA ALA C 34 -16.68 -11.82 40.43
C ALA C 34 -15.45 -12.56 39.92
N LEU C 35 -14.80 -13.31 40.83
CA LEU C 35 -13.64 -14.12 40.49
C LEU C 35 -14.01 -15.14 39.42
N GLY C 36 -15.21 -15.72 39.53
CA GLY C 36 -15.70 -16.71 38.59
C GLY C 36 -15.86 -16.15 37.18
N HIS C 37 -16.31 -14.89 37.08
CA HIS C 37 -16.52 -14.23 35.81
C HIS C 37 -15.18 -13.99 35.10
N LEU C 38 -14.16 -13.64 35.89
CA LEU C 38 -12.82 -13.39 35.37
C LEU C 38 -12.22 -14.69 34.84
N GLU C 39 -12.28 -15.74 35.66
CA GLU C 39 -11.66 -17.01 35.33
C GLU C 39 -12.43 -17.75 34.24
N HIS C 40 -13.59 -17.20 33.85
CA HIS C 40 -14.37 -17.75 32.74
C HIS C 40 -13.65 -17.51 31.42
N MET C 41 -12.85 -16.43 31.34
CA MET C 41 -12.10 -16.12 30.13
C MET C 41 -10.77 -15.47 30.49
N LEU C 42 -9.94 -16.20 31.24
CA LEU C 42 -8.58 -15.80 31.56
C LEU C 42 -7.70 -17.03 31.70
N LEU C 43 -6.56 -17.03 31.01
CA LEU C 43 -5.57 -18.08 31.13
C LEU C 43 -4.85 -17.94 32.47
N LYS C 44 -4.22 -16.77 32.68
CA LYS C 44 -3.47 -16.49 33.89
C LYS C 44 -4.43 -16.27 35.05
N PRO C 45 -4.24 -16.95 36.20
CA PRO C 45 -4.97 -16.64 37.43
C PRO C 45 -4.93 -15.16 37.79
N VAL C 46 -5.97 -14.70 38.51
CA VAL C 46 -6.17 -13.29 38.78
C VAL C 46 -5.19 -12.82 39.86
N ASN C 47 -4.75 -13.74 40.73
CA ASN C 47 -3.86 -13.42 41.83
C ASN C 47 -2.47 -13.08 41.30
N ARG C 48 -2.10 -13.67 40.15
CA ARG C 48 -0.80 -13.43 39.53
C ARG C 48 -0.74 -12.03 38.93
N ILE C 49 -1.90 -11.50 38.52
CA ILE C 49 -1.97 -10.19 37.88
C ILE C 49 -1.69 -9.12 38.94
N SER C 50 -0.93 -8.09 38.55
CA SER C 50 -0.50 -7.03 39.44
C SER C 50 -1.22 -5.72 39.09
N LEU C 51 -0.99 -4.70 39.92
CA LEU C 51 -1.56 -3.37 39.69
C LEU C 51 -0.92 -2.72 38.48
N ASN C 52 0.37 -3.01 38.24
CA ASN C 52 1.13 -2.45 37.15
C ASN C 52 0.50 -2.85 35.82
N ASP C 53 0.25 -4.15 35.65
CA ASP C 53 -0.26 -4.71 34.41
C ASP C 53 -1.62 -4.08 34.06
N VAL C 54 -2.44 -3.82 35.08
CA VAL C 54 -3.78 -3.30 34.89
C VAL C 54 -3.71 -1.85 34.41
N SER C 55 -2.83 -1.06 35.04
CA SER C 55 -2.64 0.33 34.66
C SER C 55 -2.13 0.43 33.22
N LYS C 56 -1.17 -0.45 32.88
CA LYS C 56 -0.64 -0.53 31.54
C LYS C 56 -1.76 -0.87 30.56
N ALA C 57 -2.49 -1.95 30.85
CA ALA C 57 -3.57 -2.43 30.01
C ALA C 57 -4.49 -1.28 29.61
N GLU C 58 -5.03 -0.59 30.63
CA GLU C 58 -5.97 0.50 30.41
C GLU C 58 -5.36 1.57 29.51
N GLY C 59 -4.08 1.85 29.72
CA GLY C 59 -3.35 2.84 28.92
C GLY C 59 -3.33 2.48 27.44
N ILE C 60 -3.11 1.20 27.13
CA ILE C 60 -2.98 0.74 25.76
C ILE C 60 -4.31 0.95 25.03
N LEU C 61 -5.42 0.70 25.73
CA LEU C 61 -6.76 0.78 25.14
C LEU C 61 -7.02 2.19 24.64
N LEU C 62 -6.64 3.19 25.45
CA LEU C 62 -6.90 4.59 25.13
C LEU C 62 -6.34 4.95 23.75
N LEU C 63 -5.16 4.41 23.44
CA LEU C 63 -4.51 4.66 22.16
C LEU C 63 -5.27 3.93 21.05
N VAL C 64 -5.71 2.71 21.34
CA VAL C 64 -6.42 1.89 20.36
C VAL C 64 -7.77 2.54 20.05
N LYS C 65 -8.40 3.12 21.08
CA LYS C 65 -9.68 3.79 20.94
C LYS C 65 -9.55 4.97 19.97
N ALA C 66 -8.54 5.82 20.21
CA ALA C 66 -8.29 6.99 19.40
C ALA C 66 -7.88 6.58 17.99
N ALA C 67 -7.15 5.45 17.88
CA ALA C 67 -6.65 4.97 16.60
C ALA C 67 -7.80 4.58 15.67
N LEU C 68 -8.85 3.97 16.24
CA LEU C 68 -9.99 3.53 15.47
C LEU C 68 -10.75 4.74 14.91
N LYS C 69 -10.90 5.78 15.73
CA LYS C 69 -11.59 6.99 15.35
C LYS C 69 -10.78 7.75 14.30
N ASN C 70 -9.45 7.62 14.37
CA ASN C 70 -8.55 8.22 13.41
C ASN C 70 -8.72 7.53 12.06
N GLY C 71 -8.81 6.20 12.08
CA GLY C 71 -9.01 5.39 10.88
C GLY C 71 -7.71 4.75 10.41
N GLU C 72 -7.02 4.07 11.34
CA GLU C 72 -5.77 3.40 11.05
C GLU C 72 -6.06 2.04 10.43
N THR C 73 -5.00 1.39 9.92
CA THR C 73 -5.09 0.04 9.39
C THR C 73 -5.17 -0.95 10.56
N ALA C 74 -5.73 -2.13 10.30
CA ALA C 74 -5.90 -3.16 11.30
C ALA C 74 -4.54 -3.68 11.78
N GLU C 75 -3.60 -3.80 10.85
CA GLU C 75 -2.26 -4.30 11.13
C GLU C 75 -1.70 -3.65 12.39
N GLN C 76 -1.87 -2.32 12.50
CA GLN C 76 -1.31 -1.56 13.61
C GLN C 76 -2.10 -1.84 14.88
N LEU C 77 -3.42 -2.01 14.75
CA LEU C 77 -4.29 -2.30 15.89
C LEU C 77 -3.91 -3.64 16.51
N GLN C 78 -3.53 -4.61 15.66
CA GLN C 78 -3.19 -5.95 16.13
C GLN C 78 -2.01 -5.89 17.07
N LYS C 79 -0.91 -5.28 16.61
CA LYS C 79 0.36 -5.27 17.33
C LYS C 79 0.19 -4.60 18.69
N MET C 80 -0.68 -3.58 18.76
CA MET C 80 -0.97 -2.90 20.01
C MET C 80 -1.73 -3.85 20.94
N MET C 81 -2.73 -4.54 20.39
CA MET C 81 -3.63 -5.37 21.16
C MET C 81 -2.89 -6.61 21.67
N THR C 82 -1.90 -7.09 20.90
CA THR C 82 -1.12 -8.26 21.28
C THR C 82 -0.32 -7.97 22.54
N GLU C 83 0.16 -6.73 22.67
CA GLU C 83 0.88 -6.29 23.86
C GLU C 83 -0.09 -6.20 25.04
N PHE C 84 -1.34 -5.80 24.76
CA PHE C 84 -2.39 -5.78 25.77
C PHE C 84 -2.65 -7.20 26.29
N TYR C 85 -2.76 -8.16 25.36
CA TYR C 85 -3.10 -9.53 25.70
C TYR C 85 -1.94 -10.22 26.40
N ARG C 86 -0.71 -9.72 26.23
CA ARG C 86 0.45 -10.29 26.89
C ARG C 86 0.43 -9.96 28.38
N LEU C 87 -0.11 -8.78 28.72
CA LEU C 87 -0.24 -8.37 30.12
C LEU C 87 -1.44 -9.05 30.75
N ILE C 88 -2.55 -9.13 30.00
CA ILE C 88 -3.78 -9.75 30.45
C ILE C 88 -4.17 -10.86 29.47
N PRO C 89 -3.68 -12.10 29.67
CA PRO C 89 -3.98 -13.21 28.76
C PRO C 89 -5.45 -13.64 28.76
N HIS C 90 -6.03 -13.73 27.55
CA HIS C 90 -7.38 -14.24 27.35
C HIS C 90 -7.30 -15.67 26.79
N LYS C 91 -8.44 -16.37 26.78
CA LYS C 91 -8.55 -17.68 26.17
C LYS C 91 -9.74 -17.69 25.21
N GLY C 92 -9.82 -18.75 24.40
CA GLY C 92 -10.81 -18.85 23.34
C GLY C 92 -10.35 -18.18 22.07
N THR C 93 -11.32 -17.82 21.20
CA THR C 93 -11.03 -17.11 19.97
C THR C 93 -10.54 -15.70 20.30
N MET C 94 -9.55 -15.22 19.53
CA MET C 94 -8.96 -13.91 19.74
C MET C 94 -9.71 -12.88 18.90
N PRO C 95 -10.46 -11.93 19.51
CA PRO C 95 -11.19 -10.92 18.75
C PRO C 95 -10.13 -10.41 17.78
N LYS C 96 -10.43 -10.49 16.48
CA LYS C 96 -9.50 -10.11 15.43
C LYS C 96 -10.03 -8.74 14.99
N GLU C 97 -11.35 -8.54 15.14
CA GLU C 97 -11.97 -7.27 14.80
C GLU C 97 -12.05 -6.40 16.05
N VAL C 98 -11.23 -5.34 16.10
CA VAL C 98 -11.20 -4.42 17.23
C VAL C 98 -12.15 -3.26 16.92
N ASN C 99 -13.20 -3.13 17.75
CA ASN C 99 -14.20 -2.09 17.59
C ASN C 99 -14.36 -1.34 18.91
N LEU C 100 -15.17 -0.28 18.89
CA LEU C 100 -15.46 0.52 20.07
C LEU C 100 -15.98 -0.39 21.19
N GLY C 101 -16.86 -1.33 20.83
CA GLY C 101 -17.50 -2.22 21.78
C GLY C 101 -16.50 -3.10 22.53
N LEU C 102 -15.56 -3.69 21.80
CA LEU C 102 -14.56 -4.59 22.37
C LEU C 102 -13.80 -3.87 23.48
N LEU C 103 -13.30 -2.68 23.16
CA LEU C 103 -12.47 -1.91 24.07
C LEU C 103 -13.21 -1.64 25.37
N ALA C 104 -14.51 -1.32 25.26
CA ALA C 104 -15.35 -1.04 26.41
C ALA C 104 -15.38 -2.24 27.35
N LYS C 105 -15.52 -3.44 26.77
CA LYS C 105 -15.57 -4.67 27.55
C LYS C 105 -14.20 -4.96 28.16
N LYS C 106 -13.13 -4.71 27.39
CA LYS C 106 -11.77 -4.91 27.87
C LYS C 106 -11.52 -4.01 29.07
N ALA C 107 -12.05 -2.78 29.02
CA ALA C 107 -11.89 -1.80 30.09
C ALA C 107 -12.59 -2.29 31.35
N ASP C 108 -13.79 -2.86 31.19
CA ASP C 108 -14.58 -3.37 32.31
C ASP C 108 -13.81 -4.51 32.98
N LEU C 109 -13.25 -5.40 32.15
CA LEU C 109 -12.52 -6.57 32.64
C LEU C 109 -11.37 -6.12 33.54
N CYS C 110 -10.62 -5.11 33.07
CA CYS C 110 -9.51 -4.57 33.84
C CYS C 110 -9.98 -4.08 35.20
N GLN C 111 -11.08 -3.30 35.20
CA GLN C 111 -11.58 -2.66 36.40
C GLN C 111 -11.95 -3.71 37.45
N LEU C 112 -12.48 -4.85 36.99
CA LEU C 112 -12.81 -5.96 37.88
C LEU C 112 -11.52 -6.55 38.45
N ILE C 113 -10.51 -6.73 37.58
CA ILE C 113 -9.23 -7.30 37.99
C ILE C 113 -8.56 -6.38 39.01
N ARG C 114 -8.72 -5.06 38.82
CA ARG C 114 -8.17 -4.07 39.74
C ARG C 114 -8.71 -4.31 41.15
N ASP C 115 -10.03 -4.52 41.24
CA ASP C 115 -10.69 -4.72 42.52
C ASP C 115 -10.23 -6.01 43.18
N MET C 116 -9.98 -7.04 42.36
CA MET C 116 -9.61 -8.36 42.86
C MET C 116 -8.21 -8.32 43.48
N VAL C 117 -7.37 -7.39 43.02
CA VAL C 117 -6.02 -7.24 43.54
C VAL C 117 -6.06 -6.50 44.88
N ASN C 118 -7.01 -5.56 45.01
CA ASN C 118 -7.14 -4.76 46.22
C ASN C 118 -7.55 -5.65 47.40
N VAL C 119 -8.56 -6.49 47.17
CA VAL C 119 -9.17 -7.29 48.22
C VAL C 119 -8.16 -8.35 48.72
N CYS C 120 -7.40 -8.93 47.79
CA CYS C 120 -6.44 -9.98 48.12
C CYS C 120 -5.25 -9.38 48.87
N GLU C 121 -5.12 -9.75 50.16
CA GLU C 121 -4.04 -9.30 51.01
C GLU C 121 -3.28 -10.51 51.55
N ASN C 128 -6.04 -10.81 58.97
CA ASN C 128 -6.91 -10.45 57.82
C ASN C 128 -7.47 -11.72 57.20
N PRO C 129 -8.64 -12.23 57.66
CA PRO C 129 -9.30 -13.36 57.02
C PRO C 129 -9.83 -13.03 55.62
N PRO C 130 -10.22 -14.04 54.81
CA PRO C 130 -10.78 -13.79 53.49
C PRO C 130 -12.21 -13.22 53.54
N SER C 131 -12.94 -13.53 54.62
CA SER C 131 -14.31 -13.10 54.79
C SER C 131 -14.36 -11.61 55.12
N LEU C 132 -13.58 -11.20 56.13
CA LEU C 132 -13.60 -9.83 56.63
C LEU C 132 -12.99 -8.89 55.60
N ALA C 133 -11.85 -9.29 55.03
CA ALA C 133 -11.14 -8.48 54.04
C ALA C 133 -12.09 -8.12 52.89
N LYS C 134 -12.95 -9.07 52.49
CA LYS C 134 -13.90 -8.85 51.42
C LYS C 134 -14.97 -7.85 51.84
N TYR C 135 -15.37 -7.88 53.12
CA TYR C 135 -16.35 -6.93 53.64
C TYR C 135 -15.75 -5.53 53.69
N ARG C 136 -14.53 -5.43 54.25
CA ARG C 136 -13.82 -4.16 54.37
C ARG C 136 -13.55 -3.56 53.00
N ALA C 137 -13.28 -4.41 52.00
CA ALA C 137 -12.92 -3.96 50.66
C ALA C 137 -14.06 -3.17 50.02
N LEU C 138 -15.30 -3.55 50.33
CA LEU C 138 -16.47 -2.87 49.79
C LEU C 138 -16.58 -1.46 50.36
N ARG C 139 -16.11 -1.27 51.60
CA ARG C 139 -16.21 -0.01 52.31
C ARG C 139 -17.67 0.45 52.30
N CYS C 140 -18.53 -0.36 52.95
CA CYS C 140 -19.96 -0.10 52.99
C CYS C 140 -20.58 -0.92 54.12
N LYS C 141 -21.67 -0.39 54.71
CA LYS C 141 -22.35 -1.04 55.81
C LYS C 141 -23.47 -1.92 55.28
N ILE C 142 -23.24 -3.23 55.26
CA ILE C 142 -24.25 -4.20 54.86
C ILE C 142 -24.70 -4.97 56.11
N GLU C 143 -26.00 -4.83 56.44
CA GLU C 143 -26.59 -5.48 57.60
C GLU C 143 -27.70 -6.43 57.14
N HIS C 144 -27.94 -7.48 57.94
CA HIS C 144 -28.98 -8.45 57.66
C HIS C 144 -30.27 -8.02 58.33
N VAL C 145 -31.41 -8.32 57.69
CA VAL C 145 -32.73 -8.05 58.24
C VAL C 145 -33.47 -9.38 58.40
N GLU C 146 -34.08 -9.57 59.58
CA GLU C 146 -34.82 -10.78 59.89
C GLU C 146 -36.19 -10.73 59.21
N GLN C 147 -36.83 -11.90 59.09
CA GLN C 147 -38.17 -12.01 58.52
C GLN C 147 -39.20 -11.60 59.58
N ASN C 148 -38.84 -11.77 60.86
CA ASN C 148 -39.74 -11.48 61.97
C ASN C 148 -39.99 -9.98 62.05
N THR C 149 -38.99 -9.17 61.68
CA THR C 149 -39.09 -7.72 61.74
C THR C 149 -40.12 -7.23 60.71
N GLU C 150 -40.72 -6.08 61.00
CA GLU C 150 -41.79 -5.51 60.19
C GLU C 150 -41.20 -4.66 59.07
N GLU C 151 -39.89 -4.39 59.14
CA GLU C 151 -39.16 -3.73 58.07
C GLU C 151 -39.12 -4.63 56.84
N PHE C 152 -38.98 -5.94 57.08
CA PHE C 152 -38.88 -6.94 56.02
C PHE C 152 -40.15 -6.95 55.18
N LEU C 153 -41.30 -6.87 55.86
CA LEU C 153 -42.60 -6.94 55.19
C LEU C 153 -42.84 -5.69 54.36
N ARG C 154 -42.31 -4.53 54.82
CA ARG C 154 -42.42 -3.29 54.08
C ARG C 154 -41.66 -3.41 52.77
N VAL C 155 -40.40 -3.84 52.85
CA VAL C 155 -39.52 -3.91 51.70
C VAL C 155 -40.07 -4.94 50.70
N ARG C 156 -40.55 -6.07 51.22
CA ARG C 156 -41.12 -7.12 50.38
C ARG C 156 -42.30 -6.56 49.59
N LYS C 157 -43.17 -5.80 50.27
CA LYS C 157 -44.39 -5.30 49.67
C LYS C 157 -44.07 -4.24 48.62
N GLU C 158 -43.11 -3.37 48.92
CA GLU C 158 -42.70 -2.32 48.00
C GLU C 158 -42.16 -2.95 46.70
N VAL C 159 -41.52 -4.12 46.83
CA VAL C 159 -41.04 -4.87 45.67
C VAL C 159 -42.24 -5.48 44.94
N LEU C 160 -43.14 -6.12 45.71
CA LEU C 160 -44.27 -6.84 45.13
C LEU C 160 -45.51 -5.94 45.13
N GLN C 161 -45.56 -5.01 44.16
CA GLN C 161 -46.73 -4.20 43.89
C GLN C 161 -46.97 -4.00 42.40
N ASN C 162 -45.97 -3.42 41.72
CA ASN C 162 -46.03 -3.23 40.28
C ASN C 162 -45.43 -4.50 39.67
N HIS C 163 -46.27 -5.54 39.54
CA HIS C 163 -45.84 -6.83 39.04
C HIS C 163 -46.66 -7.16 37.80
N HIS C 164 -46.14 -6.75 36.63
CA HIS C 164 -46.83 -6.96 35.36
C HIS C 164 -46.87 -8.45 35.04
N SER C 165 -45.69 -9.09 35.02
CA SER C 165 -45.59 -10.53 34.89
C SER C 165 -46.08 -11.20 36.18
N LYS C 166 -46.54 -12.45 36.07
CA LYS C 166 -47.08 -13.17 37.20
C LYS C 166 -46.30 -14.48 37.38
N SER C 167 -44.99 -14.33 37.62
CA SER C 167 -44.12 -15.45 37.96
C SER C 167 -43.92 -15.49 39.47
N PRO C 168 -43.83 -16.68 40.10
CA PRO C 168 -43.56 -16.79 41.54
C PRO C 168 -42.27 -16.08 41.96
N VAL C 169 -42.40 -15.10 42.86
CA VAL C 169 -41.26 -14.33 43.36
C VAL C 169 -40.88 -14.87 44.74
N ASP C 170 -39.66 -15.39 44.84
CA ASP C 170 -39.13 -15.90 46.10
C ASP C 170 -38.15 -14.89 46.68
N VAL C 171 -38.63 -14.11 47.66
CA VAL C 171 -37.80 -13.14 48.34
C VAL C 171 -37.08 -13.83 49.49
N LEU C 172 -35.82 -14.24 49.24
CA LEU C 172 -35.05 -14.99 50.21
C LEU C 172 -34.23 -14.32 51.32
N GLN C 173 -33.45 -13.30 50.94
CA GLN C 173 -32.73 -12.47 51.91
C GLN C 173 -32.85 -11.01 51.50
N ILE C 174 -32.93 -10.12 52.50
CA ILE C 174 -32.94 -8.68 52.29
C ILE C 174 -31.92 -8.05 53.22
N PHE C 175 -31.08 -7.17 52.66
CA PHE C 175 -30.01 -6.53 53.42
C PHE C 175 -30.14 -5.01 53.28
N ARG C 176 -29.89 -4.30 54.39
CA ARG C 176 -29.72 -2.86 54.38
C ARG C 176 -28.35 -2.55 53.78
N VAL C 177 -28.24 -1.39 53.11
CA VAL C 177 -26.98 -0.99 52.50
C VAL C 177 -26.96 0.53 52.37
N GLY C 178 -25.75 1.10 52.40
CA GLY C 178 -25.56 2.54 52.23
C GLY C 178 -24.08 2.90 52.22
N ARG C 179 -23.64 3.56 51.14
CA ARG C 179 -22.27 4.00 50.99
C ARG C 179 -22.00 5.19 51.89
N VAL C 180 -20.72 5.42 52.23
CA VAL C 180 -20.33 6.41 53.21
C VAL C 180 -20.38 7.80 52.58
N ASN C 181 -19.66 7.97 51.46
CA ASN C 181 -19.47 9.28 50.83
C ASN C 181 -20.65 9.62 49.93
N GLU C 182 -21.55 8.65 49.69
CA GLU C 182 -22.68 8.85 48.80
C GLU C 182 -23.79 9.61 49.52
N THR C 183 -24.07 9.21 50.77
CA THR C 183 -25.19 9.73 51.54
C THR C 183 -25.12 11.25 51.66
N THR C 184 -23.93 11.76 51.99
CA THR C 184 -23.73 13.19 52.21
C THR C 184 -23.83 13.94 50.89
N GLU C 185 -23.26 13.36 49.82
CA GLU C 185 -23.20 14.01 48.53
C GLU C 185 -24.55 13.89 47.80
N PHE C 186 -25.39 12.94 48.23
CA PHE C 186 -26.68 12.69 47.59
C PHE C 186 -27.52 13.97 47.60
N LEU C 187 -28.25 14.19 46.49
CA LEU C 187 -29.09 15.36 46.31
C LEU C 187 -30.45 15.11 46.95
N SER C 188 -30.52 15.30 48.27
CA SER C 188 -31.77 15.15 49.03
C SER C 188 -32.67 16.36 48.80
N LYS C 189 -32.06 17.54 48.65
CA LYS C 189 -32.77 18.79 48.50
C LYS C 189 -33.57 18.79 47.19
N LEU C 190 -33.04 18.10 46.16
CA LEU C 190 -33.76 17.94 44.91
C LEU C 190 -35.04 17.14 45.16
N GLY C 191 -36.13 17.54 44.50
CA GLY C 191 -37.46 17.02 44.79
C GLY C 191 -37.70 15.66 44.14
N ASN C 192 -38.83 15.05 44.49
CA ASN C 192 -39.28 13.79 43.93
C ASN C 192 -38.25 12.70 44.27
N VAL C 193 -38.05 12.48 45.56
CA VAL C 193 -37.15 11.46 46.07
C VAL C 193 -37.97 10.19 46.35
N ARG C 194 -38.04 9.30 45.35
CA ARG C 194 -38.80 8.06 45.47
C ARG C 194 -37.89 6.87 45.22
N PRO C 195 -38.11 5.73 45.91
CA PRO C 195 -37.31 4.52 45.69
C PRO C 195 -37.69 3.79 44.41
N LEU C 196 -36.70 3.16 43.78
CA LEU C 196 -36.90 2.39 42.56
C LEU C 196 -35.99 1.16 42.59
N LEU C 197 -36.21 0.25 41.63
CA LEU C 197 -35.45 -0.99 41.56
C LEU C 197 -34.43 -0.90 40.43
N HIS C 198 -33.18 -1.26 40.74
CA HIS C 198 -32.10 -1.30 39.76
C HIS C 198 -31.69 -2.75 39.51
N GLY C 199 -31.95 -3.23 38.29
CA GLY C 199 -31.53 -4.56 37.88
C GLY C 199 -30.05 -4.59 37.50
N SER C 200 -29.35 -5.63 37.94
CA SER C 200 -27.92 -5.78 37.69
C SER C 200 -27.51 -7.24 37.86
N PRO C 201 -26.51 -7.73 37.09
CA PRO C 201 -25.97 -9.07 37.29
C PRO C 201 -25.16 -9.16 38.60
N VAL C 202 -24.98 -10.40 39.07
CA VAL C 202 -24.40 -10.66 40.39
C VAL C 202 -22.91 -10.31 40.38
N GLN C 203 -22.27 -10.52 39.22
CA GLN C 203 -20.83 -10.32 39.08
C GLN C 203 -20.46 -8.85 39.33
N ASN C 204 -21.32 -7.93 38.90
CA ASN C 204 -21.02 -6.51 38.93
C ASN C 204 -21.24 -5.91 40.33
N ILE C 205 -21.90 -6.67 41.22
CA ILE C 205 -22.34 -6.15 42.51
C ILE C 205 -21.12 -5.66 43.30
N VAL C 206 -20.05 -6.45 43.31
CA VAL C 206 -18.85 -6.11 44.07
C VAL C 206 -18.41 -4.69 43.74
N GLY C 207 -18.45 -4.33 42.46
CA GLY C 207 -18.04 -3.02 42.00
C GLY C 207 -19.07 -1.94 42.39
N ILE C 208 -20.35 -2.29 42.29
CA ILE C 208 -21.43 -1.35 42.59
C ILE C 208 -21.36 -0.96 44.08
N LEU C 209 -21.08 -1.93 44.95
CA LEU C 209 -21.00 -1.68 46.38
C LEU C 209 -19.76 -0.86 46.73
N CYS C 210 -18.71 -0.98 45.90
CA CYS C 210 -17.48 -0.26 46.12
C CYS C 210 -17.61 1.20 45.68
N ARG C 211 -17.89 1.41 44.38
CA ARG C 211 -17.77 2.73 43.77
C ARG C 211 -19.14 3.39 43.63
N GLY C 212 -20.22 2.62 43.79
CA GLY C 212 -21.57 3.10 43.53
C GLY C 212 -21.96 2.94 42.07
N LEU C 213 -23.20 3.31 41.75
CA LEU C 213 -23.68 3.26 40.38
C LEU C 213 -23.06 4.40 39.58
N LEU C 214 -22.21 4.05 38.60
CA LEU C 214 -21.50 5.02 37.80
C LEU C 214 -22.19 5.17 36.44
N LEU C 215 -21.81 6.23 35.71
CA LEU C 215 -22.37 6.50 34.40
C LEU C 215 -21.72 5.58 33.36
N PRO C 216 -22.49 5.00 32.41
CA PRO C 216 -21.91 4.20 31.34
C PRO C 216 -21.00 5.03 30.42
N LYS C 217 -19.97 4.39 29.88
CA LYS C 217 -19.04 5.03 28.95
C LYS C 217 -19.70 5.11 27.57
N VAL C 218 -19.77 6.32 27.02
CA VAL C 218 -20.51 6.59 25.80
C VAL C 218 -19.80 5.91 24.62
N VAL C 219 -20.61 5.44 23.65
CA VAL C 219 -20.12 4.74 22.48
C VAL C 219 -20.75 5.39 21.25
N GLU C 220 -19.91 5.98 20.39
CA GLU C 220 -20.35 6.60 19.15
C GLU C 220 -20.63 5.52 18.11
N VAL C 229 -26.30 0.75 24.08
CA VAL C 229 -27.11 -0.32 24.74
C VAL C 229 -28.39 0.30 25.32
N GLY C 230 -28.26 1.47 25.93
CA GLY C 230 -29.40 2.17 26.50
C GLY C 230 -30.20 2.97 25.47
N ASN C 231 -31.52 2.98 25.65
CA ASN C 231 -32.42 3.65 24.72
C ASN C 231 -32.74 5.08 25.18
N LEU C 232 -32.25 5.44 26.38
CA LEU C 232 -32.40 6.79 26.89
C LEU C 232 -31.02 7.35 27.25
N GLY C 233 -30.05 7.15 26.34
CA GLY C 233 -28.72 7.70 26.49
C GLY C 233 -27.90 6.96 27.55
N SER C 234 -26.69 7.48 27.80
CA SER C 234 -25.78 6.89 28.76
C SER C 234 -26.10 7.42 30.16
N GLY C 235 -26.97 6.70 30.87
CA GLY C 235 -27.36 7.06 32.22
C GLY C 235 -27.59 5.82 33.10
N ILE C 236 -28.01 6.05 34.34
CA ILE C 236 -28.29 4.99 35.28
C ILE C 236 -29.78 4.65 35.18
N TYR C 237 -30.07 3.43 34.73
CA TYR C 237 -31.45 3.00 34.48
C TYR C 237 -32.03 2.35 35.73
N PHE C 238 -33.33 2.59 35.95
CA PHE C 238 -34.08 1.97 37.04
C PHE C 238 -35.45 1.54 36.51
N SER C 239 -36.26 0.96 37.40
CA SER C 239 -37.64 0.63 37.09
C SER C 239 -38.46 0.53 38.37
N ASP C 240 -39.76 0.86 38.27
CA ASP C 240 -40.69 0.70 39.37
C ASP C 240 -41.17 -0.76 39.42
N SER C 241 -41.27 -1.38 38.24
CA SER C 241 -41.71 -2.77 38.13
C SER C 241 -40.55 -3.72 38.43
N LEU C 242 -40.90 -4.89 38.98
CA LEU C 242 -39.92 -5.92 39.28
C LEU C 242 -39.71 -6.81 38.06
N SER C 243 -40.82 -7.15 37.37
CA SER C 243 -40.79 -8.02 36.21
C SER C 243 -39.82 -7.51 35.15
N THR C 244 -39.73 -6.19 35.02
CA THR C 244 -38.81 -5.56 34.08
C THR C 244 -37.37 -5.74 34.55
N SER C 245 -37.17 -5.73 35.87
CA SER C 245 -35.84 -5.82 36.46
C SER C 245 -35.30 -7.25 36.41
N ILE C 246 -36.18 -8.23 36.20
CA ILE C 246 -35.77 -9.62 36.10
C ILE C 246 -34.96 -9.84 34.83
N LYS C 247 -35.30 -9.11 33.76
CA LYS C 247 -34.62 -9.24 32.48
C LYS C 247 -33.19 -8.69 32.58
N TYR C 248 -33.00 -7.66 33.43
CA TYR C 248 -31.69 -7.11 33.70
C TYR C 248 -30.87 -8.11 34.52
N SER C 249 -31.39 -8.46 35.71
CA SER C 249 -30.67 -9.29 36.66
C SER C 249 -30.83 -10.76 36.31
N HIS C 250 -29.76 -11.35 35.73
CA HIS C 250 -29.72 -12.77 35.45
C HIS C 250 -29.39 -13.53 36.73
N PRO C 251 -29.63 -14.87 36.79
CA PRO C 251 -29.23 -15.68 37.94
C PRO C 251 -27.73 -15.74 38.12
N GLY C 252 -27.29 -16.00 39.36
CA GLY C 252 -25.89 -16.13 39.68
C GLY C 252 -25.33 -17.49 39.26
N GLU C 253 -23.99 -17.58 39.22
CA GLU C 253 -23.31 -18.81 38.87
C GLU C 253 -22.96 -19.60 40.13
N THR C 254 -22.51 -18.88 41.18
CA THR C 254 -22.03 -19.51 42.40
C THR C 254 -23.19 -20.08 43.20
N ASP C 255 -24.10 -19.20 43.65
CA ASP C 255 -25.21 -19.59 44.51
C ASP C 255 -26.39 -19.99 43.63
N GLY C 256 -26.76 -19.09 42.70
CA GLY C 256 -27.91 -19.30 41.83
C GLY C 256 -29.11 -18.46 42.29
N THR C 257 -28.86 -17.17 42.54
CA THR C 257 -29.87 -16.26 43.05
C THR C 257 -29.65 -14.87 42.46
N ARG C 258 -30.74 -14.23 42.01
CA ARG C 258 -30.69 -12.88 41.46
C ARG C 258 -30.50 -11.87 42.59
N LEU C 259 -29.71 -10.82 42.31
CA LEU C 259 -29.58 -9.69 43.20
C LEU C 259 -30.17 -8.44 42.51
N LEU C 260 -30.65 -7.50 43.33
CA LEU C 260 -31.33 -6.31 42.83
C LEU C 260 -31.26 -5.22 43.89
N LEU C 261 -30.91 -4.00 43.46
CA LEU C 261 -30.68 -2.89 44.37
C LEU C 261 -31.88 -1.94 44.35
N ILE C 262 -32.45 -1.69 45.54
CA ILE C 262 -33.45 -0.66 45.73
C ILE C 262 -32.72 0.62 46.15
N CYS C 263 -32.96 1.71 45.43
CA CYS C 263 -32.23 2.96 45.63
C CYS C 263 -33.21 4.14 45.64
N ASP C 264 -32.98 5.09 46.55
CA ASP C 264 -33.71 6.34 46.58
C ASP C 264 -33.18 7.24 45.47
N VAL C 265 -33.80 7.14 44.28
CA VAL C 265 -33.37 7.89 43.12
C VAL C 265 -34.10 9.24 43.11
N ALA C 266 -33.35 10.32 43.32
CA ALA C 266 -33.87 11.67 43.17
C ALA C 266 -33.96 12.00 41.68
N LEU C 267 -35.18 11.98 41.16
CA LEU C 267 -35.43 12.23 39.71
C LEU C 267 -36.07 13.61 39.54
N GLY C 268 -36.61 14.21 40.60
CA GLY C 268 -37.28 15.52 40.51
C GLY C 268 -38.06 15.64 39.23
N LYS C 269 -38.03 16.80 38.57
CA LYS C 269 -38.69 16.98 37.25
C LYS C 269 -38.38 15.75 36.40
N CYS C 270 -39.37 15.11 35.78
CA CYS C 270 -39.08 13.99 34.89
C CYS C 270 -39.86 14.16 33.58
N MET C 271 -39.15 14.03 32.46
CA MET C 271 -39.74 14.16 31.14
C MET C 271 -40.34 12.82 30.72
N ASP C 272 -41.67 12.78 30.56
CA ASP C 272 -42.37 11.60 30.09
C ASP C 272 -42.27 11.52 28.58
N LEU C 273 -41.11 11.04 28.09
CA LEU C 273 -40.86 10.94 26.66
C LEU C 273 -41.50 9.67 26.11
N HIS C 274 -41.99 9.77 24.87
CA HIS C 274 -42.55 8.64 24.13
C HIS C 274 -41.49 8.06 23.21
N GLU C 275 -40.84 8.94 22.44
CA GLU C 275 -39.82 8.55 21.47
C GLU C 275 -38.52 8.23 22.21
N LYS C 276 -37.65 7.46 21.56
CA LYS C 276 -36.32 7.16 22.08
C LYS C 276 -35.38 8.32 21.80
N ASP C 277 -34.26 8.35 22.52
CA ASP C 277 -33.25 9.39 22.34
C ASP C 277 -31.93 8.89 22.92
N PHE C 278 -30.98 8.60 22.03
CA PHE C 278 -29.72 7.95 22.39
C PHE C 278 -28.61 8.99 22.60
N SER C 279 -28.84 10.23 22.14
CA SER C 279 -27.82 11.26 22.13
C SER C 279 -27.70 11.95 23.49
N LEU C 280 -28.56 11.57 24.43
CA LEU C 280 -28.58 12.19 25.76
C LEU C 280 -27.39 11.68 26.57
N THR C 281 -26.29 12.46 26.55
CA THR C 281 -25.17 12.23 27.44
C THR C 281 -25.55 12.62 28.86
N GLU C 282 -26.40 13.65 28.97
CA GLU C 282 -26.95 14.12 30.23
C GLU C 282 -28.44 14.37 30.06
N ALA C 283 -29.11 14.75 31.15
CA ALA C 283 -30.55 14.90 31.17
C ALA C 283 -31.01 15.98 30.19
N PRO C 284 -32.28 15.96 29.73
CA PRO C 284 -32.80 16.98 28.82
C PRO C 284 -32.88 18.36 29.47
N PRO C 285 -33.08 19.44 28.68
CA PRO C 285 -33.08 20.80 29.23
C PRO C 285 -34.36 21.13 29.99
N GLY C 286 -34.21 21.50 31.26
CA GLY C 286 -35.33 21.93 32.10
C GLY C 286 -35.78 20.85 33.08
N TYR C 287 -35.34 19.60 32.85
CA TYR C 287 -35.79 18.47 33.65
C TYR C 287 -34.57 17.69 34.15
N ASP C 288 -34.78 16.90 35.22
CA ASP C 288 -33.69 16.26 35.95
C ASP C 288 -33.63 14.76 35.64
N SER C 289 -34.61 14.25 34.86
CA SER C 289 -34.68 12.83 34.58
C SER C 289 -35.57 12.57 33.37
N VAL C 290 -35.55 11.32 32.89
CA VAL C 290 -36.39 10.90 31.77
C VAL C 290 -37.12 9.63 32.19
N HIS C 291 -38.45 9.61 31.95
CA HIS C 291 -39.28 8.45 32.24
C HIS C 291 -39.71 7.81 30.93
N GLY C 292 -39.15 6.65 30.62
CA GLY C 292 -39.60 5.83 29.50
C GLY C 292 -40.99 5.54 30.01
N VAL C 293 -42.00 5.75 29.15
CA VAL C 293 -43.40 5.61 29.52
C VAL C 293 -43.67 4.25 28.88
N SER C 294 -44.06 3.27 29.71
CA SER C 294 -44.33 1.92 29.26
C SER C 294 -45.52 1.90 28.31
N ASP C 302 -42.33 3.60 22.27
CA ASP C 302 -41.44 2.53 21.86
C ASP C 302 -40.98 1.74 23.08
N PHE C 303 -40.99 2.40 24.26
CA PHE C 303 -40.57 1.79 25.50
C PHE C 303 -41.59 0.74 25.94
N GLU C 304 -41.12 -0.48 26.21
CA GLU C 304 -41.96 -1.54 26.72
C GLU C 304 -41.98 -1.48 28.25
N ASP C 305 -40.79 -1.42 28.85
CA ASP C 305 -40.65 -1.39 30.29
C ASP C 305 -40.70 0.05 30.80
N ASP C 306 -41.02 0.21 32.08
CA ASP C 306 -40.92 1.49 32.76
C ASP C 306 -39.45 1.76 33.08
N GLU C 307 -38.89 2.81 32.47
CA GLU C 307 -37.48 3.12 32.61
C GLU C 307 -37.30 4.54 33.12
N PHE C 308 -36.92 4.66 34.41
CA PHE C 308 -36.50 5.92 35.00
C PHE C 308 -34.99 6.05 34.86
N VAL C 309 -34.52 7.20 34.34
CA VAL C 309 -33.12 7.40 34.04
C VAL C 309 -32.65 8.73 34.60
N VAL C 310 -31.50 8.70 35.28
CA VAL C 310 -30.79 9.90 35.71
C VAL C 310 -29.40 9.85 35.11
N TYR C 311 -28.72 11.01 35.09
CA TYR C 311 -27.43 11.15 34.43
C TYR C 311 -26.41 11.77 35.37
N LYS C 312 -26.49 11.40 36.67
CA LYS C 312 -25.58 11.91 37.67
C LYS C 312 -25.32 10.81 38.70
N THR C 313 -24.10 10.80 39.25
CA THR C 313 -23.69 9.81 40.23
C THR C 313 -24.33 10.10 41.58
N ASN C 314 -24.60 11.39 41.86
CA ASN C 314 -25.07 11.84 43.16
C ASN C 314 -26.59 12.04 43.13
N GLN C 315 -27.27 11.51 42.10
CA GLN C 315 -28.72 11.49 42.06
C GLN C 315 -29.25 10.13 42.54
N VAL C 316 -28.35 9.29 43.07
CA VAL C 316 -28.72 7.95 43.52
C VAL C 316 -28.22 7.75 44.95
N LYS C 317 -28.98 6.94 45.70
CA LYS C 317 -28.59 6.54 47.05
C LYS C 317 -29.17 5.16 47.31
N MET C 318 -28.30 4.15 47.33
CA MET C 318 -28.71 2.76 47.46
C MET C 318 -29.11 2.49 48.91
N LYS C 319 -30.18 1.69 49.09
CA LYS C 319 -30.81 1.48 50.37
C LYS C 319 -30.80 -0.01 50.73
N TYR C 320 -31.31 -0.85 49.82
CA TYR C 320 -31.47 -2.26 50.11
C TYR C 320 -30.93 -3.12 48.97
N ILE C 321 -30.64 -4.39 49.29
CA ILE C 321 -30.24 -5.39 48.32
C ILE C 321 -31.19 -6.58 48.46
N ILE C 322 -31.86 -6.93 47.35
CA ILE C 322 -32.88 -7.97 47.37
C ILE C 322 -32.30 -9.24 46.73
N LYS C 323 -32.10 -10.26 47.56
CA LYS C 323 -31.69 -11.58 47.08
C LYS C 323 -32.94 -12.41 46.80
N PHE C 324 -33.17 -12.73 45.51
CA PHE C 324 -34.36 -13.46 45.11
C PHE C 324 -34.00 -14.46 44.01
N SER C 325 -34.93 -15.39 43.76
CA SER C 325 -34.73 -16.45 42.77
C SER C 325 -36.03 -16.72 42.02
N MET C 326 -35.91 -17.03 40.72
CA MET C 326 -37.05 -17.35 39.87
C MET C 326 -37.29 -18.85 39.91
N PRO C 327 -38.47 -19.33 39.43
CA PRO C 327 -38.74 -20.77 39.36
C PRO C 327 -37.61 -21.59 38.72
N GLY C 328 -37.10 -21.10 37.58
CA GLY C 328 -36.00 -21.75 36.88
C GLY C 328 -34.67 -21.55 37.59
N SER D 2 58.33 -18.40 42.65
CA SER D 2 59.36 -17.85 41.78
C SER D 2 58.74 -16.92 40.74
N GLU D 3 59.58 -16.35 39.90
CA GLU D 3 59.15 -15.44 38.84
C GLU D 3 58.38 -16.21 37.78
N GLN D 4 58.80 -17.45 37.51
CA GLN D 4 58.20 -18.29 36.48
C GLN D 4 56.83 -18.79 36.95
N LEU D 5 56.65 -18.94 38.27
CA LEU D 5 55.45 -19.53 38.82
C LEU D 5 54.30 -18.54 38.70
N GLN D 6 54.51 -17.33 39.23
CA GLN D 6 53.48 -16.29 39.24
C GLN D 6 53.11 -15.93 37.81
N ALA D 7 54.09 -15.98 36.89
CA ALA D 7 53.85 -15.72 35.49
C ALA D 7 52.84 -16.73 34.93
N LEU D 8 53.07 -18.01 35.21
CA LEU D 8 52.24 -19.09 34.67
C LEU D 8 50.89 -19.11 35.39
N LEU D 9 50.86 -18.66 36.65
CA LEU D 9 49.59 -18.53 37.37
C LEU D 9 48.72 -17.49 36.69
N LEU D 10 49.33 -16.40 36.23
CA LEU D 10 48.62 -15.37 35.48
C LEU D 10 48.13 -15.95 34.15
N GLU D 11 48.98 -16.76 33.50
CA GLU D 11 48.66 -17.33 32.19
C GLU D 11 47.38 -18.15 32.26
N GLU D 12 47.27 -19.01 33.28
CA GLU D 12 46.10 -19.87 33.45
C GLU D 12 44.86 -19.02 33.72
N VAL D 13 45.03 -17.92 34.47
CA VAL D 13 43.93 -17.04 34.82
C VAL D 13 43.52 -16.22 33.59
N MET D 14 44.52 -15.68 32.88
CA MET D 14 44.28 -14.84 31.72
C MET D 14 43.58 -15.64 30.62
N ASN D 15 44.05 -16.87 30.40
CA ASN D 15 43.59 -17.70 29.29
C ASN D 15 42.24 -18.34 29.60
N SER D 16 41.87 -18.41 30.88
CA SER D 16 40.62 -19.02 31.29
C SER D 16 39.47 -18.01 31.13
N SER D 17 39.04 -17.82 29.87
CA SER D 17 37.96 -16.90 29.57
C SER D 17 36.63 -17.63 29.69
N THR D 18 35.85 -17.28 30.73
CA THR D 18 34.55 -17.90 30.97
C THR D 18 33.95 -17.56 29.61
N LEU D 19 33.52 -18.59 28.88
CA LEU D 19 32.92 -18.43 27.53
C LEU D 19 31.89 -19.54 27.37
N SER D 20 30.66 -19.21 27.00
CA SER D 20 29.60 -20.20 26.83
C SER D 20 29.97 -21.15 25.70
N GLN D 21 29.52 -22.40 25.81
CA GLN D 21 29.83 -23.43 24.83
C GLN D 21 29.09 -23.15 23.51
N GLU D 22 27.92 -22.50 23.60
CA GLU D 22 27.12 -22.18 22.43
C GLU D 22 27.87 -21.17 21.55
N VAL D 23 28.53 -20.20 22.20
CA VAL D 23 29.32 -19.20 21.49
C VAL D 23 30.54 -19.88 20.87
N SER D 24 31.23 -20.72 21.66
CA SER D 24 32.40 -21.44 21.21
C SER D 24 32.08 -22.21 19.93
N ASP D 25 30.95 -22.94 19.93
CA ASP D 25 30.54 -23.76 18.81
C ASP D 25 30.14 -22.88 17.61
N LEU D 26 29.53 -21.72 17.91
CA LEU D 26 29.15 -20.78 16.86
C LEU D 26 30.40 -20.17 16.24
N VAL D 27 31.37 -19.81 17.08
CA VAL D 27 32.63 -19.23 16.63
C VAL D 27 33.38 -20.27 15.79
N GLU D 28 33.43 -21.51 16.29
CA GLU D 28 34.14 -22.59 15.61
C GLU D 28 33.50 -22.88 14.26
N MET D 29 32.17 -22.73 14.17
CA MET D 29 31.46 -23.02 12.93
C MET D 29 31.84 -22.03 11.84
N ILE D 30 31.61 -20.73 12.13
CA ILE D 30 31.74 -19.68 11.12
C ILE D 30 33.15 -19.68 10.53
N TRP D 31 34.17 -19.91 11.39
CA TRP D 31 35.55 -19.92 10.95
C TRP D 31 35.86 -21.19 10.17
N ALA D 32 35.25 -22.31 10.58
CA ALA D 32 35.37 -23.56 9.84
C ALA D 32 34.61 -23.45 8.52
N GLU D 33 33.47 -22.74 8.54
CA GLU D 33 32.66 -22.52 7.35
C GLU D 33 33.42 -21.64 6.36
N ALA D 34 34.04 -20.57 6.87
CA ALA D 34 34.82 -19.66 6.05
C ALA D 34 35.98 -20.41 5.40
N LEU D 35 36.71 -21.19 6.20
CA LEU D 35 37.82 -22.01 5.72
C LEU D 35 37.31 -22.99 4.67
N GLY D 36 36.12 -23.56 4.91
CA GLY D 36 35.51 -24.52 4.01
C GLY D 36 35.19 -23.92 2.64
N HIS D 37 34.75 -22.66 2.63
CA HIS D 37 34.41 -21.97 1.40
C HIS D 37 35.67 -21.72 0.55
N LEU D 38 36.77 -21.41 1.21
CA LEU D 38 38.04 -21.16 0.54
C LEU D 38 38.56 -22.46 -0.08
N GLU D 39 38.58 -23.53 0.72
CA GLU D 39 39.14 -24.80 0.29
C GLU D 39 38.23 -25.51 -0.72
N HIS D 40 37.04 -24.93 -0.96
CA HIS D 40 36.13 -25.44 -1.98
C HIS D 40 36.68 -25.17 -3.38
N MET D 41 37.50 -24.12 -3.52
CA MET D 41 38.10 -23.77 -4.80
C MET D 41 39.48 -23.15 -4.58
N LEU D 42 40.38 -23.93 -3.95
CA LEU D 42 41.78 -23.55 -3.78
C LEU D 42 42.64 -24.82 -3.76
N LEU D 43 43.71 -24.81 -4.58
CA LEU D 43 44.68 -25.89 -4.58
C LEU D 43 45.54 -25.79 -3.33
N LYS D 44 46.21 -24.64 -3.17
CA LYS D 44 47.10 -24.41 -2.05
C LYS D 44 46.28 -24.19 -0.78
N PRO D 45 46.59 -24.90 0.33
CA PRO D 45 46.00 -24.59 1.63
C PRO D 45 46.12 -23.13 2.02
N VAL D 46 45.18 -22.66 2.85
CA VAL D 46 45.04 -21.25 3.17
C VAL D 46 46.16 -20.82 4.13
N ASN D 47 46.65 -21.77 4.94
CA ASN D 47 47.67 -21.49 5.94
C ASN D 47 49.01 -21.17 5.26
N ARG D 48 49.22 -21.74 4.08
CA ARG D 48 50.46 -21.52 3.32
C ARG D 48 50.48 -20.11 2.73
N ILE D 49 49.29 -19.55 2.46
CA ILE D 49 49.19 -18.22 1.86
C ILE D 49 49.61 -17.18 2.90
N SER D 50 50.34 -16.16 2.45
CA SER D 50 50.89 -15.13 3.30
C SER D 50 50.18 -13.80 3.06
N LEU D 51 50.50 -12.79 3.88
CA LEU D 51 49.95 -11.45 3.75
C LEU D 51 50.47 -10.79 2.48
N ASN D 52 51.72 -11.10 2.11
CA ASN D 52 52.36 -10.51 0.94
C ASN D 52 51.58 -10.88 -0.32
N ASP D 53 51.28 -12.18 -0.49
CA ASP D 53 50.62 -12.69 -1.67
C ASP D 53 49.26 -12.03 -1.86
N VAL D 54 48.55 -11.79 -0.74
CA VAL D 54 47.21 -11.23 -0.77
C VAL D 54 47.26 -9.78 -1.23
N SER D 55 48.22 -9.02 -0.69
CA SER D 55 48.39 -7.61 -1.05
C SER D 55 48.75 -7.49 -2.53
N LYS D 56 49.64 -8.37 -3.00
CA LYS D 56 50.03 -8.44 -4.40
C LYS D 56 48.80 -8.74 -5.26
N ALA D 57 48.08 -9.81 -4.90
CA ALA D 57 46.90 -10.26 -5.63
C ALA D 57 45.98 -9.08 -5.90
N GLU D 58 45.56 -8.40 -4.82
CA GLU D 58 44.62 -7.29 -4.91
C GLU D 58 45.15 -6.21 -5.85
N GLY D 59 46.46 -5.95 -5.78
CA GLY D 59 47.10 -4.96 -6.63
C GLY D 59 46.97 -5.28 -8.11
N ILE D 60 47.13 -6.57 -8.46
CA ILE D 60 47.10 -7.01 -9.85
C ILE D 60 45.71 -6.75 -10.43
N LEU D 61 44.66 -7.00 -9.62
CA LEU D 61 43.29 -6.89 -10.06
C LEU D 61 42.99 -5.45 -10.50
N LEU D 62 43.47 -4.48 -9.73
CA LEU D 62 43.21 -3.06 -9.98
C LEU D 62 43.62 -2.69 -11.40
N LEU D 63 44.76 -3.24 -11.85
CA LEU D 63 45.28 -2.98 -13.18
C LEU D 63 44.40 -3.67 -14.23
N VAL D 64 43.96 -4.89 -13.92
CA VAL D 64 43.13 -5.67 -14.83
C VAL D 64 41.78 -5.00 -14.99
N LYS D 65 41.27 -4.42 -13.88
CA LYS D 65 40.00 -3.73 -13.88
C LYS D 65 40.05 -2.54 -14.84
N ALA D 66 41.10 -1.71 -14.69
CA ALA D 66 41.28 -0.53 -15.50
C ALA D 66 41.54 -0.91 -16.96
N ALA D 67 42.22 -2.05 -17.15
CA ALA D 67 42.60 -2.51 -18.48
C ALA D 67 41.35 -2.86 -19.30
N LEU D 68 40.35 -3.47 -18.64
CA LEU D 68 39.13 -3.88 -19.31
C LEU D 68 38.34 -2.65 -19.76
N LYS D 69 38.29 -1.62 -18.90
CA LYS D 69 37.58 -0.39 -19.20
C LYS D 69 38.30 0.38 -20.31
N ASN D 70 39.63 0.22 -20.37
CA ASN D 70 40.45 0.85 -21.40
C ASN D 70 40.12 0.19 -22.74
N GLY D 71 40.03 -1.16 -22.74
CA GLY D 71 39.69 -1.92 -23.93
C GLY D 71 40.92 -2.58 -24.53
N GLU D 72 41.69 -3.29 -23.69
CA GLU D 72 42.89 -3.98 -24.12
C GLU D 72 42.51 -5.32 -24.75
N THR D 73 43.50 -5.98 -25.36
CA THR D 73 43.33 -7.31 -25.90
C THR D 73 43.34 -8.32 -24.76
N ALA D 74 42.74 -9.48 -24.99
CA ALA D 74 42.64 -10.53 -23.99
C ALA D 74 44.02 -11.09 -23.66
N GLU D 75 44.87 -11.22 -24.69
CA GLU D 75 46.21 -11.76 -24.55
C GLU D 75 46.92 -11.15 -23.35
N GLN D 76 46.80 -9.82 -23.20
CA GLN D 76 47.47 -9.09 -22.13
C GLN D 76 46.81 -9.37 -20.79
N LEU D 77 45.48 -9.52 -20.79
CA LEU D 77 44.73 -9.81 -19.58
C LEU D 77 45.14 -11.17 -19.02
N GLN D 78 45.41 -12.14 -19.91
CA GLN D 78 45.76 -13.48 -19.53
C GLN D 78 47.04 -13.47 -18.70
N LYS D 79 48.10 -12.88 -19.26
CA LYS D 79 49.43 -12.90 -18.68
C LYS D 79 49.41 -12.27 -17.29
N MET D 80 48.59 -11.22 -17.11
CA MET D 80 48.43 -10.57 -15.83
C MET D 80 47.76 -11.52 -14.85
N MET D 81 46.68 -12.17 -15.31
CA MET D 81 45.86 -13.01 -14.46
C MET D 81 46.62 -14.28 -14.06
N THR D 82 47.51 -14.76 -14.94
CA THR D 82 48.30 -15.95 -14.65
C THR D 82 49.23 -15.70 -13.47
N GLU D 83 49.75 -14.46 -13.37
CA GLU D 83 50.59 -14.07 -12.24
C GLU D 83 49.75 -13.99 -10.97
N PHE D 84 48.50 -13.56 -11.12
CA PHE D 84 47.56 -13.54 -10.01
C PHE D 84 47.31 -14.96 -9.50
N TYR D 85 47.09 -15.90 -10.43
CA TYR D 85 46.75 -17.27 -10.08
C TYR D 85 47.97 -18.01 -9.51
N ARG D 86 49.18 -17.52 -9.80
CA ARG D 86 50.39 -18.12 -9.27
C ARG D 86 50.53 -17.82 -7.79
N LEU D 87 50.06 -16.65 -7.36
CA LEU D 87 50.08 -16.27 -5.96
C LEU D 87 48.93 -16.94 -5.21
N ILE D 88 47.75 -16.97 -5.85
CA ILE D 88 46.55 -17.58 -5.28
C ILE D 88 46.05 -18.66 -6.23
N PRO D 89 46.53 -19.92 -6.12
CA PRO D 89 46.10 -21.00 -7.02
C PRO D 89 44.64 -21.41 -6.87
N HIS D 90 43.94 -21.46 -8.02
CA HIS D 90 42.56 -21.94 -8.08
C HIS D 90 42.56 -23.35 -8.66
N LYS D 91 41.40 -24.02 -8.57
CA LYS D 91 41.19 -25.33 -9.18
C LYS D 91 39.90 -25.29 -9.99
N GLY D 92 39.73 -26.33 -10.82
CA GLY D 92 38.62 -26.39 -11.77
C GLY D 92 38.97 -25.70 -13.09
N THR D 93 37.93 -25.30 -13.83
CA THR D 93 38.10 -24.57 -15.07
C THR D 93 38.66 -23.18 -14.76
N MET D 94 39.57 -22.71 -15.61
CA MET D 94 40.21 -21.41 -15.45
C MET D 94 39.40 -20.35 -16.19
N PRO D 95 38.74 -19.40 -15.48
CA PRO D 95 37.94 -18.35 -16.15
C PRO D 95 38.93 -17.88 -17.21
N LYS D 96 38.48 -17.88 -18.46
CA LYS D 96 39.30 -17.51 -19.61
C LYS D 96 38.77 -16.13 -19.96
N GLU D 97 37.48 -15.88 -19.67
CA GLU D 97 36.85 -14.60 -19.93
C GLU D 97 36.93 -13.76 -18.65
N VAL D 98 37.76 -12.72 -18.68
CA VAL D 98 37.93 -11.82 -17.55
C VAL D 98 36.99 -10.64 -17.72
N ASN D 99 36.03 -10.50 -16.79
CA ASN D 99 35.05 -9.43 -16.83
C ASN D 99 35.05 -8.71 -15.48
N LEU D 100 34.26 -7.64 -15.39
CA LEU D 100 34.11 -6.87 -14.17
C LEU D 100 33.70 -7.77 -13.02
N GLY D 101 32.76 -8.69 -13.30
CA GLY D 101 32.21 -9.59 -12.30
C GLY D 101 33.26 -10.50 -11.67
N LEU D 102 34.10 -11.10 -12.52
CA LEU D 102 35.13 -12.03 -12.07
C LEU D 102 36.02 -11.35 -11.04
N LEU D 103 36.52 -10.16 -11.39
CA LEU D 103 37.46 -9.43 -10.56
C LEU D 103 36.86 -9.17 -9.17
N ALA D 104 35.56 -8.83 -9.14
CA ALA D 104 34.87 -8.55 -7.90
C ALA D 104 34.90 -9.78 -6.98
N LYS D 105 34.67 -10.96 -7.57
CA LYS D 105 34.67 -12.21 -6.83
C LYS D 105 36.09 -12.54 -6.36
N LYS D 106 37.08 -12.30 -7.24
CA LYS D 106 38.47 -12.54 -6.90
C LYS D 106 38.88 -11.67 -5.71
N ALA D 107 38.37 -10.42 -5.69
CA ALA D 107 38.67 -9.48 -4.62
C ALA D 107 38.09 -9.99 -3.30
N ASP D 108 36.86 -10.52 -3.35
CA ASP D 108 36.20 -11.04 -2.17
C ASP D 108 37.00 -12.21 -1.61
N LEU D 109 37.46 -13.10 -2.50
CA LEU D 109 38.20 -14.28 -2.11
C LEU D 109 39.46 -13.88 -1.34
N CYS D 110 40.17 -12.87 -1.85
CA CYS D 110 41.38 -12.36 -1.21
C CYS D 110 41.05 -11.91 0.21
N GLN D 111 39.99 -11.11 0.35
CA GLN D 111 39.62 -10.49 1.60
C GLN D 111 39.35 -11.56 2.66
N LEU D 112 38.75 -12.67 2.24
CA LEU D 112 38.51 -13.79 3.15
C LEU D 112 39.84 -14.42 3.56
N ILE D 113 40.75 -14.59 2.58
CA ILE D 113 42.05 -15.19 2.83
C ILE D 113 42.84 -14.31 3.79
N ARG D 114 42.68 -12.98 3.65
CA ARG D 114 43.35 -12.02 4.52
C ARG D 114 42.97 -12.29 5.97
N ASP D 115 41.67 -12.48 6.21
CA ASP D 115 41.15 -12.69 7.56
C ASP D 115 41.66 -14.01 8.13
N MET D 116 41.80 -15.02 7.26
CA MET D 116 42.20 -16.36 7.69
C MET D 116 43.65 -16.36 8.15
N VAL D 117 44.46 -15.43 7.61
CA VAL D 117 45.86 -15.32 7.98
C VAL D 117 45.99 -14.61 9.32
N ASN D 118 45.08 -13.65 9.59
CA ASN D 118 45.11 -12.87 10.82
C ASN D 118 44.81 -13.77 12.02
N VAL D 119 43.76 -14.60 11.90
CA VAL D 119 43.27 -15.42 13.00
C VAL D 119 44.31 -16.49 13.34
N CYS D 120 44.96 -17.07 12.33
CA CYS D 120 45.92 -18.14 12.53
C CYS D 120 47.19 -17.57 13.15
N GLU D 121 47.47 -17.98 14.40
CA GLU D 121 48.65 -17.56 15.12
C GLU D 121 49.45 -18.80 15.55
N ASN D 128 47.52 -19.27 23.45
CA ASN D 128 46.57 -18.80 22.42
C ASN D 128 45.91 -20.01 21.76
N PRO D 129 44.77 -20.51 22.31
CA PRO D 129 44.03 -21.62 21.71
C PRO D 129 43.38 -21.24 20.37
N PRO D 130 42.90 -22.24 19.58
CA PRO D 130 42.20 -21.95 18.33
C PRO D 130 40.80 -21.36 18.54
N SER D 131 40.19 -21.69 19.69
CA SER D 131 38.84 -21.24 20.02
C SER D 131 38.85 -19.76 20.38
N LEU D 132 39.74 -19.37 21.31
CA LEU D 132 39.80 -18.01 21.82
C LEU D 132 40.31 -17.06 20.74
N ALA D 133 41.36 -17.47 20.04
CA ALA D 133 41.97 -16.67 18.99
C ALA D 133 40.92 -16.26 17.96
N LYS D 134 39.99 -17.19 17.65
CA LYS D 134 38.93 -16.95 16.69
C LYS D 134 37.93 -15.92 17.25
N TYR D 135 37.68 -15.98 18.56
CA TYR D 135 36.78 -15.03 19.21
C TYR D 135 37.42 -13.63 19.21
N ARG D 136 38.69 -13.56 19.62
CA ARG D 136 39.43 -12.30 19.69
C ARG D 136 39.55 -11.67 18.29
N ALA D 137 39.69 -12.52 17.26
CA ALA D 137 39.91 -12.06 15.90
C ALA D 137 38.72 -11.24 15.40
N LEU D 138 37.50 -11.60 15.85
CA LEU D 138 36.28 -10.90 15.46
C LEU D 138 36.27 -9.50 16.04
N ARG D 139 36.88 -9.34 17.24
CA ARG D 139 36.88 -8.08 17.97
C ARG D 139 35.44 -7.60 18.13
N CYS D 140 34.65 -8.40 18.86
CA CYS D 140 33.24 -8.13 19.09
C CYS D 140 32.74 -8.96 20.26
N LYS D 141 31.75 -8.42 20.98
CA LYS D 141 31.20 -9.07 22.16
C LYS D 141 30.01 -9.92 21.74
N ILE D 142 30.21 -11.24 21.69
CA ILE D 142 29.14 -12.19 21.40
C ILE D 142 28.83 -12.97 22.68
N GLU D 143 27.59 -12.83 23.16
CA GLU D 143 27.13 -13.48 24.38
C GLU D 143 25.96 -14.40 24.04
N HIS D 144 25.80 -15.47 24.85
CA HIS D 144 24.72 -16.42 24.67
C HIS D 144 23.52 -15.99 25.52
N VAL D 145 22.32 -16.26 25.01
CA VAL D 145 21.08 -15.98 25.73
C VAL D 145 20.35 -17.30 25.96
N GLU D 146 19.88 -17.50 27.20
CA GLU D 146 19.17 -18.72 27.58
C GLU D 146 17.73 -18.63 27.08
N GLN D 147 17.06 -19.79 27.02
CA GLN D 147 15.66 -19.87 26.62
C GLN D 147 14.77 -19.46 27.80
N ASN D 148 15.28 -19.66 29.02
CA ASN D 148 14.54 -19.37 30.24
C ASN D 148 14.31 -17.87 30.39
N THR D 149 15.28 -17.07 29.90
CA THR D 149 15.21 -15.62 30.00
C THR D 149 14.08 -15.09 29.10
N GLU D 150 13.53 -13.94 29.50
CA GLU D 150 12.39 -13.34 28.83
C GLU D 150 12.86 -12.48 27.65
N GLU D 151 14.16 -12.23 27.56
CA GLU D 151 14.76 -11.56 26.42
C GLU D 151 14.64 -12.45 25.18
N PHE D 152 14.78 -13.76 25.39
CA PHE D 152 14.74 -14.74 24.31
C PHE D 152 13.36 -14.72 23.63
N LEU D 153 12.31 -14.64 24.45
CA LEU D 153 10.94 -14.68 23.95
C LEU D 153 10.62 -13.41 23.18
N ARG D 154 11.23 -12.28 23.57
CA ARG D 154 11.04 -11.01 22.88
C ARG D 154 11.62 -11.12 21.47
N VAL D 155 12.89 -11.58 21.40
CA VAL D 155 13.62 -11.64 20.13
C VAL D 155 12.93 -12.64 19.20
N ARG D 156 12.50 -13.78 19.76
CA ARG D 156 11.81 -14.80 19.00
C ARG D 156 10.56 -14.22 18.36
N LYS D 157 9.79 -13.47 19.16
CA LYS D 157 8.50 -12.95 18.73
C LYS D 157 8.71 -11.88 17.66
N GLU D 158 9.71 -11.01 17.85
CA GLU D 158 10.01 -9.96 16.89
C GLU D 158 10.37 -10.57 15.53
N VAL D 159 11.00 -11.75 15.56
CA VAL D 159 11.33 -12.48 14.34
C VAL D 159 10.05 -13.07 13.77
N LEU D 160 9.24 -13.72 14.62
CA LEU D 160 8.04 -14.42 14.18
C LEU D 160 6.82 -13.51 14.35
N GLN D 161 6.67 -12.57 13.41
CA GLN D 161 5.47 -11.74 13.31
C GLN D 161 5.07 -11.54 11.85
N ASN D 162 5.96 -10.91 11.08
CA ASN D 162 5.75 -10.70 9.65
C ASN D 162 6.26 -11.96 8.96
N HIS D 163 5.39 -12.99 8.91
CA HIS D 163 5.73 -14.28 8.34
C HIS D 163 4.77 -14.57 7.20
N HIS D 164 5.14 -14.14 5.98
CA HIS D 164 4.30 -14.31 4.80
C HIS D 164 4.20 -15.80 4.46
N SER D 165 5.36 -16.45 4.28
CA SER D 165 5.43 -17.88 4.10
C SER D 165 5.10 -18.57 5.42
N LYS D 166 4.61 -19.81 5.35
CA LYS D 166 4.22 -20.57 6.52
C LYS D 166 5.00 -21.88 6.58
N SER D 167 6.33 -21.75 6.65
CA SER D 167 7.22 -22.89 6.85
C SER D 167 7.62 -22.95 8.33
N PRO D 168 7.78 -24.16 8.91
CA PRO D 168 8.20 -24.30 10.31
C PRO D 168 9.54 -23.62 10.59
N VAL D 169 9.52 -22.66 11.52
CA VAL D 169 10.71 -21.92 11.89
C VAL D 169 11.25 -22.48 13.21
N ASP D 170 12.48 -23.02 13.16
CA ASP D 170 13.14 -23.56 14.33
C ASP D 170 14.19 -22.56 14.80
N VAL D 171 13.85 -21.79 15.85
CA VAL D 171 14.77 -20.83 16.44
C VAL D 171 15.62 -21.56 17.48
N LEU D 172 16.82 -21.98 17.08
CA LEU D 172 17.69 -22.77 17.93
C LEU D 172 18.55 -22.02 18.98
N GLN D 173 19.26 -20.98 18.54
CA GLN D 173 20.22 -20.30 19.38
C GLN D 173 20.10 -18.81 19.02
N ILE D 174 20.15 -17.95 20.03
CA ILE D 174 20.12 -16.51 19.84
C ILE D 174 21.27 -15.90 20.65
N PHE D 175 22.05 -15.03 20.00
CA PHE D 175 23.21 -14.41 20.63
C PHE D 175 23.10 -12.89 20.54
N ARG D 176 23.49 -12.21 21.62
CA ARG D 176 23.68 -10.76 21.61
C ARG D 176 24.97 -10.46 20.84
N VAL D 177 25.03 -9.30 20.19
CA VAL D 177 26.21 -8.90 19.44
C VAL D 177 26.24 -7.38 19.32
N GLY D 178 27.45 -6.83 19.20
CA GLY D 178 27.64 -5.40 19.04
C GLY D 178 29.12 -5.05 18.85
N ARG D 179 29.43 -4.38 17.73
CA ARG D 179 30.80 -3.97 17.43
C ARG D 179 31.17 -2.78 18.31
N VAL D 180 32.48 -2.59 18.49
CA VAL D 180 33.01 -1.61 19.44
C VAL D 180 32.92 -0.21 18.83
N ASN D 181 33.51 -0.04 17.64
CA ASN D 181 33.64 1.26 17.02
C ASN D 181 32.38 1.63 16.24
N GLU D 182 31.45 0.69 16.10
CA GLU D 182 30.22 0.92 15.35
C GLU D 182 29.21 1.69 16.20
N THR D 183 29.09 1.30 17.48
CA THR D 183 28.08 1.83 18.37
C THR D 183 28.20 3.35 18.50
N THR D 184 29.43 3.83 18.69
CA THR D 184 29.69 5.26 18.88
C THR D 184 29.46 6.02 17.58
N GLU D 185 29.88 5.44 16.45
CA GLU D 185 29.79 6.08 15.15
C GLU D 185 28.37 5.99 14.59
N PHE D 186 27.56 5.07 15.12
CA PHE D 186 26.20 4.85 14.64
C PHE D 186 25.39 6.13 14.76
N LEU D 187 24.53 6.38 13.75
CA LEU D 187 23.71 7.57 13.69
C LEU D 187 22.43 7.35 14.48
N SER D 188 22.53 7.53 15.82
CA SER D 188 21.39 7.39 16.71
C SER D 188 20.49 8.63 16.62
N LYS D 189 21.12 9.79 16.40
CA LYS D 189 20.40 11.06 16.34
C LYS D 189 19.45 11.09 15.14
N LEU D 190 19.83 10.40 14.05
CA LEU D 190 18.96 10.27 12.89
C LEU D 190 17.71 9.48 13.29
N GLY D 191 16.56 9.92 12.79
CA GLY D 191 15.27 9.41 13.23
C GLY D 191 14.92 8.07 12.61
N ASN D 192 13.82 7.48 13.10
CA ASN D 192 13.28 6.24 12.58
C ASN D 192 14.32 5.12 12.78
N VAL D 193 14.66 4.88 14.05
CA VAL D 193 15.61 3.83 14.43
C VAL D 193 14.81 2.58 14.79
N ARG D 194 14.59 1.70 13.81
CA ARG D 194 13.82 0.48 14.02
C ARG D 194 14.66 -0.73 13.64
N PRO D 195 14.50 -1.87 14.34
CA PRO D 195 15.24 -3.09 14.02
C PRO D 195 14.68 -3.80 12.79
N LEU D 196 15.58 -4.45 12.03
CA LEU D 196 15.21 -5.22 10.85
C LEU D 196 16.09 -6.45 10.76
N LEU D 197 15.75 -7.35 9.82
CA LEU D 197 16.46 -8.61 9.63
C LEU D 197 17.34 -8.52 8.38
N HIS D 198 18.62 -8.90 8.53
CA HIS D 198 19.56 -8.93 7.42
C HIS D 198 19.90 -10.39 7.10
N GLY D 199 19.51 -10.84 5.92
CA GLY D 199 19.85 -12.17 5.44
C GLY D 199 21.27 -12.21 4.88
N SER D 200 22.01 -13.27 5.21
CA SER D 200 23.39 -13.43 4.79
C SER D 200 23.80 -14.90 4.88
N PRO D 201 24.70 -15.39 3.98
CA PRO D 201 25.25 -16.74 4.10
C PRO D 201 26.20 -16.86 5.29
N VAL D 202 26.42 -18.11 5.72
CA VAL D 202 27.15 -18.40 6.95
C VAL D 202 28.63 -18.08 6.76
N GLN D 203 29.14 -18.27 5.53
CA GLN D 203 30.54 -18.09 5.21
C GLN D 203 30.97 -16.63 5.44
N ASN D 204 30.07 -15.68 5.15
CA ASN D 204 30.40 -14.27 5.16
C ASN D 204 30.36 -13.70 6.58
N ILE D 205 29.81 -14.46 7.53
CA ILE D 205 29.55 -13.96 8.87
C ILE D 205 30.85 -13.51 9.52
N VAL D 206 31.92 -14.31 9.39
CA VAL D 206 33.20 -14.01 10.00
C VAL D 206 33.62 -12.58 9.65
N GLY D 207 33.43 -12.20 8.37
CA GLY D 207 33.79 -10.88 7.90
C GLY D 207 32.85 -9.81 8.42
N ILE D 208 31.55 -10.14 8.48
CA ILE D 208 30.53 -9.19 8.92
C ILE D 208 30.78 -8.83 10.39
N LEU D 209 31.16 -9.82 11.20
CA LEU D 209 31.40 -9.59 12.62
C LEU D 209 32.69 -8.79 12.82
N CYS D 210 33.62 -8.90 11.87
CA CYS D 210 34.90 -8.20 11.96
C CYS D 210 34.72 -6.73 11.57
N ARG D 211 34.29 -6.50 10.31
CA ARG D 211 34.35 -5.18 9.70
C ARG D 211 32.99 -4.50 9.72
N GLY D 212 31.92 -5.26 10.01
CA GLY D 212 30.56 -4.75 9.92
C GLY D 212 29.99 -4.89 8.52
N LEU D 213 28.72 -4.50 8.35
CA LEU D 213 28.06 -4.54 7.05
C LEU D 213 28.60 -3.41 6.18
N LEU D 214 29.33 -3.77 5.11
CA LEU D 214 29.94 -2.81 4.21
C LEU D 214 29.09 -2.66 2.96
N LEU D 215 29.38 -1.60 2.18
CA LEU D 215 28.66 -1.32 0.95
C LEU D 215 29.15 -2.25 -0.15
N PRO D 216 28.25 -2.80 -1.00
CA PRO D 216 28.68 -3.60 -2.16
C PRO D 216 29.47 -2.78 -3.18
N LYS D 217 30.42 -3.45 -3.84
CA LYS D 217 31.30 -2.80 -4.81
C LYS D 217 30.54 -2.62 -6.13
N VAL D 218 30.49 -1.38 -6.61
CA VAL D 218 29.68 -1.02 -7.76
C VAL D 218 30.26 -1.67 -9.01
N VAL D 219 29.37 -2.05 -9.94
CA VAL D 219 29.75 -2.70 -11.19
C VAL D 219 29.06 -1.97 -12.35
N GLU D 220 29.87 -1.36 -13.22
CA GLU D 220 29.36 -0.63 -14.37
C GLU D 220 28.93 -1.63 -15.46
N VAL D 229 23.14 -6.98 -8.95
CA VAL D 229 22.39 -8.02 -8.18
C VAL D 229 21.27 -7.38 -7.39
N GLY D 230 21.54 -6.21 -6.78
CA GLY D 230 20.54 -5.46 -6.03
C GLY D 230 19.64 -4.62 -6.95
N ASN D 231 18.34 -4.55 -6.60
CA ASN D 231 17.36 -3.86 -7.41
C ASN D 231 17.15 -2.44 -6.90
N LEU D 232 17.79 -2.10 -5.77
CA LEU D 232 17.76 -0.75 -5.22
C LEU D 232 19.19 -0.22 -5.05
N GLY D 233 20.02 -0.44 -6.09
CA GLY D 233 21.38 0.07 -6.10
C GLY D 233 22.31 -0.69 -5.16
N SER D 234 23.56 -0.21 -5.07
CA SER D 234 24.57 -0.82 -4.22
C SER D 234 24.44 -0.29 -2.80
N GLY D 235 23.66 -1.01 -1.98
CA GLY D 235 23.45 -0.64 -0.59
C GLY D 235 23.30 -1.88 0.30
N ILE D 236 23.06 -1.64 1.60
CA ILE D 236 22.88 -2.71 2.56
C ILE D 236 21.38 -3.02 2.64
N TYR D 237 21.00 -4.23 2.23
CA TYR D 237 19.59 -4.62 2.16
C TYR D 237 19.16 -5.28 3.46
N PHE D 238 17.91 -5.00 3.85
CA PHE D 238 17.29 -5.61 5.02
C PHE D 238 15.86 -6.01 4.67
N SER D 239 15.15 -6.59 5.65
CA SER D 239 13.74 -6.89 5.52
C SER D 239 13.10 -7.00 6.90
N ASP D 240 11.80 -6.66 6.97
CA ASP D 240 11.02 -6.83 8.18
C ASP D 240 10.52 -8.28 8.27
N SER D 241 10.26 -8.88 7.10
CA SER D 241 9.79 -10.25 7.01
C SER D 241 10.96 -11.22 7.14
N LEU D 242 10.68 -12.40 7.71
CA LEU D 242 11.67 -13.46 7.87
C LEU D 242 11.70 -14.32 6.61
N SER D 243 10.52 -14.62 6.06
CA SER D 243 10.38 -15.49 4.89
C SER D 243 11.23 -14.97 3.73
N THR D 244 11.32 -13.64 3.61
CA THR D 244 12.11 -13.00 2.58
C THR D 244 13.60 -13.20 2.85
N SER D 245 13.97 -13.22 4.14
CA SER D 245 15.36 -13.34 4.56
C SER D 245 15.87 -14.77 4.42
N ILE D 246 14.96 -15.74 4.30
CA ILE D 246 15.33 -17.14 4.13
C ILE D 246 15.98 -17.34 2.77
N LYS D 247 15.51 -16.59 1.76
CA LYS D 247 16.03 -16.71 0.40
C LYS D 247 17.47 -16.18 0.34
N TYR D 248 17.77 -15.17 1.16
CA TYR D 248 19.11 -14.64 1.28
C TYR D 248 20.02 -15.66 1.98
N SER D 249 19.65 -16.02 3.21
CA SER D 249 20.47 -16.87 4.06
C SER D 249 20.26 -18.34 3.69
N HIS D 250 21.24 -18.93 2.99
CA HIS D 250 21.24 -20.35 2.68
C HIS D 250 21.72 -21.13 3.90
N PRO D 251 21.45 -22.47 3.96
CA PRO D 251 21.98 -23.30 5.04
C PRO D 251 23.51 -23.38 5.03
N GLY D 252 24.08 -23.66 6.21
CA GLY D 252 25.52 -23.82 6.36
C GLY D 252 26.00 -25.18 5.84
N GLU D 253 27.31 -25.29 5.64
CA GLU D 253 27.94 -26.52 5.19
C GLU D 253 28.42 -27.34 6.40
N THR D 254 29.00 -26.64 7.38
CA THR D 254 29.63 -27.29 8.52
C THR D 254 28.55 -27.87 9.46
N ASP D 255 27.73 -26.98 10.03
CA ASP D 255 26.72 -27.36 11.00
C ASP D 255 25.43 -27.73 10.27
N GLY D 256 24.97 -26.82 9.40
CA GLY D 256 23.72 -27.00 8.69
C GLY D 256 22.60 -26.16 9.30
N THR D 257 22.89 -24.87 9.53
CA THR D 257 21.96 -23.96 10.18
C THR D 257 22.13 -22.57 9.59
N ARG D 258 21.00 -21.91 9.30
CA ARG D 258 21.01 -20.55 8.76
C ARG D 258 21.35 -19.56 9.87
N LEU D 259 22.11 -18.51 9.52
CA LEU D 259 22.36 -17.39 10.40
C LEU D 259 21.71 -16.14 9.81
N LEU D 260 21.34 -15.21 10.69
CA LEU D 260 20.62 -14.00 10.30
C LEU D 260 20.85 -12.93 11.36
N LEU D 261 21.15 -11.70 10.91
CA LEU D 261 21.51 -10.61 11.80
C LEU D 261 20.35 -9.65 11.94
N ILE D 262 19.93 -9.41 13.19
CA ILE D 262 18.97 -8.36 13.51
C ILE D 262 19.77 -7.10 13.86
N CYS D 263 19.46 -5.99 13.19
CA CYS D 263 20.23 -4.75 13.31
C CYS D 263 19.29 -3.56 13.45
N ASP D 264 19.65 -2.62 14.34
CA ASP D 264 18.95 -1.36 14.47
C ASP D 264 19.36 -0.46 13.30
N VAL D 265 18.60 -0.54 12.20
CA VAL D 265 18.89 0.23 11.00
C VAL D 265 18.20 1.59 11.10
N ALA D 266 19.00 2.65 11.22
CA ALA D 266 18.49 4.01 11.16
C ALA D 266 18.22 4.36 9.69
N LEU D 267 16.95 4.38 9.32
CA LEU D 267 16.52 4.66 7.93
C LEU D 267 15.93 6.07 7.85
N GLY D 268 15.56 6.67 8.97
CA GLY D 268 14.93 8.01 9.00
C GLY D 268 13.94 8.14 7.87
N LYS D 269 13.96 9.26 7.15
CA LYS D 269 13.05 9.47 5.99
C LYS D 269 13.27 8.29 5.05
N CYS D 270 12.21 7.67 4.53
CA CYS D 270 12.34 6.56 3.61
C CYS D 270 11.41 6.75 2.41
N MET D 271 11.98 6.62 1.21
CA MET D 271 11.22 6.78 -0.02
C MET D 271 10.55 5.45 -0.37
N ASP D 272 9.20 5.45 -0.35
CA ASP D 272 8.42 4.29 -0.72
C ASP D 272 8.32 4.23 -2.25
N LEU D 273 9.39 3.71 -2.89
CA LEU D 273 9.46 3.62 -4.33
C LEU D 273 8.70 2.38 -4.81
N HIS D 274 8.07 2.51 -5.97
CA HIS D 274 7.38 1.40 -6.63
C HIS D 274 8.30 0.80 -7.69
N GLU D 275 8.87 1.66 -8.53
CA GLU D 275 9.74 1.25 -9.62
C GLU D 275 11.12 0.89 -9.06
N LYS D 276 11.87 0.10 -9.83
CA LYS D 276 13.24 -0.25 -9.48
C LYS D 276 14.17 0.90 -9.88
N ASP D 277 15.38 0.90 -9.32
CA ASP D 277 16.38 1.92 -9.62
C ASP D 277 17.76 1.38 -9.23
N PHE D 278 18.58 1.06 -10.23
CA PHE D 278 19.85 0.38 -10.03
C PHE D 278 21.01 1.38 -9.97
N SER D 279 20.75 2.64 -10.38
CA SER D 279 21.80 3.63 -10.52
C SER D 279 22.11 4.31 -9.18
N LEU D 280 21.37 3.94 -8.13
CA LEU D 280 21.54 4.54 -6.82
C LEU D 280 22.81 4.02 -6.17
N THR D 281 23.91 4.76 -6.32
CA THR D 281 25.14 4.50 -5.59
C THR D 281 24.94 4.89 -4.13
N GLU D 282 24.15 5.95 -3.91
CA GLU D 282 23.79 6.42 -2.58
C GLU D 282 22.29 6.70 -2.56
N ALA D 283 21.77 7.10 -1.39
CA ALA D 283 20.34 7.27 -1.18
C ALA D 283 19.80 8.37 -2.09
N PRO D 284 18.48 8.39 -2.38
CA PRO D 284 17.88 9.44 -3.21
C PRO D 284 17.90 10.80 -2.54
N PRO D 285 17.64 11.90 -3.30
CA PRO D 285 17.75 13.25 -2.75
C PRO D 285 16.58 13.61 -1.83
N GLY D 286 16.91 13.98 -0.59
CA GLY D 286 15.93 14.42 0.39
C GLY D 286 15.57 13.35 1.42
N TYR D 287 15.95 12.09 1.13
CA TYR D 287 15.58 10.96 1.98
C TYR D 287 16.83 10.14 2.32
N ASP D 288 16.74 9.35 3.40
CA ASP D 288 17.88 8.68 3.98
C ASP D 288 17.87 7.19 3.65
N SER D 289 16.79 6.71 3.00
CA SER D 289 16.64 5.29 2.73
C SER D 289 15.59 5.06 1.65
N VAL D 290 15.52 3.82 1.16
CA VAL D 290 14.55 3.42 0.16
C VAL D 290 13.84 2.16 0.65
N HIS D 291 12.49 2.18 0.61
CA HIS D 291 11.68 1.04 0.99
C HIS D 291 11.06 0.43 -0.26
N GLY D 292 11.55 -0.75 -0.64
CA GLY D 292 10.94 -1.53 -1.71
C GLY D 292 9.62 -1.86 -1.04
N VAL D 293 8.52 -1.52 -1.72
CA VAL D 293 7.18 -1.67 -1.17
C VAL D 293 6.78 -3.01 -1.77
N SER D 294 6.48 -3.98 -0.90
CA SER D 294 6.12 -5.33 -1.33
C SER D 294 4.81 -5.29 -2.10
N GLN D 295 4.58 -6.35 -2.90
CA GLN D 295 3.40 -6.43 -3.74
C GLN D 295 2.18 -6.70 -2.87
N THR D 296 1.32 -5.67 -2.74
CA THR D 296 0.17 -5.72 -1.84
C THR D 296 -1.12 -5.78 -2.66
N ALA D 297 -2.18 -6.24 -1.97
CA ALA D 297 -3.54 -6.28 -2.54
C ALA D 297 -3.47 -5.01 -3.34
N SER D 298 -3.64 -5.04 -4.66
CA SER D 298 -3.79 -3.83 -5.52
C SER D 298 -2.84 -2.61 -5.48
N VAL D 299 -1.50 -2.73 -5.39
CA VAL D 299 -0.60 -1.61 -5.57
C VAL D 299 0.55 -2.08 -6.47
N THR D 300 0.79 -1.32 -7.54
CA THR D 300 1.73 -1.72 -8.58
C THR D 300 3.17 -1.52 -8.10
N THR D 301 3.84 -2.62 -7.74
CA THR D 301 5.25 -2.61 -7.40
C THR D 301 5.95 -3.82 -7.99
N ASP D 302 7.16 -3.61 -8.50
CA ASP D 302 7.97 -4.69 -9.04
C ASP D 302 8.57 -5.52 -7.90
N PHE D 303 8.73 -4.88 -6.73
CA PHE D 303 9.32 -5.52 -5.56
C PHE D 303 8.32 -6.53 -4.99
N GLU D 304 8.80 -7.77 -4.81
CA GLU D 304 8.01 -8.82 -4.19
C GLU D 304 8.20 -8.78 -2.68
N ASP D 305 9.47 -8.75 -2.25
CA ASP D 305 9.83 -8.74 -0.84
C ASP D 305 9.87 -7.31 -0.32
N ASP D 306 9.74 -7.17 1.00
CA ASP D 306 9.96 -5.89 1.67
C ASP D 306 11.45 -5.65 1.80
N GLU D 307 11.95 -4.61 1.13
CA GLU D 307 13.38 -4.33 1.08
C GLU D 307 13.65 -2.93 1.58
N PHE D 308 14.20 -2.83 2.80
CA PHE D 308 14.72 -1.58 3.33
C PHE D 308 16.21 -1.49 3.01
N VAL D 309 16.62 -0.35 2.45
CA VAL D 309 17.99 -0.18 1.95
C VAL D 309 18.55 1.14 2.46
N VAL D 310 19.78 1.08 3.00
CA VAL D 310 20.57 2.26 3.35
C VAL D 310 21.88 2.18 2.57
N TYR D 311 22.57 3.33 2.46
CA TYR D 311 23.76 3.43 1.64
C TYR D 311 24.90 4.04 2.46
N LYS D 312 24.98 3.65 3.75
CA LYS D 312 26.02 4.13 4.64
C LYS D 312 26.39 3.02 5.62
N THR D 313 27.67 2.98 6.01
CA THR D 313 28.18 1.97 6.92
C THR D 313 27.71 2.26 8.35
N ASN D 314 27.52 3.55 8.66
CA ASN D 314 27.22 4.00 10.02
C ASN D 314 25.72 4.23 10.19
N GLN D 315 24.91 3.71 9.25
CA GLN D 315 23.46 3.73 9.39
C GLN D 315 22.96 2.39 9.94
N VAL D 316 23.89 1.52 10.35
CA VAL D 316 23.56 0.18 10.82
C VAL D 316 24.22 -0.04 12.17
N LYS D 317 23.55 -0.84 13.02
CA LYS D 317 24.08 -1.27 14.30
C LYS D 317 23.53 -2.64 14.62
N MET D 318 24.37 -3.67 14.52
CA MET D 318 23.95 -5.05 14.70
C MET D 318 23.72 -5.33 16.18
N LYS D 319 22.67 -6.11 16.46
CA LYS D 319 22.20 -6.33 17.83
C LYS D 319 22.21 -7.82 18.16
N TYR D 320 21.60 -8.64 17.31
CA TYR D 320 21.43 -10.07 17.59
C TYR D 320 21.82 -10.91 16.39
N ILE D 321 22.12 -12.19 16.65
CA ILE D 321 22.39 -13.19 15.63
C ILE D 321 21.45 -14.37 15.86
N ILE D 322 20.63 -14.69 14.85
CA ILE D 322 19.62 -15.72 14.96
C ILE D 322 20.09 -16.97 14.24
N LYS D 323 20.37 -18.02 15.02
CA LYS D 323 20.71 -19.33 14.48
C LYS D 323 19.43 -20.14 14.34
N PHE D 324 19.04 -20.44 13.09
CA PHE D 324 17.80 -21.15 12.82
C PHE D 324 18.02 -22.13 11.67
N SER D 325 17.04 -23.05 11.51
CA SER D 325 17.11 -24.09 10.49
C SER D 325 15.73 -24.34 9.90
N MET D 326 15.69 -24.63 8.60
CA MET D 326 14.46 -24.92 7.89
C MET D 326 14.20 -26.43 7.93
N PRO D 327 12.98 -26.90 7.59
CA PRO D 327 12.69 -28.34 7.53
C PRO D 327 13.72 -29.15 6.74
N GLY D 328 14.09 -28.64 5.55
CA GLY D 328 15.09 -29.28 4.71
C GLY D 328 16.49 -29.09 5.27
N SER E 2 2.34 7.78 12.62
CA SER E 2 3.19 6.85 11.89
C SER E 2 3.42 5.59 12.73
N GLU E 3 4.18 4.65 12.18
CA GLU E 3 4.48 3.39 12.84
C GLU E 3 5.38 3.63 14.05
N GLN E 4 6.30 4.61 13.93
CA GLN E 4 7.25 4.91 14.99
C GLN E 4 6.55 5.62 16.15
N LEU E 5 5.48 6.35 15.85
CA LEU E 5 4.81 7.17 16.85
C LEU E 5 4.03 6.28 17.80
N GLN E 6 3.16 5.44 17.24
CA GLN E 6 2.30 4.55 18.02
C GLN E 6 3.16 3.60 18.84
N ALA E 7 4.31 3.20 18.28
CA ALA E 7 5.25 2.33 18.97
C ALA E 7 5.75 3.01 20.24
N LEU E 8 6.16 4.28 20.13
CA LEU E 8 6.73 5.02 21.25
C LEU E 8 5.63 5.41 22.24
N LEU E 9 4.39 5.58 21.74
CA LEU E 9 3.25 5.83 22.61
C LEU E 9 3.03 4.63 23.52
N LEU E 10 3.17 3.42 22.96
CA LEU E 10 3.06 2.20 23.73
C LEU E 10 4.19 2.11 24.75
N GLU E 11 5.41 2.52 24.33
CA GLU E 11 6.59 2.44 25.18
C GLU E 11 6.39 3.25 26.44
N GLU E 12 5.89 4.48 26.31
CA GLU E 12 5.66 5.36 27.45
C GLU E 12 4.60 4.77 28.38
N VAL E 13 3.58 4.12 27.78
CA VAL E 13 2.50 3.53 28.54
C VAL E 13 2.98 2.26 29.24
N MET E 14 3.72 1.42 28.49
CA MET E 14 4.20 0.14 28.99
C MET E 14 5.18 0.38 30.15
N ASN E 15 6.07 1.36 29.98
CA ASN E 15 7.16 1.59 30.92
C ASN E 15 6.67 2.35 32.16
N SER E 16 5.50 3.02 32.05
CA SER E 16 4.96 3.78 33.15
C SER E 16 4.23 2.85 34.12
N SER E 17 5.01 2.15 34.96
CA SER E 17 4.50 1.42 36.09
C SER E 17 4.34 2.36 37.29
N THR E 18 3.08 2.67 37.59
CA THR E 18 2.72 3.58 38.71
C THR E 18 3.65 3.14 39.83
N LEU E 19 4.46 4.06 40.35
CA LEU E 19 5.39 3.76 41.42
C LEU E 19 5.49 5.19 41.98
N SER E 20 5.81 5.32 43.27
CA SER E 20 5.90 6.61 43.94
C SER E 20 7.16 7.36 43.48
N GLN E 21 7.04 8.69 43.38
CA GLN E 21 8.10 9.52 42.84
C GLN E 21 9.24 9.61 43.85
N GLU E 22 8.93 9.48 45.14
CA GLU E 22 9.94 9.56 46.19
C GLU E 22 10.88 8.37 46.08
N VAL E 23 10.32 7.18 45.78
CA VAL E 23 11.11 5.97 45.61
C VAL E 23 11.95 6.12 44.34
N SER E 24 11.32 6.57 43.25
CA SER E 24 12.00 6.76 41.97
C SER E 24 13.24 7.64 42.17
N ASP E 25 13.07 8.76 42.88
CA ASP E 25 14.14 9.71 43.10
C ASP E 25 15.20 9.12 44.01
N LEU E 26 14.78 8.31 44.99
CA LEU E 26 15.70 7.64 45.91
C LEU E 26 16.51 6.60 45.13
N VAL E 27 15.82 5.83 44.27
CA VAL E 27 16.46 4.81 43.47
C VAL E 27 17.45 5.46 42.51
N GLU E 28 17.02 6.55 41.87
CA GLU E 28 17.85 7.26 40.90
C GLU E 28 19.09 7.84 41.57
N MET E 29 18.95 8.25 42.84
CA MET E 29 20.05 8.86 43.57
C MET E 29 21.15 7.84 43.83
N ILE E 30 20.78 6.74 44.52
CA ILE E 30 21.75 5.77 45.02
C ILE E 30 22.57 5.21 43.85
N TRP E 31 21.92 4.97 42.71
CA TRP E 31 22.59 4.40 41.55
C TRP E 31 23.45 5.47 40.86
N ALA E 32 22.99 6.72 40.88
CA ALA E 32 23.78 7.83 40.38
C ALA E 32 24.95 8.09 41.33
N GLU E 33 24.72 7.92 42.63
CA GLU E 33 25.73 8.10 43.65
C GLU E 33 26.80 7.02 43.51
N ALA E 34 26.36 5.77 43.31
CA ALA E 34 27.26 4.64 43.13
C ALA E 34 28.14 4.86 41.90
N LEU E 35 27.50 5.24 40.78
CA LEU E 35 28.20 5.54 39.55
C LEU E 35 29.19 6.68 39.77
N GLY E 36 28.77 7.69 40.56
CA GLY E 36 29.59 8.85 40.86
C GLY E 36 30.86 8.48 41.62
N HIS E 37 30.75 7.51 42.54
CA HIS E 37 31.87 7.06 43.35
C HIS E 37 32.91 6.35 42.48
N LEU E 38 32.43 5.58 41.50
CA LEU E 38 33.30 4.85 40.59
C LEU E 38 34.05 5.83 39.70
N GLU E 39 33.32 6.77 39.09
CA GLU E 39 33.89 7.71 38.14
C GLU E 39 34.76 8.75 38.84
N HIS E 40 34.77 8.75 40.17
CA HIS E 40 35.64 9.62 40.96
C HIS E 40 37.10 9.18 40.82
N MET E 41 37.33 7.89 40.56
CA MET E 41 38.68 7.37 40.39
C MET E 41 38.68 6.22 39.38
N LEU E 42 38.25 6.53 38.14
CA LEU E 42 38.30 5.59 37.04
C LEU E 42 38.50 6.38 35.74
N LEU E 43 39.49 5.97 34.93
CA LEU E 43 39.70 6.54 33.62
C LEU E 43 38.62 6.04 32.66
N LYS E 44 38.53 4.72 32.52
CA LYS E 44 37.58 4.10 31.62
C LYS E 44 36.17 4.20 32.22
N PRO E 45 35.17 4.68 31.46
CA PRO E 45 33.77 4.61 31.89
C PRO E 45 33.34 3.20 32.32
N VAL E 46 32.34 3.15 33.20
CA VAL E 46 31.94 1.91 33.86
C VAL E 46 31.17 1.04 32.88
N ASN E 47 30.50 1.67 31.89
CA ASN E 47 29.68 0.95 30.93
C ASN E 47 30.57 0.12 29.99
N ARG E 48 31.80 0.59 29.76
CA ARG E 48 32.74 -0.10 28.89
C ARG E 48 33.27 -1.37 29.56
N ILE E 49 33.31 -1.38 30.90
CA ILE E 49 33.81 -2.52 31.65
C ILE E 49 32.82 -3.68 31.53
N SER E 50 33.35 -4.89 31.38
CA SER E 50 32.55 -6.09 31.17
C SER E 50 32.62 -6.98 32.41
N LEU E 51 31.82 -8.06 32.39
CA LEU E 51 31.80 -9.03 33.47
C LEU E 51 33.10 -9.82 33.50
N ASN E 52 33.70 -10.05 32.32
CA ASN E 52 34.93 -10.81 32.20
C ASN E 52 36.05 -10.11 32.97
N ASP E 53 36.21 -8.81 32.72
CA ASP E 53 37.30 -8.03 33.30
C ASP E 53 37.21 -8.04 34.83
N VAL E 54 35.99 -8.02 35.36
CA VAL E 54 35.75 -7.95 36.79
C VAL E 54 36.15 -9.28 37.44
N SER E 55 35.74 -10.39 36.81
CA SER E 55 36.08 -11.72 37.30
C SER E 55 37.58 -11.93 37.30
N LYS E 56 38.24 -11.48 36.21
CA LYS E 56 39.69 -11.54 36.08
C LYS E 56 40.33 -10.74 37.21
N ALA E 57 39.91 -9.47 37.34
CA ALA E 57 40.44 -8.55 38.33
C ALA E 57 40.49 -9.22 39.70
N GLU E 58 39.33 -9.70 40.16
CA GLU E 58 39.19 -10.32 41.47
C GLU E 58 40.17 -11.48 41.62
N GLY E 59 40.32 -12.26 40.55
CA GLY E 59 41.21 -13.41 40.54
C GLY E 59 42.66 -13.01 40.78
N ILE E 60 43.10 -11.90 40.17
CA ILE E 60 44.47 -11.45 40.27
C ILE E 60 44.79 -11.07 41.71
N LEU E 61 43.82 -10.45 42.39
CA LEU E 61 44.02 -9.95 43.74
C LEU E 61 44.33 -11.12 44.68
N LEU E 62 43.62 -12.24 44.53
CA LEU E 62 43.76 -13.39 45.39
C LEU E 62 45.21 -13.87 45.42
N LEU E 63 45.88 -13.82 44.26
CA LEU E 63 47.27 -14.23 44.14
C LEU E 63 48.17 -13.21 44.82
N VAL E 64 47.84 -11.92 44.66
CA VAL E 64 48.62 -10.83 45.22
C VAL E 64 48.51 -10.88 46.74
N LYS E 65 47.31 -11.23 47.24
CA LYS E 65 47.06 -11.33 48.67
C LYS E 65 47.95 -12.40 49.28
N ALA E 66 47.95 -13.59 48.66
CA ALA E 66 48.74 -14.72 49.14
C ALA E 66 50.23 -14.43 49.00
N ALA E 67 50.60 -13.67 47.95
CA ALA E 67 51.99 -13.35 47.67
C ALA E 67 52.59 -12.48 48.78
N LEU E 68 51.78 -11.55 49.31
CA LEU E 68 52.24 -10.64 50.35
C LEU E 68 52.50 -11.42 51.64
N LYS E 69 51.60 -12.36 51.95
CA LYS E 69 51.72 -13.18 53.16
C LYS E 69 52.90 -14.13 53.03
N ASN E 70 53.20 -14.54 51.79
CA ASN E 70 54.35 -15.40 51.51
C ASN E 70 55.64 -14.61 51.76
N GLY E 71 55.66 -13.36 51.30
CA GLY E 71 56.81 -12.47 51.48
C GLY E 71 57.66 -12.37 50.22
N GLU E 72 56.99 -12.08 49.09
CA GLU E 72 57.65 -11.94 47.80
C GLU E 72 58.25 -10.54 47.69
N THR E 73 59.07 -10.34 46.65
CA THR E 73 59.62 -9.04 46.34
C THR E 73 58.54 -8.16 45.70
N ALA E 74 58.72 -6.85 45.79
CA ALA E 74 57.75 -5.89 45.27
C ALA E 74 57.69 -5.98 43.75
N GLU E 75 58.86 -6.17 43.12
CA GLU E 75 58.99 -6.25 41.68
C GLU E 75 57.90 -7.15 41.09
N GLN E 76 57.67 -8.30 41.72
CA GLN E 76 56.72 -9.29 41.24
C GLN E 76 55.29 -8.81 41.47
N LEU E 77 55.07 -8.12 42.59
CA LEU E 77 53.76 -7.58 42.92
C LEU E 77 53.33 -6.53 41.89
N GLN E 78 54.31 -5.75 41.42
CA GLN E 78 54.04 -4.68 40.47
C GLN E 78 53.45 -5.25 39.19
N LYS E 79 54.17 -6.22 38.60
CA LYS E 79 53.82 -6.76 37.29
C LYS E 79 52.43 -7.38 37.32
N MET E 80 52.07 -8.00 38.46
CA MET E 80 50.75 -8.57 38.64
C MET E 80 49.70 -7.46 38.68
N MET E 81 50.00 -6.40 39.44
CA MET E 81 49.06 -5.32 39.67
C MET E 81 48.85 -4.50 38.41
N THR E 82 49.89 -4.40 37.57
CA THR E 82 49.81 -3.67 36.31
C THR E 82 48.80 -4.32 35.38
N GLU E 83 48.73 -5.66 35.41
CA GLU E 83 47.76 -6.41 34.62
C GLU E 83 46.36 -6.17 35.18
N PHE E 84 46.24 -6.04 36.51
CA PHE E 84 45.00 -5.69 37.17
C PHE E 84 44.51 -4.32 36.70
N TYR E 85 45.43 -3.34 36.67
CA TYR E 85 45.10 -1.97 36.33
C TYR E 85 44.77 -1.83 34.84
N ARG E 86 45.25 -2.77 34.02
CA ARG E 86 44.98 -2.75 32.58
C ARG E 86 43.51 -3.12 32.33
N LEU E 87 42.97 -4.01 33.16
CA LEU E 87 41.57 -4.41 33.05
C LEU E 87 40.67 -3.34 33.67
N ILE E 88 41.09 -2.79 34.82
CA ILE E 88 40.35 -1.76 35.52
C ILE E 88 41.26 -0.55 35.70
N PRO E 89 41.28 0.40 34.72
CA PRO E 89 42.14 1.59 34.81
C PRO E 89 41.77 2.56 35.93
N HIS E 90 42.76 2.94 36.73
CA HIS E 90 42.61 3.95 37.76
C HIS E 90 43.24 5.25 37.29
N LYS E 91 42.97 6.34 38.03
CA LYS E 91 43.60 7.63 37.78
C LYS E 91 44.15 8.17 39.10
N GLY E 92 44.98 9.22 39.00
CA GLY E 92 45.70 9.76 40.14
C GLY E 92 47.03 9.04 40.35
N THR E 93 47.56 9.14 41.58
CA THR E 93 48.78 8.45 41.95
C THR E 93 48.53 6.95 41.97
N MET E 94 49.51 6.17 41.50
CA MET E 94 49.40 4.73 41.41
C MET E 94 49.95 4.10 42.69
N PRO E 95 49.10 3.48 43.54
CA PRO E 95 49.58 2.90 44.80
C PRO E 95 50.77 2.07 44.31
N LYS E 96 51.94 2.32 44.93
CA LYS E 96 53.19 1.68 44.56
C LYS E 96 53.36 0.65 45.67
N GLU E 97 52.84 0.97 46.86
CA GLU E 97 52.92 0.09 48.01
C GLU E 97 51.64 -0.75 48.07
N VAL E 98 51.78 -2.05 47.78
CA VAL E 98 50.66 -2.98 47.80
C VAL E 98 50.62 -3.64 49.18
N ASN E 99 49.53 -3.41 49.91
CA ASN E 99 49.34 -3.96 51.25
C ASN E 99 47.99 -4.65 51.31
N LEU E 100 47.72 -5.31 52.45
CA LEU E 100 46.45 -6.00 52.68
C LEU E 100 45.28 -5.03 52.46
N GLY E 101 45.43 -3.80 52.96
CA GLY E 101 44.40 -2.78 52.90
C GLY E 101 44.01 -2.43 51.48
N LEU E 102 45.02 -2.20 50.62
CA LEU E 102 44.79 -1.80 49.24
C LEU E 102 43.90 -2.83 48.54
N LEU E 103 44.28 -4.11 48.66
CA LEU E 103 43.60 -5.19 47.98
C LEU E 103 42.13 -5.21 48.37
N ALA E 104 41.85 -4.99 49.67
CA ALA E 104 40.49 -4.99 50.19
C ALA E 104 39.65 -3.92 49.47
N LYS E 105 40.24 -2.74 49.29
CA LYS E 105 39.57 -1.63 48.64
C LYS E 105 39.38 -1.94 47.16
N LYS E 106 40.40 -2.54 46.53
CA LYS E 106 40.32 -2.92 45.13
C LYS E 106 39.19 -3.91 44.92
N ALA E 107 39.03 -4.83 45.88
CA ALA E 107 37.98 -5.84 45.82
C ALA E 107 36.60 -5.19 45.89
N ASP E 108 36.45 -4.20 46.77
CA ASP E 108 35.21 -3.49 46.94
C ASP E 108 34.84 -2.77 45.64
N LEU E 109 35.83 -2.12 45.02
CA LEU E 109 35.64 -1.37 43.79
C LEU E 109 35.08 -2.29 42.71
N CYS E 110 35.67 -3.48 42.58
CA CYS E 110 35.23 -4.47 41.60
C CYS E 110 33.75 -4.80 41.83
N GLN E 111 33.40 -5.08 43.08
CA GLN E 111 32.07 -5.54 43.44
C GLN E 111 31.03 -4.50 43.06
N LEU E 112 31.38 -3.21 43.21
CA LEU E 112 30.50 -2.12 42.80
C LEU E 112 30.36 -2.12 41.28
N ILE E 113 31.48 -2.30 40.57
CA ILE E 113 31.49 -2.31 39.11
C ILE E 113 30.65 -3.48 38.60
N ARG E 114 30.70 -4.61 39.32
CA ARG E 114 29.92 -5.79 38.96
C ARG E 114 28.43 -5.44 38.94
N ASP E 115 27.98 -4.73 39.98
CA ASP E 115 26.58 -4.37 40.13
C ASP E 115 26.16 -3.41 39.01
N MET E 116 27.06 -2.52 38.63
CA MET E 116 26.78 -1.48 37.65
C MET E 116 26.57 -2.09 36.26
N VAL E 117 27.20 -3.26 36.02
CA VAL E 117 27.08 -3.96 34.76
C VAL E 117 25.75 -4.70 34.70
N ASN E 118 25.29 -5.20 35.86
CA ASN E 118 24.05 -5.96 35.94
C ASN E 118 22.86 -5.06 35.62
N VAL E 119 22.84 -3.88 36.25
CA VAL E 119 21.71 -2.96 36.15
C VAL E 119 21.58 -2.43 34.72
N CYS E 120 22.72 -2.13 34.08
CA CYS E 120 22.73 -1.57 32.74
C CYS E 120 22.32 -2.63 31.72
N GLU E 121 21.15 -2.41 31.09
CA GLU E 121 20.62 -3.32 30.09
C GLU E 121 20.38 -2.53 28.79
N ASN E 128 12.59 -1.73 29.02
CA ASN E 128 13.41 -1.61 30.26
C ASN E 128 13.92 -0.18 30.39
N PRO E 129 13.17 0.72 31.05
CA PRO E 129 13.67 2.08 31.35
C PRO E 129 14.83 2.08 32.35
N PRO E 130 15.54 3.21 32.52
CA PRO E 130 16.61 3.30 33.51
C PRO E 130 16.11 3.34 34.96
N SER E 131 14.88 3.83 35.15
CA SER E 131 14.31 3.98 36.48
C SER E 131 13.88 2.61 37.02
N LEU E 132 13.11 1.87 36.21
CA LEU E 132 12.53 0.60 36.63
C LEU E 132 13.63 -0.45 36.77
N ALA E 133 14.54 -0.50 35.77
CA ALA E 133 15.63 -1.47 35.77
C ALA E 133 16.44 -1.36 37.05
N LYS E 134 16.63 -0.12 37.54
CA LYS E 134 17.39 0.12 38.77
C LYS E 134 16.62 -0.41 39.98
N TYR E 135 15.28 -0.29 39.95
CA TYR E 135 14.45 -0.81 41.03
C TYR E 135 14.49 -2.33 41.04
N ARG E 136 14.30 -2.94 39.86
CA ARG E 136 14.30 -4.38 39.71
C ARG E 136 15.66 -4.97 40.10
N ALA E 137 16.74 -4.23 39.81
CA ALA E 137 18.09 -4.71 40.04
C ALA E 137 18.35 -4.94 41.54
N LEU E 138 17.72 -4.12 42.39
CA LEU E 138 17.86 -4.24 43.83
C LEU E 138 17.22 -5.54 44.32
N ARG E 139 16.15 -5.96 43.64
CA ARG E 139 15.39 -7.14 44.03
C ARG E 139 14.95 -6.99 45.49
N CYS E 140 14.13 -5.97 45.75
CA CYS E 140 13.67 -5.66 47.08
C CYS E 140 12.46 -4.72 46.99
N LYS E 141 11.56 -4.83 47.98
CA LYS E 141 10.34 -4.04 47.99
C LYS E 141 10.59 -2.75 48.79
N ILE E 142 10.74 -1.63 48.07
CA ILE E 142 10.89 -0.32 48.69
C ILE E 142 9.61 0.47 48.43
N GLU E 143 8.91 0.83 49.51
CA GLU E 143 7.66 1.58 49.45
C GLU E 143 7.83 2.91 50.16
N HIS E 144 7.05 3.91 49.72
CA HIS E 144 7.07 5.24 50.32
C HIS E 144 6.02 5.30 51.44
N VAL E 145 6.34 6.07 52.49
CA VAL E 145 5.42 6.29 53.60
C VAL E 145 5.12 7.78 53.68
N GLU E 146 3.82 8.13 53.80
CA GLU E 146 3.38 9.50 53.88
C GLU E 146 3.63 10.04 55.30
N GLN E 147 3.62 11.37 55.43
CA GLN E 147 3.78 12.03 56.72
C GLN E 147 2.45 11.98 57.49
N ASN E 148 1.35 11.91 56.74
CA ASN E 148 0.01 11.91 57.32
C ASN E 148 -0.22 10.63 58.12
N THR E 149 0.38 9.52 57.66
CA THR E 149 0.23 8.23 58.30
C THR E 149 0.89 8.24 59.68
N GLU E 150 0.37 7.40 60.58
CA GLU E 150 0.82 7.35 61.97
C GLU E 150 2.02 6.42 62.11
N GLU E 151 2.32 5.67 61.05
CA GLU E 151 3.52 4.85 60.98
C GLU E 151 4.76 5.75 60.93
N PHE E 152 4.63 6.88 60.22
CA PHE E 152 5.72 7.83 60.05
C PHE E 152 6.16 8.39 61.40
N LEU E 153 5.17 8.72 62.24
CA LEU E 153 5.44 9.34 63.53
C LEU E 153 6.10 8.34 64.48
N ARG E 154 5.77 7.05 64.33
CA ARG E 154 6.38 6.00 65.13
C ARG E 154 7.86 5.90 64.79
N VAL E 155 8.17 5.81 63.49
CA VAL E 155 9.52 5.61 63.02
C VAL E 155 10.37 6.84 63.38
N ARG E 156 9.79 8.03 63.20
CA ARG E 156 10.47 9.27 63.53
C ARG E 156 10.87 9.28 65.00
N LYS E 157 9.93 8.87 65.86
CA LYS E 157 10.12 8.93 67.30
C LYS E 157 11.18 7.90 67.74
N GLU E 158 11.12 6.69 67.16
CA GLU E 158 12.08 5.65 67.46
C GLU E 158 13.50 6.11 67.11
N VAL E 159 13.63 6.93 66.06
CA VAL E 159 14.90 7.51 65.67
C VAL E 159 15.28 8.59 66.68
N LEU E 160 14.33 9.47 67.00
CA LEU E 160 14.59 10.61 67.88
C LEU E 160 14.21 10.27 69.31
N GLN E 161 15.07 9.51 69.99
CA GLN E 161 14.95 9.24 71.41
C GLN E 161 16.31 9.25 72.11
N ASN E 162 17.22 8.39 71.66
CA ASN E 162 18.57 8.33 72.20
C ASN E 162 19.39 9.31 71.35
N HIS E 163 19.31 10.59 71.71
CA HIS E 163 19.98 11.65 70.97
C HIS E 163 20.96 12.37 71.91
N HIS E 164 22.20 11.88 71.93
CA HIS E 164 23.23 12.42 72.81
C HIS E 164 23.60 13.83 72.35
N SER E 165 23.98 13.96 71.07
CA SER E 165 24.20 15.25 70.45
C SER E 165 22.86 15.95 70.25
N LYS E 166 22.90 17.29 70.19
CA LYS E 166 21.70 18.09 70.05
C LYS E 166 21.82 18.96 68.81
N SER E 167 21.94 18.30 67.65
CA SER E 167 21.91 18.97 66.36
C SER E 167 20.52 18.82 65.74
N PRO E 168 20.01 19.83 65.01
CA PRO E 168 18.71 19.72 64.34
C PRO E 168 18.66 18.53 63.37
N VAL E 169 17.71 17.62 63.61
CA VAL E 169 17.53 16.44 62.79
C VAL E 169 16.34 16.68 61.85
N ASP E 170 16.61 16.67 60.54
CA ASP E 170 15.59 16.85 59.52
C ASP E 170 15.26 15.50 58.91
N VAL E 171 14.15 14.90 59.35
CA VAL E 171 13.68 13.63 58.83
C VAL E 171 12.83 13.90 57.59
N LEU E 172 13.45 13.81 56.41
CA LEU E 172 12.76 14.13 55.16
C LEU E 172 11.88 13.09 54.48
N GLN E 173 12.35 11.84 54.42
CA GLN E 173 11.69 10.79 53.65
C GLN E 173 11.97 9.52 54.45
N ILE E 174 10.94 8.68 54.59
CA ILE E 174 11.08 7.37 55.23
C ILE E 174 10.45 6.33 54.32
N PHE E 175 11.19 5.23 54.09
CA PHE E 175 10.74 4.17 53.21
C PHE E 175 10.75 2.83 53.95
N ARG E 176 9.72 2.02 53.70
CA ARG E 176 9.71 0.63 54.14
C ARG E 176 10.66 -0.16 53.22
N VAL E 177 11.27 -1.22 53.78
CA VAL E 177 12.19 -2.04 53.01
C VAL E 177 12.26 -3.43 53.64
N GLY E 178 12.54 -4.44 52.80
CA GLY E 178 12.66 -5.82 53.25
C GLY E 178 13.07 -6.74 52.10
N ARG E 179 14.20 -7.45 52.29
CA ARG E 179 14.71 -8.37 51.29
C ARG E 179 13.86 -9.64 51.30
N VAL E 180 13.90 -10.36 50.17
CA VAL E 180 13.01 -11.51 49.95
C VAL E 180 13.54 -12.71 50.71
N ASN E 181 14.81 -13.06 50.46
CA ASN E 181 15.40 -14.29 50.98
C ASN E 181 15.93 -14.08 52.40
N GLU E 182 15.94 -12.82 52.87
CA GLU E 182 16.47 -12.51 54.19
C GLU E 182 15.43 -12.80 55.27
N THR E 183 14.18 -12.44 55.00
CA THR E 183 13.11 -12.52 55.99
C THR E 183 12.94 -13.95 56.49
N THR E 184 12.92 -14.91 55.56
CA THR E 184 12.71 -16.31 55.89
C THR E 184 13.91 -16.88 56.63
N GLU E 185 15.12 -16.49 56.20
CA GLU E 185 16.36 -17.01 56.76
C GLU E 185 16.70 -16.31 58.08
N PHE E 186 16.08 -15.15 58.33
CA PHE E 186 16.34 -14.38 59.54
C PHE E 186 16.05 -15.21 60.79
N LEU E 187 16.90 -15.05 61.81
CA LEU E 187 16.77 -15.79 63.05
C LEU E 187 15.80 -15.07 63.97
N SER E 188 14.50 -15.31 63.76
CA SER E 188 13.45 -14.74 64.57
C SER E 188 13.35 -15.49 65.90
N LYS E 189 13.62 -16.80 65.88
CA LYS E 189 13.51 -17.65 67.05
C LYS E 189 14.55 -17.25 68.10
N LEU E 190 15.71 -16.75 67.65
CA LEU E 190 16.72 -16.24 68.56
C LEU E 190 16.16 -15.02 69.28
N GLY E 191 16.45 -14.92 70.59
CA GLY E 191 15.84 -13.94 71.46
C GLY E 191 16.45 -12.55 71.31
N ASN E 192 15.83 -11.57 71.97
CA ASN E 192 16.30 -10.20 72.02
C ASN E 192 16.31 -9.62 70.61
N VAL E 193 15.12 -9.59 69.99
CA VAL E 193 14.93 -9.04 68.66
C VAL E 193 14.49 -7.59 68.79
N ARG E 194 15.46 -6.67 68.77
CA ARG E 194 15.19 -5.24 68.93
C ARG E 194 15.73 -4.49 67.73
N PRO E 195 15.06 -3.40 67.27
CA PRO E 195 15.55 -2.59 66.16
C PRO E 195 16.70 -1.68 66.56
N LEU E 196 17.62 -1.44 65.61
CA LEU E 196 18.75 -0.56 65.82
C LEU E 196 19.03 0.21 64.53
N LEU E 197 19.94 1.20 64.61
CA LEU E 197 20.27 2.05 63.49
C LEU E 197 21.64 1.64 62.94
N HIS E 198 21.71 1.46 61.61
CA HIS E 198 22.95 1.14 60.93
C HIS E 198 23.38 2.34 60.08
N GLY E 199 24.50 2.95 60.45
CA GLY E 199 25.08 4.05 59.68
C GLY E 199 25.86 3.52 58.49
N SER E 200 25.69 4.18 57.33
CA SER E 200 26.34 3.75 56.09
C SER E 200 26.37 4.92 55.11
N PRO E 201 27.43 5.03 54.26
CA PRO E 201 27.45 6.03 53.19
C PRO E 201 26.44 5.71 52.09
N VAL E 202 26.10 6.73 51.30
CA VAL E 202 25.02 6.65 50.33
C VAL E 202 25.44 5.74 49.17
N GLN E 203 26.73 5.75 48.85
CA GLN E 203 27.28 5.01 47.72
C GLN E 203 27.07 3.50 47.90
N ASN E 204 27.17 3.03 49.14
CA ASN E 204 27.16 1.59 49.44
C ASN E 204 25.73 1.04 49.47
N ILE E 205 24.73 1.94 49.50
CA ILE E 205 23.34 1.55 49.71
C ILE E 205 22.90 0.56 48.63
N VAL E 206 23.24 0.87 47.37
CA VAL E 206 22.84 0.04 46.24
C VAL E 206 23.20 -1.42 46.51
N GLY E 207 24.41 -1.64 47.06
CA GLY E 207 24.88 -2.98 47.36
C GLY E 207 24.17 -3.59 48.56
N ILE E 208 23.91 -2.76 49.57
CA ILE E 208 23.27 -3.20 50.80
C ILE E 208 21.85 -3.69 50.48
N LEU E 209 21.14 -2.97 49.60
CA LEU E 209 19.78 -3.33 49.23
C LEU E 209 19.76 -4.59 48.37
N CYS E 210 20.86 -4.84 47.64
CA CYS E 210 20.96 -6.01 46.78
C CYS E 210 21.25 -7.26 47.60
N ARG E 211 22.40 -7.26 48.29
CA ARG E 211 22.96 -8.47 48.88
C ARG E 211 22.68 -8.53 50.38
N GLY E 212 22.25 -7.41 50.98
CA GLY E 212 22.09 -7.31 52.42
C GLY E 212 23.39 -6.89 53.09
N LEU E 213 23.34 -6.72 54.42
CA LEU E 213 24.52 -6.39 55.20
C LEU E 213 25.41 -7.62 55.32
N LEU E 214 26.59 -7.56 54.70
CA LEU E 214 27.53 -8.66 54.70
C LEU E 214 28.63 -8.41 55.72
N LEU E 215 29.41 -9.47 56.01
CA LEU E 215 30.50 -9.39 56.97
C LEU E 215 31.70 -8.72 56.31
N PRO E 216 32.42 -7.82 57.01
CA PRO E 216 33.65 -7.24 56.48
C PRO E 216 34.75 -8.28 56.27
N LYS E 217 35.59 -8.06 55.26
CA LYS E 217 36.71 -8.94 54.97
C LYS E 217 37.83 -8.65 55.95
N VAL E 218 38.29 -9.69 56.66
CA VAL E 218 39.20 -9.55 57.78
C VAL E 218 40.57 -9.11 57.26
N VAL E 219 41.26 -8.29 58.06
CA VAL E 219 42.58 -7.77 57.72
C VAL E 219 43.51 -8.01 58.89
N GLU E 220 44.55 -8.85 58.68
CA GLU E 220 45.55 -9.12 59.69
C GLU E 220 46.53 -7.93 59.74
N VAL E 229 39.50 -1.60 60.98
CA VAL E 229 38.67 -0.37 61.14
C VAL E 229 37.74 -0.54 62.35
N GLY E 230 37.15 -1.74 62.50
CA GLY E 230 36.25 -2.04 63.59
C GLY E 230 36.98 -2.41 64.88
N ASN E 231 36.44 -1.94 66.01
CA ASN E 231 37.07 -2.13 67.32
C ASN E 231 36.48 -3.36 68.02
N LEU E 232 35.45 -3.97 67.41
CA LEU E 232 34.85 -5.20 67.92
C LEU E 232 34.89 -6.27 66.83
N GLY E 233 36.04 -6.38 66.15
CA GLY E 233 36.25 -7.42 65.15
C GLY E 233 35.50 -7.15 63.86
N SER E 234 35.57 -8.10 62.93
CA SER E 234 34.92 -8.00 61.63
C SER E 234 33.47 -8.46 61.75
N GLY E 235 32.57 -7.52 62.02
CA GLY E 235 31.15 -7.79 62.13
C GLY E 235 30.30 -6.63 61.62
N ILE E 236 28.98 -6.78 61.74
CA ILE E 236 28.04 -5.77 61.30
C ILE E 236 27.74 -4.87 62.50
N TYR E 237 28.13 -3.59 62.41
CA TYR E 237 28.00 -2.65 63.50
C TYR E 237 26.68 -1.91 63.43
N PHE E 238 26.08 -1.66 64.60
CA PHE E 238 24.85 -0.87 64.71
C PHE E 238 24.99 0.09 65.88
N SER E 239 23.93 0.87 66.12
CA SER E 239 23.86 1.74 67.29
C SER E 239 22.40 2.06 67.60
N ASP E 240 22.12 2.28 68.90
CA ASP E 240 20.80 2.71 69.34
C ASP E 240 20.68 4.22 69.18
N SER E 241 21.81 4.93 69.34
CA SER E 241 21.86 6.38 69.22
C SER E 241 21.94 6.77 67.74
N LEU E 242 21.37 7.94 67.42
CA LEU E 242 21.40 8.49 66.08
C LEU E 242 22.67 9.31 65.89
N SER E 243 23.03 10.09 66.92
CA SER E 243 24.18 10.98 66.87
C SER E 243 25.46 10.21 66.52
N THR E 244 25.55 8.96 67.00
CA THR E 244 26.68 8.10 66.71
C THR E 244 26.65 7.66 65.25
N SER E 245 25.45 7.48 64.70
CA SER E 245 25.26 7.00 63.35
C SER E 245 25.54 8.09 62.32
N ILE E 246 25.52 9.36 62.76
CA ILE E 246 25.80 10.49 61.88
C ILE E 246 27.26 10.47 61.44
N LYS E 247 28.15 10.01 62.32
CA LYS E 247 29.57 9.95 62.03
C LYS E 247 29.86 8.88 60.98
N TYR E 248 29.06 7.80 60.99
CA TYR E 248 29.15 6.76 59.97
C TYR E 248 28.64 7.29 58.64
N SER E 249 27.37 7.73 58.62
CA SER E 249 26.71 8.14 57.39
C SER E 249 27.08 9.58 57.04
N HIS E 250 27.96 9.74 56.05
CA HIS E 250 28.31 11.04 55.52
C HIS E 250 27.22 11.52 54.56
N PRO E 251 27.16 12.84 54.23
CA PRO E 251 26.21 13.34 53.24
C PRO E 251 26.47 12.78 51.84
N GLY E 252 25.42 12.76 51.02
CA GLY E 252 25.52 12.30 49.64
C GLY E 252 26.16 13.35 48.74
N GLU E 253 26.59 12.92 47.55
CA GLU E 253 27.18 13.81 46.55
C GLU E 253 26.10 14.29 45.59
N THR E 254 25.21 13.38 45.18
CA THR E 254 24.21 13.67 44.17
C THR E 254 23.13 14.59 44.74
N ASP E 255 22.40 14.11 45.75
CA ASP E 255 21.28 14.85 46.32
C ASP E 255 21.79 15.74 47.44
N GLY E 256 22.53 15.14 48.38
CA GLY E 256 23.04 15.84 49.55
C GLY E 256 22.21 15.53 50.79
N THR E 257 21.99 14.22 51.03
CA THR E 257 21.17 13.75 52.13
C THR E 257 21.73 12.43 52.65
N ARG E 258 21.81 12.31 53.99
CA ARG E 258 22.29 11.09 54.63
C ARG E 258 21.21 10.01 54.55
N LEU E 259 21.66 8.76 54.37
CA LEU E 259 20.78 7.60 54.46
C LEU E 259 21.21 6.75 55.65
N LEU E 260 20.25 6.02 56.22
CA LEU E 260 20.48 5.23 57.42
C LEU E 260 19.42 4.13 57.50
N LEU E 261 19.87 2.90 57.79
CA LEU E 261 19.01 1.72 57.78
C LEU E 261 18.64 1.32 59.20
N ILE E 262 17.34 1.23 59.47
CA ILE E 262 16.83 0.66 60.70
C ILE E 262 16.56 -0.82 60.45
N CYS E 263 17.14 -1.68 61.30
CA CYS E 263 17.09 -3.12 61.10
C CYS E 263 16.76 -3.83 62.42
N ASP E 264 15.91 -4.86 62.34
CA ASP E 264 15.63 -5.72 63.48
C ASP E 264 16.79 -6.67 63.67
N VAL E 265 17.77 -6.25 64.49
CA VAL E 265 18.97 -7.03 64.74
C VAL E 265 18.71 -7.98 65.91
N ALA E 266 18.67 -9.28 65.62
CA ALA E 266 18.61 -10.31 66.65
C ALA E 266 20.00 -10.47 67.27
N LEU E 267 20.20 -9.88 68.46
CA LEU E 267 21.51 -9.89 69.15
C LEU E 267 21.48 -10.96 70.25
N GLY E 268 20.30 -11.40 70.67
CA GLY E 268 20.17 -12.39 71.75
C GLY E 268 21.12 -12.07 72.89
N LYS E 269 21.67 -13.08 73.56
CA LYS E 269 22.68 -12.85 74.62
C LYS E 269 23.67 -11.82 74.07
N CYS E 270 24.03 -10.81 74.86
CA CYS E 270 25.01 -9.83 74.41
C CYS E 270 26.03 -9.58 75.51
N MET E 271 27.31 -9.66 75.15
CA MET E 271 28.41 -9.45 76.09
C MET E 271 28.70 -7.95 76.20
N ASP E 272 28.48 -7.40 77.40
CA ASP E 272 28.78 -6.00 77.67
C ASP E 272 30.26 -5.85 77.97
N LEU E 273 31.08 -5.81 76.90
CA LEU E 273 32.52 -5.72 77.02
C LEU E 273 32.92 -4.26 77.25
N HIS E 274 33.97 -4.08 78.06
CA HIS E 274 34.56 -2.77 78.32
C HIS E 274 35.77 -2.58 77.40
N GLU E 275 36.66 -3.58 77.39
CA GLU E 275 37.88 -3.53 76.61
C GLU E 275 37.55 -3.80 75.14
N LYS E 276 38.47 -3.38 74.25
CA LYS E 276 38.34 -3.64 72.83
C LYS E 276 38.83 -5.06 72.54
N ASP E 277 38.47 -5.59 71.37
CA ASP E 277 38.88 -6.91 70.94
C ASP E 277 38.72 -7.01 69.42
N PHE E 278 39.86 -7.04 68.71
CA PHE E 278 39.88 -6.96 67.26
C PHE E 278 39.95 -8.35 66.62
N SER E 279 40.27 -9.36 67.44
CA SER E 279 40.54 -10.71 66.95
C SER E 279 39.23 -11.49 66.75
N LEU E 280 38.09 -10.88 67.09
CA LEU E 280 36.80 -11.54 66.99
C LEU E 280 36.38 -11.60 65.52
N THR E 281 36.67 -12.74 64.88
CA THR E 281 36.15 -13.04 63.56
C THR E 281 34.65 -13.35 63.66
N GLU E 282 34.28 -13.98 64.78
CA GLU E 282 32.90 -14.29 65.09
C GLU E 282 32.63 -13.93 66.55
N ALA E 283 31.37 -14.11 66.98
CA ALA E 283 30.94 -13.68 68.31
C ALA E 283 31.71 -14.43 69.39
N PRO E 284 31.80 -13.88 70.63
CA PRO E 284 32.48 -14.55 71.74
C PRO E 284 31.76 -15.83 72.18
N PRO E 285 32.42 -16.70 72.98
CA PRO E 285 31.84 -17.98 73.37
C PRO E 285 30.73 -17.86 74.42
N GLY E 286 29.54 -18.35 74.07
CA GLY E 286 28.40 -18.38 74.99
C GLY E 286 27.38 -17.28 74.69
N TYR E 287 27.77 -16.29 73.88
CA TYR E 287 26.93 -15.13 73.60
C TYR E 287 26.83 -14.92 72.09
N ASP E 288 25.77 -14.19 71.68
CA ASP E 288 25.41 -14.07 70.28
C ASP E 288 25.79 -12.69 69.72
N SER E 289 26.28 -11.80 70.58
CA SER E 289 26.58 -10.43 70.18
C SER E 289 27.50 -9.76 71.19
N VAL E 290 28.02 -8.58 70.82
CA VAL E 290 28.88 -7.79 71.68
C VAL E 290 28.33 -6.36 71.72
N HIS E 291 28.17 -5.83 72.94
CA HIS E 291 27.72 -4.46 73.13
C HIS E 291 28.87 -3.60 73.63
N GLY E 292 29.38 -2.73 72.75
CA GLY E 292 30.36 -1.73 73.14
C GLY E 292 29.46 -1.01 74.13
N VAL E 293 30.02 -0.66 75.29
CA VAL E 293 29.27 -0.06 76.37
C VAL E 293 29.87 1.35 76.27
N SER E 294 29.00 2.33 76.00
CA SER E 294 29.41 3.71 75.82
C SER E 294 29.98 4.27 77.12
N GLN E 295 30.79 5.33 77.01
CA GLN E 295 31.46 5.92 78.14
C GLN E 295 30.43 6.67 78.99
N THR E 296 30.13 6.11 80.17
CA THR E 296 29.09 6.62 81.05
C THR E 296 29.72 7.25 82.29
N ALA E 297 28.90 8.11 82.94
CA ALA E 297 29.28 8.76 84.21
C ALA E 297 30.04 7.60 84.82
N SER E 298 31.33 7.73 85.13
CA SER E 298 32.12 6.72 85.91
C SER E 298 32.15 5.21 85.59
N VAL E 299 32.23 4.73 84.34
CA VAL E 299 32.49 3.33 84.05
C VAL E 299 33.55 3.28 82.95
N THR E 300 34.62 2.52 83.21
CA THR E 300 35.80 2.49 82.36
C THR E 300 35.52 1.69 81.09
N THR E 301 35.33 2.41 79.96
CA THR E 301 35.17 1.79 78.65
C THR E 301 35.91 2.62 77.61
N ASP E 302 36.59 1.93 76.68
CA ASP E 302 37.29 2.59 75.59
C ASP E 302 36.27 3.05 74.55
N PHE E 303 35.13 2.37 74.48
CA PHE E 303 34.08 2.67 73.52
C PHE E 303 33.41 3.99 73.89
N GLU E 304 33.34 4.91 72.93
CA GLU E 304 32.65 6.18 73.11
C GLU E 304 31.18 6.01 72.73
N ASP E 305 30.95 5.45 71.54
CA ASP E 305 29.60 5.27 71.01
C ASP E 305 29.05 3.92 71.48
N ASP E 306 27.72 3.80 71.46
CA ASP E 306 27.04 2.54 71.70
C ASP E 306 27.14 1.70 70.43
N GLU E 307 27.83 0.56 70.52
CA GLU E 307 28.09 -0.28 69.35
C GLU E 307 27.59 -1.70 69.62
N PHE E 308 26.46 -2.04 68.98
CA PHE E 308 25.97 -3.41 68.94
C PHE E 308 26.52 -4.11 67.71
N VAL E 309 27.08 -5.30 67.89
CA VAL E 309 27.78 -6.01 66.83
C VAL E 309 27.32 -7.47 66.79
N VAL E 310 26.98 -7.93 65.58
CA VAL E 310 26.71 -9.33 65.30
C VAL E 310 27.69 -9.80 64.23
N TYR E 311 27.85 -11.12 64.11
CA TYR E 311 28.84 -11.70 63.20
C TYR E 311 28.19 -12.74 62.31
N LYS E 312 26.95 -12.47 61.87
CA LYS E 312 26.21 -13.36 61.00
C LYS E 312 25.34 -12.53 60.05
N THR E 313 25.16 -13.04 58.82
CA THR E 313 24.38 -12.37 57.81
C THR E 313 22.89 -12.47 58.12
N ASN E 314 22.50 -13.57 58.77
CA ASN E 314 21.10 -13.88 59.01
C ASN E 314 20.68 -13.48 60.42
N GLN E 315 21.51 -12.65 61.09
CA GLN E 315 21.13 -12.06 62.37
C GLN E 315 20.58 -10.65 62.17
N VAL E 316 20.36 -10.26 60.91
CA VAL E 316 19.90 -8.93 60.57
C VAL E 316 18.67 -9.03 59.67
N LYS E 317 17.76 -8.06 59.81
CA LYS E 317 16.60 -7.93 58.94
C LYS E 317 16.24 -6.45 58.82
N MET E 318 16.53 -5.88 57.65
CA MET E 318 16.33 -4.45 57.43
C MET E 318 14.85 -4.16 57.27
N LYS E 319 14.42 -3.01 57.84
CA LYS E 319 13.02 -2.66 57.95
C LYS E 319 12.75 -1.33 57.25
N TYR E 320 13.53 -0.29 57.61
CA TYR E 320 13.27 1.06 57.11
C TYR E 320 14.55 1.71 56.62
N ILE E 321 14.39 2.74 55.77
CA ILE E 321 15.48 3.57 55.28
C ILE E 321 15.13 5.02 55.61
N ILE E 322 16.02 5.69 56.37
CA ILE E 322 15.77 7.04 56.84
C ILE E 322 16.60 8.01 56.02
N LYS E 323 15.93 8.82 55.20
CA LYS E 323 16.56 9.89 54.45
C LYS E 323 16.51 11.16 55.29
N PHE E 324 17.69 11.63 55.73
CA PHE E 324 17.77 12.81 56.59
C PHE E 324 18.98 13.66 56.19
N SER E 325 19.00 14.90 56.70
CA SER E 325 20.05 15.86 56.39
C SER E 325 20.41 16.67 57.63
N MET E 326 21.70 17.01 57.76
CA MET E 326 22.21 17.80 58.87
C MET E 326 22.17 19.28 58.48
N PRO E 327 22.30 20.22 59.45
CA PRO E 327 22.35 21.65 59.13
C PRO E 327 23.32 22.01 58.01
N GLY E 328 24.54 21.45 58.07
CA GLY E 328 25.55 21.68 57.05
C GLY E 328 25.24 20.92 55.78
N SER F 2 28.99 51.05 59.66
CA SER F 2 28.01 50.75 60.69
C SER F 2 27.36 49.40 60.39
N GLU F 3 26.44 48.99 61.27
CA GLU F 3 25.74 47.72 61.14
C GLU F 3 24.80 47.77 59.93
N GLN F 4 24.19 48.93 59.68
CA GLN F 4 23.25 49.11 58.59
C GLN F 4 23.96 49.10 57.24
N LEU F 5 25.23 49.55 57.23
CA LEU F 5 25.97 49.71 55.99
C LEU F 5 26.37 48.34 55.45
N GLN F 6 27.03 47.55 56.29
CA GLN F 6 27.52 46.23 55.91
C GLN F 6 26.34 45.34 55.51
N ALA F 7 25.20 45.53 56.19
CA ALA F 7 23.99 44.80 55.88
C ALA F 7 23.54 45.07 54.44
N LEU F 8 23.51 46.37 54.07
CA LEU F 8 23.04 46.78 52.75
C LEU F 8 24.09 46.45 51.69
N LEU F 9 25.37 46.40 52.08
CA LEU F 9 26.42 45.98 51.17
C LEU F 9 26.22 44.51 50.79
N LEU F 10 25.82 43.69 51.77
CA LEU F 10 25.49 42.30 51.53
C LEU F 10 24.26 42.20 50.61
N GLU F 11 23.26 43.07 50.85
CA GLU F 11 22.02 43.04 50.10
C GLU F 11 22.30 43.23 48.61
N GLU F 12 23.13 44.23 48.27
CA GLU F 12 23.46 44.52 46.88
C GLU F 12 24.22 43.34 46.25
N VAL F 13 25.07 42.69 47.05
CA VAL F 13 25.86 41.56 46.57
C VAL F 13 24.97 40.34 46.41
N MET F 14 24.13 40.08 47.42
CA MET F 14 23.24 38.92 47.42
C MET F 14 22.25 39.00 46.26
N ASN F 15 21.69 40.20 46.03
CA ASN F 15 20.63 40.38 45.06
C ASN F 15 21.18 40.45 43.64
N SER F 16 22.49 40.74 43.50
CA SER F 16 23.12 40.84 42.20
C SER F 16 23.46 39.45 41.67
N SER F 17 22.43 38.77 41.14
CA SER F 17 22.61 37.56 40.35
C SER F 17 22.92 37.94 38.89
N THR F 18 24.14 37.67 38.43
CA THR F 18 24.58 38.03 37.05
C THR F 18 23.53 37.58 36.04
N LEU F 19 22.85 38.51 35.37
CA LEU F 19 21.87 38.19 34.30
C LEU F 19 21.87 39.33 33.27
N SER F 20 21.92 39.02 31.98
CA SER F 20 21.91 40.03 30.89
C SER F 20 20.81 41.06 31.16
N GLN F 21 21.10 42.36 31.01
CA GLN F 21 20.08 43.40 31.11
C GLN F 21 19.01 43.19 30.04
N GLU F 22 19.40 42.61 28.89
CA GLU F 22 18.48 42.37 27.79
C GLU F 22 17.43 41.34 28.21
N VAL F 23 17.86 40.31 28.97
CA VAL F 23 16.95 39.29 29.47
C VAL F 23 16.03 39.93 30.52
N SER F 24 16.62 40.70 31.44
CA SER F 24 15.87 41.38 32.49
C SER F 24 14.74 42.20 31.89
N ASP F 25 15.07 42.98 30.85
CA ASP F 25 14.10 43.86 30.20
C ASP F 25 13.06 43.04 29.44
N LEU F 26 13.48 41.91 28.86
CA LEU F 26 12.56 41.02 28.15
C LEU F 26 11.62 40.37 29.15
N VAL F 27 12.16 39.91 30.29
CA VAL F 27 11.38 39.28 31.34
C VAL F 27 10.38 40.31 31.90
N GLU F 28 10.86 41.53 32.16
CA GLU F 28 10.03 42.58 32.72
C GLU F 28 8.90 42.96 31.76
N MET F 29 9.17 42.88 30.45
CA MET F 29 8.20 43.26 29.44
C MET F 29 7.04 42.26 29.45
N ILE F 30 7.34 40.98 29.23
CA ILE F 30 6.32 39.97 29.02
C ILE F 30 5.37 39.91 30.20
N TRP F 31 5.91 40.04 31.42
CA TRP F 31 5.11 39.98 32.64
C TRP F 31 4.31 41.26 32.81
N ALA F 32 4.89 42.40 32.40
CA ALA F 32 4.17 43.66 32.38
C ALA F 32 3.10 43.64 31.30
N GLU F 33 3.42 42.99 30.17
CA GLU F 33 2.50 42.86 29.05
C GLU F 33 1.32 41.98 29.46
N ALA F 34 1.62 40.86 30.12
CA ALA F 34 0.61 39.94 30.59
C ALA F 34 -0.33 40.65 31.57
N LEU F 35 0.26 41.35 32.54
CA LEU F 35 -0.49 42.12 33.52
C LEU F 35 -1.34 43.18 32.82
N GLY F 36 -0.80 43.74 31.73
CA GLY F 36 -1.52 44.73 30.92
C GLY F 36 -2.55 44.06 30.05
N HIS F 37 -2.30 42.81 29.64
CA HIS F 37 -3.31 42.04 28.89
C HIS F 37 -4.43 41.89 29.91
N LEU F 38 -4.08 41.65 31.17
CA LEU F 38 -5.07 41.66 32.28
C LEU F 38 -5.33 43.13 32.56
N GLU F 39 -6.31 43.47 33.40
CA GLU F 39 -6.58 44.88 33.80
C GLU F 39 -7.21 45.61 32.61
N HIS F 40 -6.70 45.45 31.39
CA HIS F 40 -7.32 46.03 30.17
C HIS F 40 -8.83 45.77 30.26
N MET F 41 -9.23 44.63 30.84
CA MET F 41 -10.64 44.31 31.04
C MET F 41 -10.81 43.59 32.38
N LEU F 42 -10.44 44.28 33.47
CA LEU F 42 -10.67 43.81 34.83
C LEU F 42 -10.88 45.00 35.76
N LEU F 43 -11.97 44.96 36.54
CA LEU F 43 -12.22 45.97 37.56
C LEU F 43 -11.28 45.74 38.74
N LYS F 44 -11.34 44.54 39.32
CA LYS F 44 -10.52 44.20 40.47
C LYS F 44 -9.08 43.98 40.03
N PRO F 45 -8.09 44.62 40.69
CA PRO F 45 -6.67 44.30 40.46
C PRO F 45 -6.37 42.81 40.57
N VAL F 46 -5.31 42.38 39.88
CA VAL F 46 -5.00 40.97 39.72
C VAL F 46 -4.40 40.42 41.02
N ASN F 47 -3.75 41.29 41.79
CA ASN F 47 -3.08 40.89 43.03
C ASN F 47 -4.13 40.51 44.08
N ARG F 48 -5.32 41.11 44.01
CA ARG F 48 -6.39 40.84 44.95
C ARG F 48 -7.00 39.47 44.69
N ILE F 49 -6.94 39.00 43.44
CA ILE F 49 -7.51 37.72 43.06
C ILE F 49 -6.65 36.60 43.67
N SER F 50 -7.33 35.55 44.16
CA SER F 50 -6.68 34.44 44.84
C SER F 50 -6.75 33.18 43.97
N LEU F 51 -6.08 32.12 44.44
CA LEU F 51 -6.07 30.84 43.75
C LEU F 51 -7.45 30.19 43.83
N ASN F 52 -8.15 30.42 44.95
CA ASN F 52 -9.46 29.83 45.18
C ASN F 52 -10.44 30.32 44.11
N ASP F 53 -10.49 31.63 43.89
CA ASP F 53 -11.43 32.25 42.97
C ASP F 53 -11.22 31.71 41.55
N VAL F 54 -9.97 31.46 41.18
CA VAL F 54 -9.62 31.01 39.84
C VAL F 54 -10.10 29.57 39.64
N SER F 55 -9.86 28.72 40.64
CA SER F 55 -10.29 27.33 40.59
C SER F 55 -11.81 27.24 40.49
N LYS F 56 -12.50 28.08 41.28
CA LYS F 56 -13.95 28.18 41.26
C LYS F 56 -14.41 28.59 39.86
N ALA F 57 -13.84 29.71 39.37
CA ALA F 57 -14.19 30.27 38.08
C ALA F 57 -14.21 29.18 37.01
N GLU F 58 -13.07 28.49 36.86
CA GLU F 58 -12.90 27.45 35.86
C GLU F 58 -13.99 26.38 36.00
N GLY F 59 -14.30 26.02 37.25
CA GLY F 59 -15.32 25.03 37.54
C GLY F 59 -16.70 25.43 37.01
N ILE F 60 -17.05 26.71 37.17
CA ILE F 60 -18.35 27.21 36.78
C ILE F 60 -18.52 27.09 35.27
N LEU F 61 -17.44 27.38 34.53
CA LEU F 61 -17.47 27.38 33.07
C LEU F 61 -17.84 26.00 32.54
N LEU F 62 -17.27 24.96 33.15
CA LEU F 62 -17.46 23.58 32.70
C LEU F 62 -18.96 23.24 32.67
N LEU F 63 -19.70 23.73 33.67
CA LEU F 63 -21.13 23.50 33.76
C LEU F 63 -21.86 24.30 32.69
N VAL F 64 -21.41 25.53 32.45
CA VAL F 64 -22.02 26.42 31.47
C VAL F 64 -21.79 25.84 30.07
N LYS F 65 -20.61 25.26 29.86
CA LYS F 65 -20.25 24.66 28.58
C LYS F 65 -21.21 23.51 28.27
N ALA F 66 -21.39 22.62 29.24
CA ALA F 66 -22.26 21.46 29.09
C ALA F 66 -23.71 21.90 28.95
N ALA F 67 -24.08 22.99 29.63
CA ALA F 67 -25.44 23.49 29.64
C ALA F 67 -25.85 23.97 28.25
N LEU F 68 -24.91 24.61 27.53
CA LEU F 68 -25.18 25.12 26.20
C LEU F 68 -25.42 23.98 25.22
N LYS F 69 -24.61 22.92 25.34
CA LYS F 69 -24.72 21.75 24.48
C LYS F 69 -26.02 20.99 24.79
N ASN F 70 -26.46 21.06 26.06
CA ASN F 70 -27.70 20.44 26.48
C ASN F 70 -28.87 21.18 25.84
N GLY F 71 -28.79 22.52 25.84
CA GLY F 71 -29.82 23.37 25.24
C GLY F 71 -30.74 23.97 26.29
N GLU F 72 -30.14 24.59 27.31
CA GLU F 72 -30.89 25.23 28.38
C GLU F 72 -31.32 26.62 27.94
N THR F 73 -32.20 27.24 28.75
CA THR F 73 -32.62 28.62 28.53
C THR F 73 -31.49 29.55 28.95
N ALA F 74 -31.50 30.77 28.41
CA ALA F 74 -30.48 31.77 28.70
C ALA F 74 -30.56 32.20 30.16
N GLU F 75 -31.79 32.33 30.68
CA GLU F 75 -32.04 32.76 32.04
C GLU F 75 -31.12 32.03 33.02
N GLN F 76 -30.98 30.71 32.84
CA GLN F 76 -30.20 29.88 33.73
C GLN F 76 -28.70 30.13 33.51
N LEU F 77 -28.31 30.39 32.26
CA LEU F 77 -26.92 30.65 31.93
C LEU F 77 -26.47 31.96 32.60
N GLN F 78 -27.37 32.93 32.67
CA GLN F 78 -27.06 34.24 33.24
C GLN F 78 -26.66 34.09 34.70
N LYS F 79 -27.53 33.44 35.49
CA LYS F 79 -27.36 33.34 36.93
C LYS F 79 -26.05 32.63 37.26
N MET F 80 -25.67 31.65 36.44
CA MET F 80 -24.41 30.94 36.62
C MET F 80 -23.24 31.88 36.33
N MET F 81 -23.35 32.64 35.24
CA MET F 81 -22.27 33.51 34.77
C MET F 81 -22.09 34.69 35.72
N THR F 82 -23.17 35.14 36.36
CA THR F 82 -23.10 36.25 37.29
C THR F 82 -22.25 35.87 38.50
N GLU F 83 -22.34 34.60 38.92
CA GLU F 83 -21.52 34.09 40.01
C GLU F 83 -20.06 34.01 39.57
N PHE F 84 -19.84 33.68 38.30
CA PHE F 84 -18.51 33.69 37.71
C PHE F 84 -17.92 35.09 37.75
N TYR F 85 -18.72 36.09 37.36
CA TYR F 85 -18.26 37.47 37.26
C TYR F 85 -18.05 38.08 38.64
N ARG F 86 -18.68 37.51 39.67
CA ARG F 86 -18.53 38.00 41.03
C ARG F 86 -17.15 37.62 41.56
N LEU F 87 -16.63 36.47 41.13
CA LEU F 87 -15.30 36.03 41.53
C LEU F 87 -14.24 36.75 40.70
N ILE F 88 -14.51 36.91 39.39
CA ILE F 88 -13.61 37.57 38.47
C ILE F 88 -14.35 38.73 37.80
N PRO F 89 -14.36 39.94 38.40
CA PRO F 89 -15.07 41.09 37.82
C PRO F 89 -14.51 41.59 36.50
N HIS F 90 -15.39 41.74 35.50
CA HIS F 90 -15.04 42.33 34.22
C HIS F 90 -15.58 43.76 34.16
N LYS F 91 -15.13 44.50 33.14
CA LYS F 91 -15.64 45.85 32.87
C LYS F 91 -16.03 45.94 31.39
N GLY F 92 -16.74 47.03 31.05
CA GLY F 92 -17.28 47.21 29.72
C GLY F 92 -18.67 46.58 29.59
N THR F 93 -19.07 46.30 28.34
CA THR F 93 -20.32 45.62 28.07
C THR F 93 -20.23 44.17 28.58
N MET F 94 -21.34 43.68 29.15
CA MET F 94 -21.40 42.35 29.73
C MET F 94 -21.90 41.38 28.67
N PRO F 95 -21.05 40.42 28.18
CA PRO F 95 -21.47 39.48 27.16
C PRO F 95 -22.80 38.98 27.74
N LYS F 96 -23.86 39.07 26.93
CA LYS F 96 -25.20 38.71 27.37
C LYS F 96 -25.40 37.37 26.63
N GLU F 97 -24.75 37.21 25.48
CA GLU F 97 -24.84 35.98 24.70
C GLU F 97 -23.67 35.09 25.08
N VAL F 98 -23.96 33.99 25.79
CA VAL F 98 -22.95 33.03 26.21
C VAL F 98 -22.87 31.93 25.16
N ASN F 99 -21.70 31.82 24.52
CA ASN F 99 -21.48 30.82 23.47
C ASN F 99 -20.20 30.04 23.80
N LEU F 100 -19.91 29.02 22.99
CA LEU F 100 -18.72 28.21 23.14
C LEU F 100 -17.48 29.09 23.15
N GLY F 101 -17.45 30.08 22.25
CA GLY F 101 -16.32 30.97 22.09
C GLY F 101 -16.01 31.78 23.34
N LEU F 102 -17.04 32.35 23.95
CA LEU F 102 -16.88 33.19 25.14
C LEU F 102 -16.19 32.39 26.23
N LEU F 103 -16.69 31.19 26.52
CA LEU F 103 -16.18 30.35 27.59
C LEU F 103 -14.69 30.08 27.40
N ALA F 104 -14.30 29.83 26.14
CA ALA F 104 -12.91 29.55 25.81
C ALA F 104 -12.02 30.72 26.21
N LYS F 105 -12.49 31.95 25.92
CA LYS F 105 -11.74 33.16 26.24
C LYS F 105 -11.70 33.36 27.75
N LYS F 106 -12.83 33.08 28.42
CA LYS F 106 -12.92 33.21 29.87
C LYS F 106 -11.91 32.26 30.52
N ALA F 107 -11.77 31.06 29.94
CA ALA F 107 -10.86 30.04 30.45
C ALA F 107 -9.42 30.53 30.34
N ASP F 108 -9.09 31.15 29.19
CA ASP F 108 -7.76 31.66 28.94
C ASP F 108 -7.42 32.75 29.95
N LEU F 109 -8.39 33.64 30.21
CA LEU F 109 -8.21 34.75 31.13
C LEU F 109 -7.84 34.22 32.52
N CYS F 110 -8.57 33.20 32.97
CA CYS F 110 -8.32 32.58 34.25
C CYS F 110 -6.88 32.08 34.33
N GLN F 111 -6.45 31.35 33.28
CA GLN F 111 -5.15 30.69 33.26
C GLN F 111 -4.04 31.74 33.38
N LEU F 112 -4.24 32.91 32.77
CA LEU F 112 -3.28 34.00 32.89
C LEU F 112 -3.26 34.52 34.32
N ILE F 113 -4.45 34.68 34.91
CA ILE F 113 -4.58 35.18 36.28
C ILE F 113 -3.90 34.21 37.24
N ARG F 114 -4.01 32.90 36.95
CA ARG F 114 -3.39 31.87 37.77
C ARG F 114 -1.88 32.10 37.83
N ASP F 115 -1.28 32.37 36.67
CA ASP F 115 0.16 32.56 36.57
C ASP F 115 0.59 33.81 37.31
N MET F 116 -0.25 34.85 37.27
CA MET F 116 0.07 36.14 37.87
C MET F 116 0.11 36.02 39.39
N VAL F 117 -0.65 35.07 39.95
CA VAL F 117 -0.69 34.86 41.39
C VAL F 117 0.56 34.08 41.82
N ASN F 118 1.05 33.18 40.96
CA ASN F 118 2.21 32.36 41.26
C ASN F 118 3.45 33.23 41.37
N VAL F 119 3.65 34.12 40.40
CA VAL F 119 4.86 34.93 40.29
C VAL F 119 4.93 35.92 41.46
N CYS F 120 3.78 36.49 41.84
CA CYS F 120 3.72 37.48 42.90
C CYS F 120 3.96 36.82 44.26
N GLU F 121 5.09 37.15 44.89
CA GLU F 121 5.44 36.62 46.19
C GLU F 121 5.66 37.79 47.17
N ASN F 128 13.70 38.27 47.50
CA ASN F 128 12.99 37.91 46.25
C ASN F 128 12.56 39.19 45.53
N PRO F 129 13.41 39.76 44.65
CA PRO F 129 13.04 40.94 43.85
C PRO F 129 11.96 40.63 42.82
N PRO F 130 11.34 41.66 42.19
CA PRO F 130 10.35 41.44 41.14
C PRO F 130 10.96 40.93 39.82
N SER F 131 12.24 41.26 39.58
CA SER F 131 12.92 40.87 38.36
C SER F 131 13.25 39.38 38.38
N LEU F 132 13.88 38.93 39.46
CA LEU F 132 14.36 37.56 39.58
C LEU F 132 13.17 36.60 39.72
N ALA F 133 12.20 36.97 40.56
CA ALA F 133 11.01 36.16 40.79
C ALA F 133 10.31 35.84 39.47
N LYS F 134 10.28 36.82 38.57
CA LYS F 134 9.65 36.65 37.27
C LYS F 134 10.46 35.69 36.40
N TYR F 135 11.79 35.71 36.52
CA TYR F 135 12.64 34.80 35.79
C TYR F 135 12.47 33.37 36.31
N ARG F 136 12.51 33.23 37.64
CA ARG F 136 12.36 31.93 38.28
C ARG F 136 10.99 31.33 37.99
N ALA F 137 9.96 32.19 37.88
CA ALA F 137 8.59 31.75 37.69
C ALA F 137 8.43 31.01 36.36
N LEU F 138 9.19 31.43 35.34
CA LEU F 138 9.15 30.81 34.03
C LEU F 138 9.70 29.39 34.10
N ARG F 139 10.68 29.17 34.98
CA ARG F 139 11.36 27.89 35.12
C ARG F 139 11.91 27.48 33.75
N CYS F 140 12.84 28.31 33.24
CA CYS F 140 13.43 28.11 31.92
C CYS F 140 14.71 28.93 31.82
N LYS F 141 15.67 28.43 31.03
CA LYS F 141 16.96 29.09 30.86
C LYS F 141 16.89 30.01 29.65
N ILE F 142 16.79 31.32 29.91
CA ILE F 142 16.82 32.33 28.86
C ILE F 142 18.14 33.08 28.94
N GLU F 143 18.94 32.98 27.87
CA GLU F 143 20.25 33.64 27.80
C GLU F 143 20.26 34.63 26.64
N HIS F 144 21.08 35.67 26.76
CA HIS F 144 21.23 36.69 25.73
C HIS F 144 22.35 36.29 24.78
N VAL F 145 22.19 36.65 23.50
CA VAL F 145 23.20 36.41 22.48
C VAL F 145 23.64 37.77 21.92
N GLU F 146 24.96 37.97 21.81
CA GLU F 146 25.53 39.20 21.29
C GLU F 146 25.43 39.21 19.77
N GLN F 147 25.57 40.39 19.18
CA GLN F 147 25.56 40.56 17.73
C GLN F 147 26.93 40.16 17.16
N ASN F 148 27.97 40.31 17.98
CA ASN F 148 29.34 40.03 17.58
C ASN F 148 29.51 38.53 17.31
N THR F 149 28.78 37.69 18.07
CA THR F 149 28.87 36.25 17.95
C THR F 149 28.32 35.81 16.59
N GLU F 150 28.83 34.68 16.10
CA GLU F 150 28.48 34.16 14.79
C GLU F 150 27.22 33.31 14.86
N GLU F 151 26.78 33.00 16.09
CA GLU F 151 25.50 32.33 16.33
C GLU F 151 24.36 33.25 15.93
N PHE F 152 24.52 34.55 16.19
CA PHE F 152 23.51 35.56 15.92
C PHE F 152 23.23 35.62 14.42
N LEU F 153 24.29 35.57 13.61
CA LEU F 153 24.19 35.70 12.17
C LEU F 153 23.51 34.47 11.58
N ARG F 154 23.72 33.30 12.20
CA ARG F 154 23.07 32.07 11.77
C ARG F 154 21.57 32.18 11.96
N VAL F 155 21.16 32.58 13.18
CA VAL F 155 19.76 32.63 13.55
C VAL F 155 19.05 33.69 12.70
N ARG F 156 19.72 34.84 12.50
CA ARG F 156 19.18 35.92 11.69
C ARG F 156 18.90 35.41 10.28
N LYS F 157 19.86 34.67 9.71
CA LYS F 157 19.78 34.23 8.33
C LYS F 157 18.68 33.18 8.19
N GLU F 158 18.58 32.26 9.15
CA GLU F 158 17.56 31.22 9.13
C GLU F 158 16.17 31.85 9.15
N VAL F 159 16.03 33.00 9.83
CA VAL F 159 14.79 33.75 9.86
C VAL F 159 14.59 34.42 8.51
N LEU F 160 15.64 35.07 7.99
CA LEU F 160 15.55 35.84 6.76
C LEU F 160 16.02 34.99 5.58
N GLN F 161 15.14 34.09 5.13
CA GLN F 161 15.34 33.32 3.90
C GLN F 161 14.02 33.27 3.14
N ASN F 162 13.07 32.51 3.69
CA ASN F 162 11.73 32.40 3.13
C ASN F 162 10.95 33.66 3.49
N HIS F 163 11.16 34.72 2.70
CA HIS F 163 10.53 36.01 2.96
C HIS F 163 9.70 36.40 1.74
N HIS F 164 8.42 35.99 1.76
CA HIS F 164 7.51 36.24 0.65
C HIS F 164 7.23 37.74 0.54
N SER F 165 6.77 38.33 1.65
CA SER F 165 6.60 39.77 1.75
C SER F 165 7.98 40.42 1.83
N LYS F 166 8.05 41.70 1.41
CA LYS F 166 9.31 42.42 1.39
C LYS F 166 9.17 43.70 2.22
N SER F 167 8.90 43.50 3.52
CA SER F 167 8.88 44.58 4.49
C SER F 167 10.20 44.59 5.26
N PRO F 168 10.75 45.77 5.63
CA PRO F 168 11.98 45.84 6.43
C PRO F 168 11.87 45.08 7.76
N VAL F 169 12.74 44.08 7.94
CA VAL F 169 12.77 43.27 9.14
C VAL F 169 13.89 43.76 10.05
N ASP F 170 13.52 44.24 11.24
CA ASP F 170 14.48 44.71 12.23
C ASP F 170 14.64 43.64 13.32
N VAL F 171 15.72 42.86 13.22
CA VAL F 171 16.03 41.84 14.20
C VAL F 171 16.81 42.49 15.34
N LEU F 172 16.10 42.87 16.42
CA LEU F 172 16.71 43.57 17.54
C LEU F 172 17.47 42.76 18.59
N GLN F 173 16.84 41.71 19.10
CA GLN F 173 17.37 40.94 20.22
C GLN F 173 17.03 39.49 19.90
N ILE F 174 17.99 38.59 20.18
CA ILE F 174 17.79 37.16 20.02
C ILE F 174 18.26 36.47 21.31
N PHE F 175 17.41 35.57 21.83
CA PHE F 175 17.70 34.88 23.08
C PHE F 175 17.62 33.36 22.85
N ARG F 176 18.54 32.63 23.48
CA ARG F 176 18.46 31.19 23.57
C ARG F 176 17.39 30.84 24.59
N VAL F 177 16.72 29.69 24.40
CA VAL F 177 15.67 29.25 25.31
C VAL F 177 15.53 27.73 25.22
N GLY F 178 15.09 27.12 26.32
CA GLY F 178 14.87 25.68 26.37
C GLY F 178 14.28 25.27 27.72
N ARG F 179 13.12 24.61 27.68
CA ARG F 179 12.44 24.13 28.89
C ARG F 179 13.18 22.90 29.42
N VAL F 180 12.99 22.64 30.72
CA VAL F 180 13.74 21.61 31.42
C VAL F 180 13.17 20.23 31.09
N ASN F 181 11.86 20.07 31.31
CA ASN F 181 11.20 18.77 31.21
C ASN F 181 10.80 18.49 29.77
N GLU F 182 10.93 19.49 28.88
CA GLU F 182 10.54 19.35 27.48
C GLU F 182 11.62 18.61 26.71
N THR F 183 12.89 18.98 26.95
CA THR F 183 14.02 18.48 26.17
C THR F 183 14.09 16.95 26.23
N THR F 184 13.94 16.40 27.44
CA THR F 184 14.05 14.95 27.66
C THR F 184 12.85 14.23 27.03
N GLU F 185 11.66 14.82 27.17
CA GLU F 185 10.42 14.21 26.70
C GLU F 185 10.26 14.40 25.20
N PHE F 186 11.00 15.35 24.61
CA PHE F 186 10.91 15.66 23.19
C PHE F 186 11.22 14.41 22.36
N LEU F 187 10.47 14.25 21.26
CA LEU F 187 10.62 13.10 20.38
C LEU F 187 11.74 13.38 19.37
N SER F 188 12.99 13.16 19.81
CA SER F 188 14.16 13.32 18.96
C SER F 188 14.29 12.15 18.00
N LYS F 189 13.90 10.95 18.47
CA LYS F 189 14.02 9.73 17.69
C LYS F 189 13.11 9.80 16.46
N LEU F 190 11.98 10.49 16.56
CA LEU F 190 11.09 10.70 15.43
C LEU F 190 11.83 11.54 14.38
N GLY F 191 11.64 11.18 13.11
CA GLY F 191 12.43 11.75 12.02
C GLY F 191 11.93 13.13 11.59
N ASN F 192 12.70 13.77 10.71
CA ASN F 192 12.36 15.06 10.13
C ASN F 192 12.29 16.10 11.24
N VAL F 193 13.42 16.29 11.94
CA VAL F 193 13.54 17.27 13.00
C VAL F 193 14.12 18.55 12.41
N ARG F 194 13.24 19.47 11.99
CA ARG F 194 13.65 20.72 11.37
C ARG F 194 13.08 21.89 12.16
N PRO F 195 13.82 23.02 12.26
CA PRO F 195 13.32 24.21 12.96
C PRO F 195 12.29 24.98 12.14
N LEU F 196 11.33 25.60 12.84
CA LEU F 196 10.30 26.41 12.21
C LEU F 196 9.99 27.61 13.10
N LEU F 197 9.19 28.55 12.59
CA LEU F 197 8.83 29.76 13.29
C LEU F 197 7.40 29.66 13.80
N HIS F 198 7.20 29.97 15.08
CA HIS F 198 5.89 29.99 15.70
C HIS F 198 5.50 31.42 16.04
N GLY F 199 4.48 31.94 15.35
CA GLY F 199 3.94 33.27 15.63
C GLY F 199 3.01 33.25 16.84
N SER F 200 3.15 34.25 17.71
CA SER F 200 2.37 34.35 18.93
C SER F 200 2.37 35.79 19.43
N PRO F 201 1.28 36.27 20.08
CA PRO F 201 1.27 37.58 20.72
C PRO F 201 2.15 37.62 21.96
N VAL F 202 2.53 38.84 22.36
CA VAL F 202 3.53 39.06 23.41
C VAL F 202 2.95 38.66 24.77
N GLN F 203 1.63 38.86 24.93
CA GLN F 203 0.96 38.61 26.19
C GLN F 203 1.03 37.13 26.58
N ASN F 204 0.97 36.25 25.58
CA ASN F 204 0.87 34.81 25.81
C ASN F 204 2.25 34.20 26.10
N ILE F 205 3.33 34.96 25.87
CA ILE F 205 4.68 34.44 25.95
C ILE F 205 4.95 33.89 27.35
N VAL F 206 4.55 34.64 28.39
CA VAL F 206 4.79 34.24 29.77
C VAL F 206 4.31 32.82 29.99
N GLY F 207 3.13 32.48 29.44
CA GLY F 207 2.55 31.16 29.57
C GLY F 207 3.31 30.11 28.75
N ILE F 208 3.72 30.51 27.54
CA ILE F 208 4.40 29.62 26.62
C ILE F 208 5.74 29.19 27.24
N LEU F 209 6.43 30.13 27.88
CA LEU F 209 7.73 29.85 28.49
C LEU F 209 7.57 28.98 29.74
N CYS F 210 6.39 29.07 30.39
CA CYS F 210 6.12 28.30 31.59
C CYS F 210 5.76 26.87 31.24
N ARG F 211 4.67 26.69 30.47
CA ARG F 211 4.05 25.39 30.28
C ARG F 211 4.44 24.77 28.94
N GLY F 212 5.01 25.58 28.04
CA GLY F 212 5.30 25.14 26.68
C GLY F 212 4.10 25.36 25.77
N LEU F 213 4.27 25.03 24.49
CA LEU F 213 3.18 25.14 23.51
C LEU F 213 2.20 24.00 23.74
N LEU F 214 0.98 24.36 24.16
CA LEU F 214 -0.07 23.39 24.46
C LEU F 214 -1.05 23.31 23.29
N LEU F 215 -1.89 22.27 23.32
CA LEU F 215 -2.88 22.05 22.28
C LEU F 215 -4.07 22.98 22.50
N PRO F 216 -4.64 23.60 21.44
CA PRO F 216 -5.84 24.43 21.60
C PRO F 216 -7.05 23.60 22.04
N LYS F 217 -7.95 24.23 22.79
CA LYS F 217 -9.21 23.62 23.18
C LYS F 217 -10.16 23.66 22.00
N VAL F 218 -10.69 22.48 21.61
CA VAL F 218 -11.50 22.34 20.41
C VAL F 218 -12.83 23.05 20.61
N VAL F 219 -13.36 23.61 19.52
CA VAL F 219 -14.63 24.34 19.55
C VAL F 219 -15.51 23.81 18.43
N GLU F 220 -16.64 23.21 18.80
CA GLU F 220 -17.60 22.67 17.85
C GLU F 220 -18.42 23.83 17.25
N VAL F 229 -10.80 28.32 14.77
CA VAL F 229 -9.85 29.37 14.27
C VAL F 229 -8.83 28.73 13.33
N GLY F 230 -8.35 27.52 13.68
CA GLY F 230 -7.39 26.80 12.87
C GLY F 230 -8.05 26.04 11.72
N ASN F 231 -7.36 26.02 10.56
CA ASN F 231 -7.89 25.42 9.35
C ASN F 231 -7.35 23.99 9.20
N LEU F 232 -6.44 23.59 10.09
CA LEU F 232 -5.93 22.22 10.12
C LEU F 232 -6.15 21.63 11.51
N GLY F 233 -7.35 21.82 12.05
CA GLY F 233 -7.74 21.23 13.32
C GLY F 233 -7.07 21.92 14.52
N SER F 234 -7.32 21.37 15.70
CA SER F 234 -6.77 21.89 16.95
C SER F 234 -5.36 21.34 17.16
N GLY F 235 -4.37 22.07 16.68
CA GLY F 235 -2.96 21.69 16.82
C GLY F 235 -2.07 22.91 16.98
N ILE F 236 -0.75 22.66 17.08
CA ILE F 236 0.24 23.71 17.23
C ILE F 236 0.72 24.09 15.83
N TYR F 237 0.43 25.34 15.43
CA TYR F 237 0.74 25.81 14.08
C TYR F 237 2.12 26.45 14.05
N PHE F 238 2.83 26.24 12.93
CA PHE F 238 4.13 26.85 12.68
C PHE F 238 4.17 27.34 11.24
N SER F 239 5.31 27.92 10.86
CA SER F 239 5.56 28.31 9.48
C SER F 239 7.06 28.42 9.24
N ASP F 240 7.46 28.15 7.98
CA ASP F 240 8.85 28.32 7.56
C ASP F 240 9.08 29.78 7.19
N SER F 241 8.04 30.43 6.67
CA SER F 241 8.10 31.83 6.27
C SER F 241 7.93 32.74 7.48
N LEU F 242 8.58 33.91 7.43
CA LEU F 242 8.48 34.90 8.49
C LEU F 242 7.27 35.80 8.24
N SER F 243 7.07 36.18 6.97
CA SER F 243 5.99 37.08 6.58
C SER F 243 4.63 36.56 7.05
N THR F 244 4.47 35.23 7.04
CA THR F 244 3.25 34.59 7.49
C THR F 244 3.12 34.70 9.00
N SER F 245 4.26 34.67 9.70
CA SER F 245 4.30 34.70 11.16
C SER F 245 4.04 36.11 11.69
N ILE F 246 4.19 37.12 10.84
CA ILE F 246 3.96 38.51 11.23
C ILE F 246 2.47 38.71 11.50
N LYS F 247 1.61 38.02 10.74
CA LYS F 247 0.17 38.15 10.89
C LYS F 247 -0.29 37.54 12.22
N TYR F 248 0.41 36.49 12.67
CA TYR F 248 0.15 35.90 13.97
C TYR F 248 0.60 36.86 15.08
N SER F 249 1.89 37.19 15.07
CA SER F 249 2.51 37.97 16.13
C SER F 249 2.23 39.47 15.92
N HIS F 250 1.30 40.02 16.70
CA HIS F 250 1.03 41.45 16.69
C HIS F 250 2.07 42.18 17.53
N PRO F 251 2.23 43.51 17.38
CA PRO F 251 3.14 44.29 18.22
C PRO F 251 2.72 44.29 19.68
N GLY F 252 3.72 44.51 20.57
CA GLY F 252 3.47 44.59 22.00
C GLY F 252 2.87 45.93 22.40
N GLU F 253 2.32 45.98 23.62
CA GLU F 253 1.74 47.19 24.18
C GLU F 253 2.79 47.93 25.00
N THR F 254 3.57 47.18 25.79
CA THR F 254 4.50 47.77 26.74
C THR F 254 5.70 48.37 26.00
N ASP F 255 6.46 47.51 25.31
CA ASP F 255 7.68 47.93 24.62
C ASP F 255 7.33 48.38 23.20
N GLY F 256 6.60 47.52 22.47
CA GLY F 256 6.24 47.77 21.09
C GLY F 256 7.13 46.98 20.12
N THR F 257 7.25 45.67 20.39
CA THR F 257 8.10 44.79 19.62
C THR F 257 7.47 43.40 19.55
N ARG F 258 7.48 42.81 18.35
CA ARG F 258 6.95 41.48 18.13
C ARG F 258 7.91 40.44 18.70
N LEU F 259 7.35 39.37 19.27
CA LEU F 259 8.11 38.20 19.68
C LEU F 259 7.70 37.00 18.83
N LEU F 260 8.64 36.07 18.65
CA LEU F 260 8.43 34.91 17.79
C LEU F 260 9.38 33.80 18.22
N LEU F 261 8.85 32.57 18.33
CA LEU F 261 9.60 31.43 18.85
C LEU F 261 10.04 30.53 17.71
N ILE F 262 11.35 30.27 17.63
CA ILE F 262 11.89 29.26 16.73
C ILE F 262 12.00 27.97 17.52
N CYS F 263 11.43 26.89 16.97
CA CYS F 263 11.33 25.61 17.67
C CYS F 263 11.70 24.46 16.73
N ASP F 264 12.45 23.49 17.26
CA ASP F 264 12.74 22.26 16.55
C ASP F 264 11.51 21.37 16.57
N VAL F 265 10.64 21.52 15.56
CA VAL F 265 9.40 20.78 15.48
C VAL F 265 9.66 19.46 14.75
N ALA F 266 9.56 18.34 15.49
CA ALA F 266 9.61 17.02 14.90
C ALA F 266 8.27 16.72 14.23
N LEU F 267 8.21 16.88 12.91
CA LEU F 267 6.96 16.70 12.13
C LEU F 267 6.90 15.28 11.57
N GLY F 268 8.00 14.52 11.62
CA GLY F 268 8.05 13.17 11.05
C GLY F 268 7.39 13.17 9.67
N LYS F 269 6.75 12.07 9.28
CA LYS F 269 5.99 12.03 8.01
C LYS F 269 5.09 13.26 7.99
N CYS F 270 4.89 13.91 6.85
CA CYS F 270 3.97 15.03 6.80
C CYS F 270 3.06 14.92 5.58
N MET F 271 1.75 15.06 5.80
CA MET F 271 0.77 14.97 4.73
C MET F 271 0.63 16.34 4.08
N ASP F 272 1.00 16.42 2.79
CA ASP F 272 0.86 17.63 2.01
C ASP F 272 -0.58 17.75 1.52
N LEU F 273 -1.47 18.21 2.40
CA LEU F 273 -2.88 18.35 2.09
C LEU F 273 -3.13 19.64 1.32
N HIS F 274 -4.09 19.58 0.38
CA HIS F 274 -4.53 20.74 -0.37
C HIS F 274 -5.79 21.30 0.27
N GLU F 275 -6.76 20.42 0.54
CA GLU F 275 -8.04 20.80 1.11
C GLU F 275 -7.87 21.07 2.61
N LYS F 276 -8.80 21.83 3.19
CA LYS F 276 -8.83 22.09 4.62
C LYS F 276 -9.47 20.90 5.33
N ASP F 277 -9.25 20.81 6.65
CA ASP F 277 -9.83 19.76 7.47
C ASP F 277 -9.80 20.22 8.93
N PHE F 278 -10.99 20.51 9.47
CA PHE F 278 -11.13 21.11 10.79
C PHE F 278 -11.38 20.04 11.86
N SER F 279 -11.72 18.82 11.43
CA SER F 279 -12.15 17.77 12.34
C SER F 279 -10.95 17.05 12.95
N LEU F 280 -9.73 17.41 12.54
CA LEU F 280 -8.52 16.76 13.02
C LEU F 280 -8.22 17.21 14.45
N THR F 281 -8.67 16.41 15.42
CA THR F 281 -8.29 16.58 16.81
C THR F 281 -6.83 16.17 16.98
N GLU F 282 -6.42 15.15 16.21
CA GLU F 282 -5.05 14.67 16.19
C GLU F 282 -4.63 14.47 14.73
N ALA F 283 -3.36 14.08 14.53
CA ALA F 283 -2.79 13.97 13.20
C ALA F 283 -3.53 12.93 12.36
N PRO F 284 -3.46 12.99 11.01
CA PRO F 284 -4.11 12.01 10.14
C PRO F 284 -3.48 10.62 10.26
N PRO F 285 -4.14 9.57 9.74
CA PRO F 285 -3.64 8.19 9.89
C PRO F 285 -2.45 7.88 8.99
N GLY F 286 -1.34 7.47 9.62
CA GLY F 286 -0.15 7.06 8.91
C GLY F 286 0.95 8.13 8.92
N TYR F 287 0.58 9.37 9.27
CA TYR F 287 1.50 10.50 9.21
C TYR F 287 1.49 11.24 10.55
N ASP F 288 2.57 12.00 10.80
CA ASP F 288 2.82 12.60 12.10
C ASP F 288 2.52 14.10 12.09
N SER F 289 2.20 14.66 10.91
CA SER F 289 1.98 16.09 10.79
C SER F 289 1.22 16.40 9.49
N VAL F 290 0.78 17.65 9.37
CA VAL F 290 0.07 18.13 8.20
C VAL F 290 0.76 19.41 7.72
N HIS F 291 1.06 19.47 6.42
CA HIS F 291 1.67 20.65 5.80
C HIS F 291 0.63 21.32 4.91
N GLY F 292 0.13 22.48 5.36
CA GLY F 292 -0.71 23.33 4.55
C GLY F 292 0.27 23.74 3.45
N VAL F 293 -0.08 23.44 2.20
CA VAL F 293 0.80 23.67 1.06
C VAL F 293 0.32 25.05 0.60
N SER F 294 1.25 26.02 0.58
CA SER F 294 0.93 27.37 0.15
C SER F 294 0.68 27.38 -1.36
N ASP F 302 -6.24 25.80 -0.78
CA ASP F 302 -6.98 26.85 -0.04
C ASP F 302 -6.03 27.60 0.87
N PHE F 303 -4.95 26.92 1.30
CA PHE F 303 -3.97 27.49 2.21
C PHE F 303 -3.15 28.55 1.48
N GLU F 304 -3.09 29.75 2.06
CA GLU F 304 -2.28 30.84 1.53
C GLU F 304 -0.87 30.73 2.11
N ASP F 305 -0.80 30.63 3.45
CA ASP F 305 0.47 30.57 4.16
C ASP F 305 0.95 29.11 4.25
N ASP F 306 2.26 28.94 4.45
CA ASP F 306 2.84 27.64 4.75
C ASP F 306 2.56 27.31 6.22
N GLU F 307 1.78 26.26 6.45
CA GLU F 307 1.35 25.91 7.80
C GLU F 307 1.74 24.47 8.11
N PHE F 308 2.78 24.32 8.95
CA PHE F 308 3.14 23.03 9.53
C PHE F 308 2.43 22.86 10.86
N VAL F 309 1.76 21.71 11.04
CA VAL F 309 0.93 21.47 12.21
C VAL F 309 1.26 20.11 12.80
N VAL F 310 1.44 20.09 14.14
CA VAL F 310 1.55 18.86 14.91
C VAL F 310 0.45 18.88 15.97
N TYR F 311 0.16 17.70 16.53
CA TYR F 311 -0.95 17.54 17.46
C TYR F 311 -0.48 16.88 18.75
N LYS F 312 0.75 17.21 19.18
CA LYS F 312 1.32 16.64 20.40
C LYS F 312 2.19 17.71 21.07
N THR F 313 2.22 17.66 22.41
CA THR F 313 2.97 18.61 23.21
C THR F 313 4.47 18.31 23.13
N ASN F 314 4.81 17.03 22.94
CA ASN F 314 6.19 16.57 22.99
C ASN F 314 6.74 16.42 21.57
N GLN F 315 6.06 17.00 20.58
CA GLN F 315 6.60 17.06 19.22
C GLN F 315 7.26 18.42 18.97
N VAL F 316 7.41 19.23 20.04
CA VAL F 316 7.97 20.56 19.91
C VAL F 316 9.11 20.72 20.93
N LYS F 317 10.10 21.52 20.55
CA LYS F 317 11.20 21.89 21.44
C LYS F 317 11.68 23.29 21.06
N MET F 318 11.37 24.27 21.92
CA MET F 318 11.67 25.67 21.64
C MET F 318 13.16 25.92 21.83
N LYS F 319 13.74 26.74 20.94
CA LYS F 319 15.17 26.96 20.86
C LYS F 319 15.51 28.43 21.05
N TYR F 320 14.86 29.31 20.29
CA TYR F 320 15.20 30.73 20.29
C TYR F 320 13.94 31.58 20.39
N ILE F 321 14.14 32.84 20.82
CA ILE F 321 13.09 33.84 20.87
C ILE F 321 13.58 35.07 20.09
N ILE F 322 12.82 35.46 19.06
CA ILE F 322 13.22 36.54 18.17
C ILE F 322 12.42 37.79 18.50
N LYS F 323 13.10 38.79 19.06
CA LYS F 323 12.52 40.10 19.30
C LYS F 323 12.74 40.98 18.07
N PHE F 324 11.64 41.33 17.39
CA PHE F 324 11.72 42.11 16.17
C PHE F 324 10.58 43.12 16.12
N SER F 325 10.70 44.09 15.19
CA SER F 325 9.71 45.15 15.05
C SER F 325 9.53 45.49 13.56
N MET F 326 8.29 45.83 13.19
CA MET F 326 7.95 46.20 11.83
C MET F 326 8.08 47.71 11.68
N PRO F 327 8.09 48.25 10.44
CA PRO F 327 8.13 49.70 10.22
C PRO F 327 7.11 50.49 11.05
N GLY F 328 5.86 50.00 11.05
CA GLY F 328 4.80 50.62 11.81
C GLY F 328 4.94 50.36 13.31
N SER G 2 -35.56 3.78 -60.37
CA SER G 2 -36.69 4.63 -60.05
C SER G 2 -36.19 6.03 -59.70
N GLU G 3 -37.14 6.93 -59.41
CA GLU G 3 -36.82 8.31 -59.07
C GLU G 3 -36.12 8.37 -57.71
N GLN G 4 -36.52 7.48 -56.78
CA GLN G 4 -35.96 7.45 -55.44
C GLN G 4 -34.53 6.92 -55.47
N LEU G 5 -34.23 6.04 -56.43
CA LEU G 5 -32.95 5.35 -56.49
C LEU G 5 -31.87 6.33 -56.92
N GLN G 6 -32.09 6.97 -58.07
CA GLN G 6 -31.13 7.90 -58.65
C GLN G 6 -30.90 9.07 -57.69
N ALA G 7 -31.95 9.46 -56.97
CA ALA G 7 -31.86 10.51 -55.97
C ALA G 7 -30.85 10.13 -54.88
N LEU G 8 -30.98 8.90 -54.36
CA LEU G 8 -30.15 8.43 -53.27
C LEU G 8 -28.74 8.11 -53.77
N LEU G 9 -28.61 7.75 -55.06
CA LEU G 9 -27.31 7.55 -55.67
C LEU G 9 -26.54 8.89 -55.69
N LEU G 10 -27.25 9.97 -56.00
CA LEU G 10 -26.67 11.31 -55.96
C LEU G 10 -26.28 11.67 -54.52
N GLU G 11 -27.12 11.30 -53.56
CA GLU G 11 -26.89 11.63 -52.15
C GLU G 11 -25.57 11.04 -51.68
N GLU G 12 -25.32 9.77 -52.00
CA GLU G 12 -24.10 9.10 -51.58
C GLU G 12 -22.89 9.74 -52.26
N VAL G 13 -23.05 10.18 -53.51
CA VAL G 13 -21.98 10.81 -54.28
C VAL G 13 -21.73 12.21 -53.74
N MET G 14 -22.82 12.97 -53.52
CA MET G 14 -22.72 14.35 -53.05
C MET G 14 -22.09 14.40 -51.67
N ASN G 15 -22.49 13.48 -50.79
CA ASN G 15 -22.08 13.51 -49.39
C ASN G 15 -20.66 12.94 -49.22
N SER G 16 -20.19 12.17 -50.20
CA SER G 16 -18.87 11.58 -50.15
C SER G 16 -17.81 12.59 -50.56
N SER G 17 -17.49 13.50 -49.64
CA SER G 17 -16.41 14.46 -49.80
C SER G 17 -15.06 13.84 -49.43
N THR G 18 -14.18 13.62 -50.41
CA THR G 18 -12.86 12.98 -50.19
C THR G 18 -12.20 13.54 -48.93
N LEU G 19 -11.99 12.71 -47.90
CA LEU G 19 -11.28 13.11 -46.66
C LEU G 19 -10.62 11.89 -46.05
N SER G 20 -9.34 11.97 -45.69
CA SER G 20 -8.58 10.86 -45.07
C SER G 20 -9.44 10.16 -44.02
N GLN G 21 -9.47 8.83 -44.00
CA GLN G 21 -10.15 8.07 -42.95
C GLN G 21 -9.53 8.39 -41.59
N GLU G 22 -8.24 8.73 -41.58
CA GLU G 22 -7.53 9.05 -40.35
C GLU G 22 -8.10 10.33 -39.74
N VAL G 23 -8.40 11.31 -40.60
CA VAL G 23 -9.00 12.57 -40.17
C VAL G 23 -10.41 12.30 -39.67
N SER G 24 -11.18 11.53 -40.44
CA SER G 24 -12.56 11.19 -40.08
C SER G 24 -12.60 10.59 -38.68
N ASP G 25 -11.70 9.63 -38.42
CA ASP G 25 -11.65 8.94 -37.14
C ASP G 25 -11.19 9.88 -36.03
N LEU G 26 -10.27 10.80 -36.36
CA LEU G 26 -9.79 11.79 -35.41
C LEU G 26 -10.91 12.77 -35.07
N VAL G 27 -11.65 13.21 -36.10
CA VAL G 27 -12.76 14.12 -35.93
C VAL G 27 -13.85 13.45 -35.10
N GLU G 28 -14.16 12.19 -35.43
CA GLU G 28 -15.19 11.44 -34.74
C GLU G 28 -14.82 11.23 -33.27
N MET G 29 -13.52 11.08 -32.99
CA MET G 29 -13.04 10.83 -31.64
C MET G 29 -13.29 12.06 -30.76
N ILE G 30 -12.71 13.19 -31.17
CA ILE G 30 -12.69 14.39 -30.34
C ILE G 30 -14.10 14.82 -29.99
N TRP G 31 -15.03 14.70 -30.95
CA TRP G 31 -16.42 15.09 -30.74
C TRP G 31 -17.14 14.07 -29.87
N ALA G 32 -16.79 12.79 -30.02
CA ALA G 32 -17.31 11.74 -29.17
C ALA G 32 -16.71 11.89 -27.76
N GLU G 33 -15.44 12.30 -27.70
CA GLU G 33 -14.75 12.52 -26.43
C GLU G 33 -15.38 13.69 -25.70
N ALA G 34 -15.64 14.77 -26.42
CA ALA G 34 -16.25 15.97 -25.87
C ALA G 34 -17.63 15.62 -25.30
N LEU G 35 -18.44 14.92 -26.12
CA LEU G 35 -19.76 14.47 -25.71
C LEU G 35 -19.65 13.57 -24.49
N GLY G 36 -18.63 12.71 -24.46
CA GLY G 36 -18.40 11.78 -23.37
C GLY G 36 -18.11 12.50 -22.05
N HIS G 37 -17.37 13.61 -22.12
CA HIS G 37 -17.01 14.40 -20.94
C HIS G 37 -18.26 15.04 -20.34
N LEU G 38 -19.17 15.51 -21.21
CA LEU G 38 -20.39 16.15 -20.78
C LEU G 38 -21.29 15.13 -20.10
N GLU G 39 -21.49 13.98 -20.75
CA GLU G 39 -22.41 12.96 -20.28
C GLU G 39 -21.84 12.23 -19.06
N HIS G 40 -20.59 12.53 -18.69
CA HIS G 40 -19.97 11.99 -17.49
C HIS G 40 -20.61 12.59 -16.24
N MET G 41 -21.14 13.82 -16.35
CA MET G 41 -21.79 14.49 -15.24
C MET G 41 -22.93 15.38 -15.75
N LEU G 42 -23.90 14.74 -16.42
CA LEU G 42 -25.12 15.42 -16.85
C LEU G 42 -26.27 14.42 -16.85
N LEU G 43 -27.39 14.80 -16.21
CA LEU G 43 -28.61 14.01 -16.24
C LEU G 43 -29.26 14.12 -17.61
N LYS G 44 -29.58 15.37 -18.00
CA LYS G 44 -30.24 15.63 -19.26
C LYS G 44 -29.24 15.45 -20.41
N PRO G 45 -29.59 14.67 -21.46
CA PRO G 45 -28.79 14.61 -22.69
C PRO G 45 -28.48 15.99 -23.26
N VAL G 46 -27.36 16.08 -23.99
CA VAL G 46 -26.82 17.34 -24.44
C VAL G 46 -27.66 17.87 -25.61
N ASN G 47 -28.29 16.96 -26.37
CA ASN G 47 -29.07 17.33 -27.54
C ASN G 47 -30.34 18.06 -27.12
N ARG G 48 -30.85 17.75 -25.92
CA ARG G 48 -32.05 18.38 -25.40
C ARG G 48 -31.77 19.83 -24.99
N ILE G 49 -30.53 20.12 -24.61
CA ILE G 49 -30.14 21.46 -24.16
C ILE G 49 -30.15 22.39 -25.37
N SER G 50 -30.64 23.62 -25.16
CA SER G 50 -30.78 24.62 -26.21
C SER G 50 -29.77 25.74 -26.02
N LEU G 51 -29.73 26.66 -26.99
CA LEU G 51 -28.86 27.82 -26.94
C LEU G 51 -29.33 28.78 -25.86
N ASN G 52 -30.65 28.85 -25.65
CA ASN G 52 -31.24 29.75 -24.67
C ASN G 52 -30.74 29.41 -23.27
N ASP G 53 -30.82 28.12 -22.91
CA ASP G 53 -30.46 27.65 -21.58
C ASP G 53 -29.01 27.97 -21.27
N VAL G 54 -28.14 27.87 -22.28
CA VAL G 54 -26.71 28.06 -22.11
C VAL G 54 -26.43 29.54 -21.85
N SER G 55 -27.07 30.43 -22.62
CA SER G 55 -26.91 31.87 -22.46
C SER G 55 -27.39 32.29 -21.08
N LYS G 56 -28.53 31.74 -20.65
CA LYS G 56 -29.09 31.98 -19.32
C LYS G 56 -28.08 31.54 -18.25
N ALA G 57 -27.65 30.28 -18.37
CA ALA G 57 -26.72 29.68 -17.42
C ALA G 57 -25.54 30.62 -17.16
N GLU G 58 -24.84 31.01 -18.23
CA GLU G 58 -23.66 31.85 -18.14
C GLU G 58 -23.99 33.15 -17.43
N GLY G 59 -25.18 33.71 -17.72
CA GLY G 59 -25.63 34.95 -17.11
C GLY G 59 -25.76 34.84 -15.59
N ILE G 60 -26.28 33.70 -15.11
CA ILE G 60 -26.53 33.48 -13.70
C ILE G 60 -25.20 33.46 -12.95
N LEU G 61 -24.17 32.86 -13.57
CA LEU G 61 -22.87 32.70 -12.93
C LEU G 61 -22.26 34.06 -12.62
N LEU G 62 -22.38 35.00 -13.57
CA LEU G 62 -21.78 36.33 -13.45
C LEU G 62 -22.25 37.00 -12.16
N LEU G 63 -23.53 36.82 -11.82
CA LEU G 63 -24.11 37.40 -10.62
C LEU G 63 -23.57 36.68 -9.38
N VAL G 64 -23.44 35.35 -9.48
CA VAL G 64 -22.96 34.54 -8.37
C VAL G 64 -21.50 34.88 -8.10
N LYS G 65 -20.73 35.13 -9.16
CA LYS G 65 -19.32 35.49 -9.06
C LYS G 65 -19.17 36.79 -8.28
N ALA G 66 -19.94 37.81 -8.68
CA ALA G 66 -19.90 39.12 -8.04
C ALA G 66 -20.42 39.03 -6.61
N ALA G 67 -21.39 38.14 -6.38
CA ALA G 67 -22.02 37.98 -5.07
C ALA G 67 -21.01 37.46 -4.04
N LEU G 68 -20.13 36.55 -4.48
CA LEU G 68 -19.13 35.95 -3.59
C LEU G 68 -18.11 37.02 -3.18
N LYS G 69 -17.70 37.85 -4.13
CA LYS G 69 -16.74 38.91 -3.89
C LYS G 69 -17.35 39.99 -2.99
N ASN G 70 -18.68 40.17 -3.11
CA ASN G 70 -19.41 41.11 -2.28
C ASN G 70 -19.42 40.61 -0.83
N GLY G 71 -19.66 39.30 -0.67
CA GLY G 71 -19.67 38.66 0.63
C GLY G 71 -21.09 38.41 1.14
N GLU G 72 -21.91 37.79 0.28
CA GLU G 72 -23.30 37.49 0.61
C GLU G 72 -23.36 36.21 1.43
N THR G 73 -24.54 35.92 1.97
CA THR G 73 -24.79 34.68 2.68
C THR G 73 -24.96 33.55 1.67
N ALA G 74 -24.71 32.32 2.13
CA ALA G 74 -24.78 31.14 1.28
C ALA G 74 -26.22 30.90 0.81
N GLU G 75 -27.18 31.14 1.72
CA GLU G 75 -28.60 30.95 1.45
C GLU G 75 -28.96 31.52 0.08
N GLN G 76 -28.49 32.74 -0.20
CA GLN G 76 -28.82 33.45 -1.43
C GLN G 76 -28.11 32.82 -2.62
N LEU G 77 -26.88 32.33 -2.39
CA LEU G 77 -26.10 31.69 -3.45
C LEU G 77 -26.80 30.41 -3.90
N GLN G 78 -27.40 29.69 -2.94
CA GLN G 78 -28.06 28.42 -3.23
C GLN G 78 -29.19 28.64 -4.23
N LYS G 79 -30.11 29.56 -3.90
CA LYS G 79 -31.31 29.77 -4.66
C LYS G 79 -30.98 30.17 -6.10
N MET G 80 -29.89 30.94 -6.27
CA MET G 80 -29.43 31.33 -7.59
C MET G 80 -28.92 30.11 -8.35
N MET G 81 -28.12 29.28 -7.66
CA MET G 81 -27.46 28.13 -8.27
C MET G 81 -28.48 27.06 -8.63
N THR G 82 -29.56 26.96 -7.84
CA THR G 82 -30.60 25.97 -8.10
C THR G 82 -31.29 26.26 -9.42
N GLU G 83 -31.45 27.56 -9.75
CA GLU G 83 -32.02 27.97 -11.02
C GLU G 83 -31.05 27.64 -12.16
N PHE G 84 -29.74 27.77 -11.88
CA PHE G 84 -28.71 27.38 -12.83
C PHE G 84 -28.80 25.88 -13.13
N TYR G 85 -28.94 25.07 -12.07
CA TYR G 85 -28.95 23.62 -12.19
C TYR G 85 -30.24 23.13 -12.84
N ARG G 86 -31.30 23.95 -12.80
CA ARG G 86 -32.57 23.59 -13.42
C ARG G 86 -32.45 23.67 -14.94
N LEU G 87 -31.64 24.62 -15.44
CA LEU G 87 -31.40 24.77 -16.86
C LEU G 87 -30.39 23.72 -17.33
N ILE G 88 -29.34 23.50 -16.52
CA ILE G 88 -28.30 22.53 -16.84
C ILE G 88 -28.22 21.52 -15.69
N PRO G 89 -28.99 20.42 -15.72
CA PRO G 89 -28.98 19.42 -14.65
C PRO G 89 -27.66 18.66 -14.52
N HIS G 90 -27.13 18.61 -13.29
CA HIS G 90 -25.96 17.82 -12.96
C HIS G 90 -26.39 16.56 -12.20
N LYS G 91 -25.45 15.62 -12.04
CA LYS G 91 -25.68 14.42 -11.25
C LYS G 91 -24.54 14.26 -10.25
N GLY G 92 -24.74 13.35 -9.29
CA GLY G 92 -23.80 13.14 -8.19
C GLY G 92 -24.09 14.09 -7.04
N THR G 93 -23.07 14.34 -6.20
CA THR G 93 -23.18 15.27 -5.11
C THR G 93 -23.32 16.69 -5.67
N MET G 94 -24.15 17.51 -5.03
CA MET G 94 -24.40 18.88 -5.43
C MET G 94 -23.42 19.80 -4.71
N PRO G 95 -22.46 20.44 -5.42
CA PRO G 95 -21.50 21.34 -4.78
C PRO G 95 -22.42 22.20 -3.93
N LYS G 96 -22.13 22.28 -2.63
CA LYS G 96 -22.95 23.01 -1.68
C LYS G 96 -22.11 24.26 -1.43
N GLU G 97 -20.78 24.12 -1.55
CA GLU G 97 -19.87 25.25 -1.36
C GLU G 97 -19.57 25.87 -2.73
N VAL G 98 -20.10 27.07 -2.95
CA VAL G 98 -19.90 27.80 -4.19
C VAL G 98 -18.70 28.73 -4.02
N ASN G 99 -17.64 28.48 -4.81
CA ASN G 99 -16.42 29.26 -4.74
C ASN G 99 -16.07 29.75 -6.16
N LEU G 100 -15.03 30.57 -6.26
CA LEU G 100 -14.54 31.09 -7.53
C LEU G 100 -14.25 29.93 -8.49
N GLY G 101 -13.63 28.87 -7.96
CA GLY G 101 -13.23 27.72 -8.75
C GLY G 101 -14.41 27.01 -9.41
N LEU G 102 -15.47 26.78 -8.63
CA LEU G 102 -16.64 26.06 -9.12
C LEU G 102 -17.21 26.78 -10.35
N LEU G 103 -17.41 28.10 -10.22
CA LEU G 103 -18.02 28.90 -11.26
C LEU G 103 -17.21 28.78 -12.56
N ALA G 104 -15.88 28.79 -12.44
CA ALA G 104 -14.99 28.69 -13.59
C ALA G 104 -15.26 27.39 -14.34
N LYS G 105 -15.42 26.29 -13.59
CA LYS G 105 -15.66 24.98 -14.18
C LYS G 105 -17.05 24.95 -14.81
N LYS G 106 -18.03 25.56 -14.13
CA LYS G 106 -19.40 25.62 -14.64
C LYS G 106 -19.41 26.37 -15.96
N ALA G 107 -18.60 27.44 -16.05
CA ALA G 107 -18.51 28.25 -17.26
C ALA G 107 -17.95 27.42 -18.41
N ASP G 108 -16.91 26.62 -18.12
CA ASP G 108 -16.28 25.78 -19.12
C ASP G 108 -17.29 24.76 -19.66
N LEU G 109 -18.06 24.16 -18.74
CA LEU G 109 -19.04 23.15 -19.09
C LEU G 109 -20.05 23.72 -20.08
N CYS G 110 -20.53 24.94 -19.80
CA CYS G 110 -21.47 25.63 -20.67
C CYS G 110 -20.88 25.77 -22.08
N GLN G 111 -19.64 26.25 -22.15
CA GLN G 111 -18.99 26.57 -23.40
C GLN G 111 -18.88 25.32 -24.27
N LEU G 112 -18.64 24.16 -23.64
CA LEU G 112 -18.60 22.89 -24.35
C LEU G 112 -20.00 22.55 -24.88
N ILE G 113 -21.02 22.75 -24.04
CA ILE G 113 -22.39 22.45 -24.40
C ILE G 113 -22.81 23.35 -25.57
N ARG G 114 -22.33 24.60 -25.57
CA ARG G 114 -22.63 25.54 -26.64
C ARG G 114 -22.16 24.96 -27.98
N ASP G 115 -20.93 24.43 -27.99
CA ASP G 115 -20.33 23.89 -29.20
C ASP G 115 -21.10 22.66 -29.68
N MET G 116 -21.59 21.86 -28.73
CA MET G 116 -22.27 20.61 -29.04
C MET G 116 -23.62 20.88 -29.72
N VAL G 117 -24.20 22.05 -29.44
CA VAL G 117 -25.48 22.44 -30.02
C VAL G 117 -25.25 22.94 -31.45
N ASN G 118 -24.10 23.59 -31.69
CA ASN G 118 -23.78 24.14 -33.00
C ASN G 118 -23.59 23.01 -34.00
N VAL G 119 -22.81 21.99 -33.63
CA VAL G 119 -22.43 20.92 -34.52
C VAL G 119 -23.65 20.09 -34.89
N CYS G 120 -24.54 19.85 -33.92
CA CYS G 120 -25.73 19.02 -34.14
C CYS G 120 -26.73 19.77 -35.02
N GLU G 121 -26.95 19.25 -36.23
CA GLU G 121 -27.89 19.82 -37.18
C GLU G 121 -28.92 18.76 -37.57
N ASN G 128 -26.27 16.43 -44.91
CA ASN G 128 -25.34 16.82 -43.82
C ASN G 128 -25.11 15.62 -42.90
N PRO G 129 -24.09 14.77 -43.20
CA PRO G 129 -23.75 13.63 -42.33
C PRO G 129 -23.18 14.07 -40.98
N PRO G 130 -23.06 13.16 -39.99
CA PRO G 130 -22.44 13.49 -38.71
C PRO G 130 -20.93 13.68 -38.79
N SER G 131 -20.30 13.02 -39.77
CA SER G 131 -18.85 13.09 -39.94
C SER G 131 -18.43 14.46 -40.50
N LEU G 132 -19.08 14.87 -41.59
CA LEU G 132 -18.73 16.10 -42.29
C LEU G 132 -19.10 17.31 -41.44
N ALA G 133 -20.30 17.28 -40.85
CA ALA G 133 -20.80 18.37 -40.02
C ALA G 133 -19.81 18.69 -38.91
N LYS G 134 -19.19 17.64 -38.35
CA LYS G 134 -18.22 17.79 -37.27
C LYS G 134 -16.94 18.43 -37.79
N TYR G 135 -16.56 18.10 -39.04
CA TYR G 135 -15.37 18.69 -39.66
C TYR G 135 -15.63 20.18 -39.95
N ARG G 136 -16.78 20.47 -40.56
CA ARG G 136 -17.16 21.84 -40.90
C ARG G 136 -17.28 22.70 -39.64
N ALA G 137 -17.74 22.10 -38.54
CA ALA G 137 -18.00 22.83 -37.30
C ALA G 137 -16.70 23.41 -36.73
N LEU G 138 -15.58 22.70 -36.94
CA LEU G 138 -14.29 23.15 -36.46
C LEU G 138 -13.85 24.40 -37.22
N ARG G 139 -14.24 24.49 -38.50
CA ARG G 139 -13.84 25.58 -39.38
C ARG G 139 -12.32 25.67 -39.38
N CYS G 140 -11.68 24.60 -39.86
CA CYS G 140 -10.23 24.50 -39.89
C CYS G 140 -9.82 23.38 -40.86
N LYS G 141 -8.64 23.55 -41.48
CA LYS G 141 -8.14 22.59 -42.46
C LYS G 141 -7.26 21.56 -41.75
N ILE G 142 -7.81 20.36 -41.54
CA ILE G 142 -7.06 19.25 -40.97
C ILE G 142 -6.79 18.22 -42.07
N GLU G 143 -5.50 18.00 -42.37
CA GLU G 143 -5.09 17.05 -43.40
C GLU G 143 -4.24 15.95 -42.76
N HIS G 144 -4.26 14.76 -43.38
CA HIS G 144 -3.48 13.62 -42.92
C HIS G 144 -2.12 13.62 -43.61
N VAL G 145 -1.10 13.17 -42.88
CA VAL G 145 0.25 13.03 -43.42
C VAL G 145 0.65 11.55 -43.35
N GLU G 146 1.19 11.04 -44.46
CA GLU G 146 1.62 9.65 -44.56
C GLU G 146 2.97 9.49 -43.85
N GLN G 147 3.31 8.23 -43.52
CA GLN G 147 4.58 7.90 -42.91
C GLN G 147 5.68 7.89 -43.97
N ASN G 148 5.29 7.61 -45.22
CA ASN G 148 6.24 7.51 -46.33
C ASN G 148 6.84 8.87 -46.62
N THR G 149 6.06 9.94 -46.42
CA THR G 149 6.50 11.30 -46.69
C THR G 149 7.61 11.69 -45.71
N GLU G 150 8.48 12.61 -46.16
CA GLU G 150 9.64 13.03 -45.40
C GLU G 150 9.27 14.16 -44.43
N GLU G 151 8.07 14.71 -44.59
CA GLU G 151 7.53 15.68 -43.66
C GLU G 151 7.26 15.01 -42.30
N PHE G 152 6.82 13.75 -42.36
CA PHE G 152 6.48 12.98 -41.16
C PHE G 152 7.71 12.80 -40.29
N LEU G 153 8.85 12.50 -40.92
CA LEU G 153 10.09 12.23 -40.22
C LEU G 153 10.63 13.51 -39.57
N ARG G 154 10.38 14.66 -40.21
CA ARG G 154 10.79 15.95 -39.66
C ARG G 154 10.02 16.22 -38.37
N VAL G 155 8.70 16.07 -38.44
CA VAL G 155 7.82 16.40 -37.32
C VAL G 155 8.11 15.43 -36.17
N ARG G 156 8.31 14.15 -36.48
CA ARG G 156 8.62 13.14 -35.49
C ARG G 156 9.89 13.52 -34.75
N LYS G 157 10.92 13.93 -35.50
CA LYS G 157 12.23 14.21 -34.94
C LYS G 157 12.16 15.47 -34.07
N GLU G 158 11.44 16.50 -34.53
CA GLU G 158 11.29 17.73 -33.77
C GLU G 158 10.62 17.45 -32.43
N VAL G 159 9.73 16.46 -32.40
CA VAL G 159 9.08 16.04 -31.17
C VAL G 159 10.09 15.27 -30.32
N LEU G 160 10.81 14.33 -30.93
CA LEU G 160 11.74 13.46 -30.23
C LEU G 160 13.16 14.03 -30.31
N GLN G 161 13.42 15.05 -29.49
CA GLN G 161 14.76 15.59 -29.30
C GLN G 161 15.06 15.96 -27.86
N ASN G 162 14.20 16.83 -27.28
CA ASN G 162 14.32 17.23 -25.89
C ASN G 162 13.43 16.25 -25.13
N HIS G 163 14.00 15.07 -24.82
CA HIS G 163 13.27 14.02 -24.15
C HIS G 163 13.98 13.70 -22.83
N HIS G 164 13.57 14.38 -21.76
CA HIS G 164 14.19 14.23 -20.45
C HIS G 164 13.87 12.83 -19.91
N SER G 165 12.57 12.50 -19.84
CA SER G 165 12.13 11.17 -19.49
C SER G 165 12.43 10.22 -20.65
N LYS G 166 12.58 8.92 -20.33
CA LYS G 166 12.93 7.92 -21.33
C LYS G 166 11.85 6.83 -21.34
N SER G 167 10.62 7.25 -21.65
CA SER G 167 9.51 6.32 -21.86
C SER G 167 9.31 6.11 -23.36
N PRO G 168 8.92 4.89 -23.80
CA PRO G 168 8.64 4.64 -25.21
C PRO G 168 7.57 5.56 -25.79
N VAL G 169 7.93 6.33 -26.81
CA VAL G 169 7.01 7.26 -27.45
C VAL G 169 6.51 6.62 -28.75
N ASP G 170 5.20 6.40 -28.82
CA ASP G 170 4.56 5.84 -30.01
C ASP G 170 3.86 6.97 -30.77
N VAL G 171 4.52 7.44 -31.84
CA VAL G 171 3.95 8.48 -32.70
C VAL G 171 3.07 7.80 -33.75
N LEU G 172 1.76 7.74 -33.48
CA LEU G 172 0.83 7.06 -34.38
C LEU G 172 0.33 7.78 -35.62
N GLN G 173 -0.15 9.03 -35.43
CA GLN G 173 -0.81 9.76 -36.50
C GLN G 173 -0.35 11.21 -36.32
N ILE G 174 -0.06 11.88 -37.44
CA ILE G 174 0.30 13.29 -37.43
C ILE G 174 -0.54 14.00 -38.49
N PHE G 175 -1.15 15.12 -38.10
CA PHE G 175 -2.02 15.88 -38.98
C PHE G 175 -1.54 17.33 -39.07
N ARG G 176 -1.61 17.89 -40.28
CA ARG G 176 -1.42 19.31 -40.49
C ARG G 176 -2.68 20.03 -40.00
N VAL G 177 -2.51 21.26 -39.51
CA VAL G 177 -3.64 22.05 -39.02
C VAL G 177 -3.29 23.54 -39.11
N GLY G 178 -4.33 24.37 -39.27
CA GLY G 178 -4.17 25.81 -39.32
C GLY G 178 -5.52 26.52 -39.42
N ARG G 179 -5.78 27.43 -38.46
CA ARG G 179 -7.02 28.19 -38.43
C ARG G 179 -6.97 29.26 -39.52
N VAL G 180 -8.16 29.73 -39.92
CA VAL G 180 -8.31 30.62 -41.06
C VAL G 180 -7.93 32.05 -40.64
N ASN G 181 -8.58 32.55 -39.60
CA ASN G 181 -8.45 33.94 -39.18
C ASN G 181 -7.24 34.13 -38.28
N GLU G 182 -6.59 33.02 -37.87
CA GLU G 182 -5.45 33.08 -36.97
C GLU G 182 -4.18 33.44 -37.76
N THR G 183 -4.01 32.80 -38.92
CA THR G 183 -2.79 32.91 -39.71
C THR G 183 -2.50 34.37 -40.06
N THR G 184 -3.53 35.10 -40.51
CA THR G 184 -3.39 36.47 -40.95
C THR G 184 -3.11 37.38 -39.75
N GLU G 185 -3.80 37.12 -38.63
CA GLU G 185 -3.70 37.95 -37.44
C GLU G 185 -2.43 37.63 -36.65
N PHE G 186 -1.83 36.45 -36.91
CA PHE G 186 -0.64 36.00 -36.21
C PHE G 186 0.49 37.03 -36.37
N LEU G 187 1.24 37.23 -35.28
CA LEU G 187 2.34 38.19 -35.25
C LEU G 187 3.60 37.52 -35.79
N SER G 188 3.72 37.49 -37.12
CA SER G 188 4.88 36.93 -37.80
C SER G 188 6.06 37.91 -37.73
N LYS G 189 5.74 39.21 -37.77
CA LYS G 189 6.75 40.26 -37.77
C LYS G 189 7.51 40.27 -36.45
N LEU G 190 6.84 39.89 -35.35
CA LEU G 190 7.50 39.76 -34.06
C LEU G 190 8.54 38.65 -34.15
N GLY G 191 9.70 38.88 -33.53
CA GLY G 191 10.85 38.01 -33.68
C GLY G 191 10.76 36.75 -32.83
N ASN G 192 11.72 35.83 -33.05
CA ASN G 192 11.84 34.60 -32.28
C ASN G 192 10.59 33.76 -32.50
N VAL G 193 10.34 33.39 -33.76
CA VAL G 193 9.21 32.55 -34.14
C VAL G 193 9.70 31.10 -34.20
N ARG G 194 9.55 30.38 -33.09
CA ARG G 194 9.99 29.00 -32.99
C ARG G 194 8.83 28.11 -32.59
N PRO G 195 8.77 26.85 -33.10
CA PRO G 195 7.70 25.93 -32.73
C PRO G 195 7.89 25.33 -31.34
N LEU G 196 6.78 25.06 -30.65
CA LEU G 196 6.80 24.45 -29.33
C LEU G 196 5.62 23.48 -29.22
N LEU G 197 5.60 22.71 -28.12
CA LEU G 197 4.58 21.70 -27.89
C LEU G 197 3.61 22.21 -26.82
N HIS G 198 2.31 22.11 -27.12
CA HIS G 198 1.25 22.48 -26.19
C HIS G 198 0.51 21.23 -25.74
N GLY G 199 0.64 20.90 -24.45
CA GLY G 199 -0.08 19.78 -23.87
C GLY G 199 -1.53 20.17 -23.53
N SER G 200 -2.46 19.26 -23.85
CA SER G 200 -3.88 19.50 -23.62
C SER G 200 -4.64 18.18 -23.58
N PRO G 201 -5.73 18.07 -22.78
CA PRO G 201 -6.58 16.87 -22.82
C PRO G 201 -7.38 16.78 -24.11
N VAL G 202 -7.86 15.56 -24.41
CA VAL G 202 -8.47 15.25 -25.69
C VAL G 202 -9.83 15.93 -25.80
N GLN G 203 -10.51 16.07 -24.65
CA GLN G 203 -11.86 16.63 -24.59
C GLN G 203 -11.87 18.08 -25.07
N ASN G 204 -10.80 18.83 -24.76
CA ASN G 204 -10.77 20.26 -25.01
C ASN G 204 -10.39 20.56 -26.46
N ILE G 205 -9.94 19.55 -27.21
CA ILE G 205 -9.40 19.74 -28.54
C ILE G 205 -10.45 20.37 -29.45
N VAL G 206 -11.69 19.87 -29.38
CA VAL G 206 -12.77 20.36 -30.22
C VAL G 206 -12.85 21.89 -30.13
N GLY G 207 -12.74 22.41 -28.90
CA GLY G 207 -12.80 23.84 -28.67
C GLY G 207 -11.56 24.57 -29.17
N ILE G 208 -10.39 23.95 -28.98
CA ILE G 208 -9.12 24.54 -29.38
C ILE G 208 -9.08 24.71 -30.89
N LEU G 209 -9.60 23.70 -31.63
CA LEU G 209 -9.61 23.75 -33.08
C LEU G 209 -10.61 24.78 -33.59
N CYS G 210 -11.66 25.04 -32.79
CA CYS G 210 -12.69 26.00 -33.16
C CYS G 210 -12.20 27.43 -32.94
N ARG G 211 -11.88 27.77 -31.69
CA ARG G 211 -11.68 29.14 -31.27
C ARG G 211 -10.19 29.48 -31.18
N GLY G 212 -9.33 28.45 -31.18
CA GLY G 212 -7.90 28.64 -30.96
C GLY G 212 -7.57 28.61 -29.47
N LEU G 213 -6.27 28.72 -29.15
CA LEU G 213 -5.82 28.76 -27.77
C LEU G 213 -6.15 30.13 -27.17
N LEU G 214 -7.05 30.13 -26.19
CA LEU G 214 -7.51 31.36 -25.55
C LEU G 214 -6.80 31.55 -24.22
N LEU G 215 -6.91 32.76 -23.66
CA LEU G 215 -6.29 33.09 -22.38
C LEU G 215 -7.13 32.51 -21.25
N PRO G 216 -6.53 31.92 -20.20
CA PRO G 216 -7.28 31.44 -19.04
C PRO G 216 -7.96 32.57 -18.28
N LYS G 217 -9.13 32.27 -17.69
CA LYS G 217 -9.87 33.23 -16.89
C LYS G 217 -9.22 33.33 -15.52
N VAL G 218 -8.87 34.56 -15.13
CA VAL G 218 -8.09 34.82 -13.92
C VAL G 218 -8.95 34.49 -12.70
N VAL G 219 -8.30 33.99 -11.65
CA VAL G 219 -8.96 33.61 -10.41
C VAL G 219 -8.20 34.25 -9.24
N GLU G 220 -8.87 35.15 -8.51
CA GLU G 220 -8.28 35.82 -7.37
C GLU G 220 -8.28 34.86 -6.16
N VAL G 229 -3.84 28.02 -11.20
CA VAL G 229 -3.25 26.73 -11.67
C VAL G 229 -1.86 27.00 -12.26
N GLY G 230 -1.73 28.08 -13.04
CA GLY G 230 -0.48 28.43 -13.69
C GLY G 230 0.47 29.17 -12.76
N ASN G 231 1.77 28.87 -12.90
CA ASN G 231 2.80 29.43 -12.03
C ASN G 231 3.45 30.66 -12.69
N LEU G 232 3.06 30.94 -13.94
CA LEU G 232 3.51 32.13 -14.66
C LEU G 232 2.30 32.93 -15.13
N GLY G 233 1.32 33.11 -14.23
CA GLY G 233 0.16 33.92 -14.51
C GLY G 233 -0.81 33.25 -15.48
N SER G 234 -1.87 33.99 -15.85
CA SER G 234 -2.89 33.51 -16.75
C SER G 234 -2.45 33.73 -18.20
N GLY G 235 -1.78 32.72 -18.76
CA GLY G 235 -1.32 32.77 -20.14
C GLY G 235 -1.38 31.40 -20.81
N ILE G 236 -0.93 31.34 -22.07
CA ILE G 236 -0.92 30.10 -22.83
C ILE G 236 0.45 29.44 -22.63
N TYR G 237 0.44 28.26 -21.99
CA TYR G 237 1.67 27.56 -21.63
C TYR G 237 2.08 26.61 -22.74
N PHE G 238 3.39 26.49 -22.95
CA PHE G 238 3.97 25.56 -23.91
C PHE G 238 5.20 24.90 -23.28
N SER G 239 5.85 24.02 -24.05
CA SER G 239 7.11 23.41 -23.64
C SER G 239 7.87 22.93 -24.86
N ASP G 240 9.21 22.95 -24.77
CA ASP G 240 10.07 22.40 -25.81
C ASP G 240 10.19 20.88 -25.61
N SER G 241 10.13 20.44 -24.35
CA SER G 241 10.23 19.03 -24.01
C SER G 241 8.88 18.35 -24.21
N LEU G 242 8.93 17.06 -24.57
CA LEU G 242 7.73 16.25 -24.74
C LEU G 242 7.32 15.64 -23.41
N SER G 243 8.32 15.16 -22.64
CA SER G 243 8.08 14.50 -21.37
C SER G 243 7.26 15.38 -20.43
N THR G 244 7.48 16.70 -20.51
CA THR G 244 6.75 17.66 -19.70
C THR G 244 5.30 17.77 -20.19
N SER G 245 5.11 17.62 -21.51
CA SER G 245 3.80 17.76 -22.12
C SER G 245 2.92 16.53 -21.88
N ILE G 246 3.55 15.41 -21.49
CA ILE G 246 2.82 14.18 -21.21
C ILE G 246 1.97 14.36 -19.94
N LYS G 247 2.48 15.14 -18.98
CA LYS G 247 1.78 15.38 -17.73
C LYS G 247 0.54 16.23 -17.96
N TYR G 248 0.61 17.14 -18.94
CA TYR G 248 -0.54 17.93 -19.35
C TYR G 248 -1.57 17.04 -20.04
N SER G 249 -1.15 16.41 -21.15
CA SER G 249 -2.05 15.63 -21.99
C SER G 249 -2.26 14.24 -21.41
N HIS G 250 -3.43 14.02 -20.80
CA HIS G 250 -3.83 12.71 -20.31
C HIS G 250 -4.34 11.87 -21.47
N PRO G 251 -4.42 10.51 -21.32
CA PRO G 251 -5.00 9.66 -22.36
C PRO G 251 -6.48 9.94 -22.59
N GLY G 252 -6.96 9.60 -23.79
CA GLY G 252 -8.36 9.76 -24.15
C GLY G 252 -9.23 8.65 -23.55
N GLU G 253 -10.55 8.89 -23.54
CA GLU G 253 -11.52 7.93 -23.03
C GLU G 253 -12.02 7.06 -24.18
N THR G 254 -12.30 7.69 -25.33
CA THR G 254 -12.92 7.02 -26.47
C THR G 254 -11.92 6.07 -27.12
N ASP G 255 -10.83 6.63 -27.67
CA ASP G 255 -9.85 5.87 -28.42
C ASP G 255 -8.78 5.34 -27.45
N GLY G 256 -8.22 6.25 -26.65
CA GLY G 256 -7.15 5.91 -25.72
C GLY G 256 -5.78 6.35 -26.25
N THR G 257 -5.71 7.62 -26.69
CA THR G 257 -4.51 8.16 -27.30
C THR G 257 -4.40 9.65 -26.92
N ARG G 258 -3.19 10.07 -26.55
CA ARG G 258 -2.92 11.45 -26.20
C ARG G 258 -2.86 12.30 -27.48
N LEU G 259 -3.36 13.53 -27.38
CA LEU G 259 -3.21 14.52 -28.44
C LEU G 259 -2.35 15.67 -27.91
N LEU G 260 -1.64 16.34 -28.84
CA LEU G 260 -0.71 17.40 -28.51
C LEU G 260 -0.52 18.29 -29.72
N LEU G 261 -0.55 19.62 -29.49
CA LEU G 261 -0.51 20.60 -30.57
C LEU G 261 0.87 21.23 -30.64
N ILE G 262 1.49 21.15 -31.83
CA ILE G 262 2.71 21.88 -32.13
C ILE G 262 2.31 23.20 -32.77
N CYS G 263 2.81 24.31 -32.20
CA CYS G 263 2.41 25.64 -32.61
C CYS G 263 3.64 26.54 -32.76
N ASP G 264 3.64 27.37 -33.82
CA ASP G 264 4.66 28.40 -34.00
C ASP G 264 4.36 29.56 -33.05
N VAL G 265 4.93 29.49 -31.84
CA VAL G 265 4.70 30.49 -30.82
C VAL G 265 5.74 31.60 -30.99
N ALA G 266 5.26 32.79 -31.39
CA ALA G 266 6.09 33.98 -31.42
C ALA G 266 6.26 34.50 -30.00
N LEU G 267 7.42 34.22 -29.39
CA LEU G 267 7.70 34.62 -27.98
C LEU G 267 8.59 35.86 -27.96
N GLY G 268 9.26 36.18 -29.07
CA GLY G 268 10.19 37.33 -29.13
C GLY G 268 11.01 37.44 -27.87
N LYS G 269 11.31 38.65 -27.42
CA LYS G 269 12.03 38.86 -26.14
C LYS G 269 11.45 37.86 -25.14
N CYS G 270 12.28 37.10 -24.43
CA CYS G 270 11.73 36.23 -23.39
C CYS G 270 12.53 36.40 -22.11
N MET G 271 11.80 36.62 -20.99
CA MET G 271 12.42 36.80 -19.69
C MET G 271 12.67 35.44 -19.05
N ASP G 272 13.95 35.11 -18.84
CA ASP G 272 14.35 33.88 -18.19
C ASP G 272 14.23 34.06 -16.68
N LEU G 273 13.00 33.94 -16.17
CA LEU G 273 12.73 34.11 -14.75
C LEU G 273 13.05 32.83 -13.98
N HIS G 274 13.56 33.00 -12.76
CA HIS G 274 13.84 31.90 -11.85
C HIS G 274 12.66 31.74 -10.89
N GLU G 275 12.24 32.86 -10.28
CA GLU G 275 11.16 32.86 -9.31
C GLU G 275 9.82 32.76 -10.04
N LYS G 276 8.78 32.32 -9.30
CA LYS G 276 7.43 32.26 -9.82
C LYS G 276 6.80 33.65 -9.74
N ASP G 277 5.71 33.85 -10.49
CA ASP G 277 4.98 35.11 -10.50
C ASP G 277 3.58 34.85 -11.04
N PHE G 278 2.58 34.92 -10.15
CA PHE G 278 1.21 34.55 -10.46
C PHE G 278 0.38 35.77 -10.86
N SER G 279 0.90 36.97 -10.58
CA SER G 279 0.13 38.20 -10.76
C SER G 279 0.19 38.68 -12.20
N LEU G 280 0.94 37.98 -13.06
CA LEU G 280 1.10 38.37 -14.46
C LEU G 280 -0.18 38.05 -15.23
N THR G 281 -1.06 39.05 -15.37
CA THR G 281 -2.20 38.97 -16.25
C THR G 281 -1.72 39.04 -17.69
N GLU G 282 -0.66 39.81 -17.93
CA GLU G 282 -0.02 39.95 -19.22
C GLU G 282 1.50 39.86 -19.03
N ALA G 283 2.24 39.90 -20.15
CA ALA G 283 3.67 39.69 -20.14
C ALA G 283 4.37 40.77 -19.31
N PRO G 284 5.61 40.51 -18.81
CA PRO G 284 6.36 41.50 -18.04
C PRO G 284 6.78 42.71 -18.89
N PRO G 285 7.23 43.82 -18.26
CA PRO G 285 7.56 45.04 -18.99
C PRO G 285 8.89 44.93 -19.75
N GLY G 286 8.83 45.14 -21.07
CA GLY G 286 10.01 45.15 -21.92
C GLY G 286 10.18 43.87 -22.72
N TYR G 287 9.45 42.81 -22.33
CA TYR G 287 9.60 41.49 -22.94
C TYR G 287 8.24 40.95 -23.36
N ASP G 288 8.26 39.99 -24.29
CA ASP G 288 7.04 39.52 -24.95
C ASP G 288 6.62 38.15 -24.43
N SER G 289 7.44 37.55 -23.56
CA SER G 289 7.18 36.20 -23.07
C SER G 289 7.98 35.92 -21.81
N VAL G 290 7.66 34.81 -21.15
CA VAL G 290 8.36 34.37 -19.95
C VAL G 290 8.78 32.91 -20.15
N HIS G 291 10.06 32.62 -19.87
CA HIS G 291 10.58 31.27 -19.95
C HIS G 291 10.86 30.75 -18.55
N GLY G 292 10.02 29.82 -18.09
CA GLY G 292 10.27 29.10 -16.84
C GLY G 292 11.53 28.35 -17.23
N VAL G 293 12.59 28.53 -16.42
CA VAL G 293 13.89 27.97 -16.71
C VAL G 293 13.85 26.70 -15.86
N SER G 294 13.99 25.54 -16.53
CA SER G 294 13.92 24.24 -15.88
C SER G 294 15.07 24.09 -14.90
N GLN G 295 14.89 23.19 -13.93
CA GLN G 295 15.88 22.96 -12.89
C GLN G 295 17.08 22.23 -13.49
N THR G 296 18.19 22.95 -13.61
CA THR G 296 19.39 22.46 -14.27
C THR G 296 20.50 22.22 -13.24
N ALA G 297 21.46 21.37 -13.66
CA ALA G 297 22.65 21.07 -12.84
C ALA G 297 22.85 22.46 -12.27
N SER G 298 22.78 22.64 -10.92
CA SER G 298 23.17 23.91 -10.23
C SER G 298 22.62 25.30 -10.60
N VAL G 299 21.35 25.52 -10.95
CA VAL G 299 20.77 26.84 -11.07
C VAL G 299 19.43 26.86 -10.34
N THR G 300 19.27 27.83 -9.44
CA THR G 300 18.12 27.87 -8.53
C THR G 300 16.88 28.34 -9.28
N THR G 301 15.98 27.39 -9.58
CA THR G 301 14.69 27.69 -10.18
C THR G 301 13.62 26.81 -9.55
N ASP G 302 12.44 27.40 -9.28
CA ASP G 302 11.32 26.66 -8.75
C ASP G 302 10.68 25.82 -9.86
N PHE G 303 10.83 26.27 -11.10
CA PHE G 303 10.26 25.59 -12.26
C PHE G 303 11.01 24.28 -12.50
N GLU G 304 10.25 23.18 -12.60
CA GLU G 304 10.81 21.88 -12.93
C GLU G 304 10.84 21.71 -14.44
N ASP G 305 9.69 21.96 -15.08
CA ASP G 305 9.53 21.80 -16.51
C ASP G 305 9.94 23.09 -17.22
N ASP G 306 10.27 22.97 -18.51
CA ASP G 306 10.49 24.12 -19.37
C ASP G 306 9.13 24.69 -19.78
N GLU G 307 8.85 25.92 -19.36
CA GLU G 307 7.54 26.53 -19.58
C GLU G 307 7.72 27.86 -20.32
N PHE G 308 7.38 27.86 -21.61
CA PHE G 308 7.27 29.08 -22.39
C PHE G 308 5.84 29.59 -22.33
N VAL G 309 5.67 30.88 -22.01
CA VAL G 309 4.36 31.45 -21.78
C VAL G 309 4.22 32.76 -22.55
N VAL G 310 3.10 32.91 -23.26
CA VAL G 310 2.70 34.16 -23.89
C VAL G 310 1.33 34.54 -23.34
N TYR G 311 0.95 35.81 -23.51
CA TYR G 311 -0.26 36.35 -22.92
C TYR G 311 -1.11 37.05 -23.98
N LYS G 312 -1.12 36.48 -25.20
CA LYS G 312 -1.88 37.03 -26.31
C LYS G 312 -2.40 35.89 -27.18
N THR G 313 -3.58 36.09 -27.76
CA THR G 313 -4.23 35.09 -28.60
C THR G 313 -3.53 35.01 -29.95
N ASN G 314 -2.97 36.14 -30.40
CA ASN G 314 -2.40 36.25 -31.74
C ASN G 314 -0.88 36.09 -31.69
N GLN G 315 -0.35 35.56 -30.57
CA GLN G 315 1.05 35.20 -30.47
C GLN G 315 1.23 33.71 -30.73
N VAL G 316 0.16 33.03 -31.17
CA VAL G 316 0.19 31.60 -31.39
C VAL G 316 -0.33 31.30 -32.79
N LYS G 317 0.20 30.23 -33.40
CA LYS G 317 -0.27 29.73 -34.68
C LYS G 317 -0.03 28.22 -34.71
N MET G 318 -1.13 27.46 -34.61
CA MET G 318 -1.06 26.01 -34.53
C MET G 318 -0.74 25.44 -35.91
N LYS G 319 0.11 24.39 -35.91
CA LYS G 319 0.67 23.84 -37.14
C LYS G 319 0.31 22.36 -37.27
N TYR G 320 0.59 21.57 -36.22
CA TYR G 320 0.42 20.13 -36.29
C TYR G 320 -0.32 19.61 -35.06
N ILE G 321 -0.90 18.42 -35.21
CA ILE G 321 -1.54 17.69 -34.11
C ILE G 321 -0.91 16.30 -34.04
N ILE G 322 -0.33 15.98 -32.87
CA ILE G 322 0.40 14.74 -32.68
C ILE G 322 -0.46 13.77 -31.88
N LYS G 323 -0.91 12.70 -32.56
CA LYS G 323 -1.62 11.61 -31.91
C LYS G 323 -0.61 10.56 -31.47
N PHE G 324 -0.47 10.39 -30.14
CA PHE G 324 0.51 9.47 -29.59
C PHE G 324 -0.08 8.76 -28.36
N SER G 325 0.60 7.69 -27.94
CA SER G 325 0.15 6.87 -26.82
C SER G 325 1.36 6.42 -25.99
N MET G 326 1.15 6.34 -24.67
CA MET G 326 2.18 5.90 -23.74
C MET G 326 2.05 4.38 -23.55
N PRO G 327 3.07 3.71 -22.95
CA PRO G 327 2.98 2.28 -22.65
C PRO G 327 1.70 1.88 -21.94
N GLY G 328 1.32 2.64 -20.91
CA GLY G 328 0.10 2.40 -20.16
C GLY G 328 -1.13 2.81 -20.94
N SER H 2 3.88 -26.51 -13.81
CA SER H 2 5.07 -25.94 -14.44
C SER H 2 4.68 -24.72 -15.27
N GLU H 3 5.67 -24.09 -15.91
CA GLU H 3 5.46 -22.92 -16.73
C GLU H 3 4.68 -23.29 -17.99
N GLN H 4 4.94 -24.48 -18.53
CA GLN H 4 4.30 -24.95 -19.76
C GLN H 4 2.84 -25.30 -19.50
N LEU H 5 2.53 -25.72 -18.27
CA LEU H 5 1.20 -26.21 -17.93
C LEU H 5 0.23 -25.03 -17.86
N GLN H 6 0.58 -24.04 -17.03
CA GLN H 6 -0.26 -22.87 -16.82
C GLN H 6 -0.45 -22.12 -18.14
N ALA H 7 0.58 -22.13 -18.98
CA ALA H 7 0.52 -21.51 -20.29
C ALA H 7 -0.58 -22.16 -21.14
N LEU H 8 -0.59 -23.49 -21.17
CA LEU H 8 -1.53 -24.25 -21.98
C LEU H 8 -2.93 -24.21 -21.36
N LEU H 9 -3.00 -24.06 -20.03
CA LEU H 9 -4.27 -23.88 -19.35
C LEU H 9 -4.91 -22.56 -19.79
N LEU H 10 -4.10 -21.52 -19.94
CA LEU H 10 -4.56 -20.24 -20.46
C LEU H 10 -5.02 -20.40 -21.91
N GLU H 11 -4.27 -21.17 -22.70
CA GLU H 11 -4.56 -21.36 -24.11
C GLU H 11 -5.96 -21.93 -24.30
N GLU H 12 -6.30 -22.97 -23.52
CA GLU H 12 -7.60 -23.61 -23.62
C GLU H 12 -8.71 -22.64 -23.20
N VAL H 13 -8.41 -21.80 -22.20
CA VAL H 13 -9.38 -20.83 -21.69
C VAL H 13 -9.53 -19.68 -22.70
N MET H 14 -8.41 -19.19 -23.22
CA MET H 14 -8.41 -18.07 -24.15
C MET H 14 -9.13 -18.45 -25.43
N ASN H 15 -8.87 -19.67 -25.93
CA ASN H 15 -9.36 -20.10 -27.23
C ASN H 15 -10.82 -20.55 -27.14
N SER H 16 -11.30 -20.84 -25.92
CA SER H 16 -12.68 -21.26 -25.72
C SER H 16 -13.60 -20.05 -25.67
N SER H 17 -13.86 -19.45 -26.83
CA SER H 17 -14.78 -18.34 -26.97
C SER H 17 -16.20 -18.87 -27.14
N THR H 18 -17.07 -18.68 -26.14
CA THR H 18 -18.45 -19.22 -26.12
C THR H 18 -18.98 -19.01 -27.55
N LEU H 19 -19.36 -20.08 -28.25
CA LEU H 19 -19.96 -19.98 -29.61
C LEU H 19 -20.79 -21.25 -29.75
N SER H 20 -22.06 -21.15 -30.19
CA SER H 20 -22.96 -22.31 -30.39
C SER H 20 -22.22 -23.43 -31.12
N GLN H 21 -22.41 -24.69 -30.74
CA GLN H 21 -21.83 -25.82 -31.45
C GLN H 21 -22.44 -25.90 -32.87
N GLU H 22 -23.68 -25.45 -33.02
CA GLU H 22 -24.37 -25.48 -34.30
C GLU H 22 -23.66 -24.54 -35.29
N VAL H 23 -23.24 -23.38 -34.80
CA VAL H 23 -22.51 -22.41 -35.60
C VAL H 23 -21.14 -22.99 -35.96
N SER H 24 -20.45 -23.54 -34.95
CA SER H 24 -19.14 -24.13 -35.13
C SER H 24 -19.18 -25.17 -36.25
N ASP H 25 -20.19 -26.05 -36.21
CA ASP H 25 -20.33 -27.13 -37.17
C ASP H 25 -20.69 -26.57 -38.55
N LEU H 26 -21.48 -25.49 -38.57
CA LEU H 26 -21.87 -24.83 -39.81
C LEU H 26 -20.64 -24.16 -40.43
N VAL H 27 -19.85 -23.49 -39.58
CA VAL H 27 -18.65 -22.81 -40.03
C VAL H 27 -17.65 -23.84 -40.55
N GLU H 28 -17.48 -24.94 -39.81
CA GLU H 28 -16.55 -25.99 -40.17
C GLU H 28 -16.95 -26.63 -41.50
N MET H 29 -18.27 -26.73 -41.75
CA MET H 29 -18.78 -27.36 -42.96
C MET H 29 -18.41 -26.53 -44.19
N ILE H 30 -18.85 -25.27 -44.20
CA ILE H 30 -18.74 -24.42 -45.38
C ILE H 30 -17.29 -24.30 -45.82
N TRP H 31 -16.37 -24.19 -44.85
CA TRP H 31 -14.95 -24.05 -45.13
C TRP H 31 -14.35 -25.38 -45.59
N ALA H 32 -14.85 -26.48 -45.02
CA ALA H 32 -14.46 -27.82 -45.47
C ALA H 32 -15.05 -28.08 -46.86
N GLU H 33 -16.27 -27.57 -47.10
CA GLU H 33 -16.93 -27.71 -48.37
C GLU H 33 -16.18 -26.93 -49.45
N ALA H 34 -15.79 -25.70 -49.11
CA ALA H 34 -15.04 -24.84 -50.01
C ALA H 34 -13.72 -25.49 -50.38
N LEU H 35 -13.00 -25.98 -49.36
CA LEU H 35 -11.73 -26.67 -49.54
C LEU H 35 -11.95 -27.91 -50.41
N GLY H 36 -13.07 -28.61 -50.19
CA GLY H 36 -13.40 -29.81 -50.94
C GLY H 36 -13.59 -29.52 -52.43
N HIS H 37 -14.21 -28.38 -52.75
CA HIS H 37 -14.47 -27.98 -54.12
C HIS H 37 -13.16 -27.70 -54.86
N LEU H 38 -12.20 -27.08 -54.15
CA LEU H 38 -10.91 -26.76 -54.72
C LEU H 38 -10.12 -28.04 -55.00
N GLU H 39 -10.06 -28.92 -54.00
CA GLU H 39 -9.27 -30.14 -54.09
C GLU H 39 -9.93 -31.16 -55.03
N HIS H 40 -11.13 -30.85 -55.52
CA HIS H 40 -11.79 -31.67 -56.52
C HIS H 40 -11.08 -31.57 -57.87
N MET H 41 -10.40 -30.45 -58.13
CA MET H 41 -9.65 -30.27 -59.36
C MET H 41 -8.40 -29.40 -59.09
N LEU H 42 -7.53 -29.89 -58.21
CA LEU H 42 -6.24 -29.27 -57.93
C LEU H 42 -5.24 -30.35 -57.54
N LEU H 43 -4.06 -30.34 -58.17
CA LEU H 43 -2.97 -31.24 -57.79
C LEU H 43 -2.36 -30.75 -56.48
N LYS H 44 -1.87 -29.50 -56.49
CA LYS H 44 -1.20 -28.93 -55.33
C LYS H 44 -2.24 -28.59 -54.27
N PRO H 45 -2.04 -29.01 -53.00
CA PRO H 45 -2.86 -28.54 -51.88
C PRO H 45 -2.97 -27.02 -51.81
N VAL H 46 -4.09 -26.56 -51.23
CA VAL H 46 -4.45 -25.15 -51.26
C VAL H 46 -3.58 -24.37 -50.27
N ASN H 47 -3.12 -25.04 -49.22
CA ASN H 47 -2.32 -24.41 -48.17
C ASN H 47 -0.94 -24.04 -48.72
N ARG H 48 -0.45 -24.79 -49.71
CA ARG H 48 0.84 -24.53 -50.33
C ARG H 48 0.79 -23.27 -51.20
N ILE H 49 -0.39 -22.96 -51.75
CA ILE H 49 -0.58 -21.81 -52.62
C ILE H 49 -0.47 -20.54 -51.78
N SER H 50 0.18 -19.51 -52.33
CA SER H 50 0.44 -18.25 -51.64
C SER H 50 -0.40 -17.13 -52.25
N LEU H 51 -0.36 -15.95 -51.62
CA LEU H 51 -1.04 -14.76 -52.11
C LEU H 51 -0.42 -14.28 -53.42
N ASN H 52 0.90 -14.45 -53.54
CA ASN H 52 1.64 -14.00 -54.71
C ASN H 52 1.14 -14.72 -55.95
N ASP H 53 1.06 -16.06 -55.87
CA ASP H 53 0.68 -16.90 -57.00
C ASP H 53 -0.72 -16.52 -57.51
N VAL H 54 -1.62 -16.17 -56.59
CA VAL H 54 -3.00 -15.87 -56.92
C VAL H 54 -3.07 -14.54 -57.67
N SER H 55 -2.33 -13.54 -57.17
CA SER H 55 -2.28 -12.23 -57.80
C SER H 55 -1.69 -12.35 -59.21
N LYS H 56 -0.63 -13.14 -59.35
CA LYS H 56 0.00 -13.42 -60.63
C LYS H 56 -1.01 -14.07 -61.57
N ALA H 57 -1.62 -15.16 -61.09
CA ALA H 57 -2.60 -15.92 -61.86
C ALA H 57 -3.61 -14.99 -62.51
N GLU H 58 -4.29 -14.19 -61.68
CA GLU H 58 -5.34 -13.28 -62.13
C GLU H 58 -4.80 -12.35 -63.21
N GLY H 59 -3.56 -11.87 -63.01
CA GLY H 59 -2.91 -10.97 -63.96
C GLY H 59 -2.75 -11.59 -65.34
N ILE H 60 -2.37 -12.88 -65.37
CA ILE H 60 -2.10 -13.58 -66.61
C ILE H 60 -3.39 -13.68 -67.43
N LEU H 61 -4.51 -13.93 -66.73
CA LEU H 61 -5.81 -14.13 -67.39
C LEU H 61 -6.20 -12.89 -68.17
N LEU H 62 -5.98 -11.70 -67.57
CA LEU H 62 -6.38 -10.43 -68.17
C LEU H 62 -5.76 -10.28 -69.57
N LEU H 63 -4.52 -10.72 -69.72
CA LEU H 63 -3.81 -10.65 -70.99
C LEU H 63 -4.39 -11.67 -71.97
N VAL H 64 -4.72 -12.86 -71.46
CA VAL H 64 -5.27 -13.93 -72.27
C VAL H 64 -6.66 -13.53 -72.77
N LYS H 65 -7.42 -12.84 -71.91
CA LYS H 65 -8.75 -12.37 -72.24
C LYS H 65 -8.68 -11.40 -73.42
N ALA H 66 -7.79 -10.40 -73.31
CA ALA H 66 -7.63 -9.39 -74.33
C ALA H 66 -7.06 -10.01 -75.61
N ALA H 67 -6.22 -11.04 -75.45
CA ALA H 67 -5.57 -11.69 -76.58
C ALA H 67 -6.60 -12.39 -77.47
N LEU H 68 -7.61 -13.00 -76.84
CA LEU H 68 -8.64 -13.72 -77.58
C LEU H 68 -9.49 -12.75 -78.40
N LYS H 69 -9.81 -11.60 -77.80
CA LYS H 69 -10.62 -10.58 -78.46
C LYS H 69 -9.81 -9.94 -79.60
N ASN H 70 -8.49 -9.88 -79.43
CA ASN H 70 -7.59 -9.36 -80.45
C ASN H 70 -7.59 -10.32 -81.65
N GLY H 71 -7.52 -11.63 -81.36
CA GLY H 71 -7.54 -12.66 -82.38
C GLY H 71 -6.15 -13.21 -82.66
N GLU H 72 -5.46 -13.62 -81.59
CA GLU H 72 -4.12 -14.17 -81.67
C GLU H 72 -4.21 -15.64 -82.03
N THR H 73 -3.04 -16.24 -82.35
CA THR H 73 -2.95 -17.67 -82.60
C THR H 73 -3.00 -18.41 -81.26
N ALA H 74 -3.39 -19.68 -81.33
CA ALA H 74 -3.52 -20.52 -80.13
C ALA H 74 -2.16 -20.75 -79.49
N GLU H 75 -1.14 -20.94 -80.34
CA GLU H 75 0.22 -21.22 -79.90
C GLU H 75 0.61 -20.26 -78.77
N GLN H 76 0.30 -18.97 -78.93
CA GLN H 76 0.67 -17.94 -77.98
C GLN H 76 -0.18 -18.06 -76.71
N LEU H 77 -1.45 -18.43 -76.86
CA LEU H 77 -2.35 -18.59 -75.74
C LEU H 77 -1.87 -19.73 -74.84
N GLN H 78 -1.33 -20.79 -75.45
CA GLN H 78 -0.87 -21.97 -74.73
C GLN H 78 0.24 -21.56 -73.75
N LYS H 79 1.28 -20.92 -74.28
CA LYS H 79 2.49 -20.62 -73.52
C LYS H 79 2.15 -19.73 -72.32
N MET H 80 1.17 -18.83 -72.51
CA MET H 80 0.72 -17.96 -71.43
C MET H 80 0.01 -18.80 -70.36
N MET H 81 -0.87 -19.70 -70.82
CA MET H 81 -1.72 -20.49 -69.93
C MET H 81 -0.88 -21.51 -69.16
N THR H 82 0.20 -22.00 -69.78
CA THR H 82 1.08 -22.97 -69.13
C THR H 82 1.75 -22.33 -67.91
N GLU H 83 2.08 -21.04 -68.01
CA GLU H 83 2.65 -20.30 -66.89
C GLU H 83 1.61 -20.11 -65.80
N PHE H 84 0.35 -19.92 -66.21
CA PHE H 84 -0.77 -19.85 -65.28
C PHE H 84 -0.92 -21.16 -64.51
N TYR H 85 -0.85 -22.29 -65.24
CA TYR H 85 -1.05 -23.61 -64.65
C TYR H 85 0.13 -24.01 -63.77
N ARG H 86 1.29 -23.39 -63.98
CA ARG H 86 2.47 -23.68 -63.18
C ARG H 86 2.30 -23.08 -61.78
N LEU H 87 1.61 -21.94 -61.69
CA LEU H 87 1.35 -21.29 -60.40
C LEU H 87 0.18 -21.99 -59.72
N ILE H 88 -0.85 -22.34 -60.49
CA ILE H 88 -2.03 -23.01 -59.98
C ILE H 88 -2.22 -24.33 -60.75
N PRO H 89 -1.62 -25.45 -60.29
CA PRO H 89 -1.74 -26.74 -60.99
C PRO H 89 -3.15 -27.33 -60.96
N HIS H 90 -3.63 -27.71 -62.15
CA HIS H 90 -4.89 -28.41 -62.31
C HIS H 90 -4.63 -29.89 -62.57
N LYS H 91 -5.69 -30.70 -62.50
CA LYS H 91 -5.62 -32.11 -62.84
C LYS H 91 -6.74 -32.45 -63.83
N GLY H 92 -6.65 -33.65 -64.42
CA GLY H 92 -7.56 -34.08 -65.47
C GLY H 92 -7.07 -33.63 -66.84
N THR H 93 -8.01 -33.55 -67.80
CA THR H 93 -7.71 -33.05 -69.13
C THR H 93 -7.39 -31.56 -69.04
N MET H 94 -6.41 -31.12 -69.83
CA MET H 94 -5.97 -29.73 -69.86
C MET H 94 -6.77 -28.97 -70.93
N PRO H 95 -7.65 -28.01 -70.55
CA PRO H 95 -8.44 -27.28 -71.53
C PRO H 95 -7.36 -26.85 -72.52
N LYS H 96 -7.58 -27.18 -73.80
CA LYS H 96 -6.62 -26.92 -74.86
C LYS H 96 -7.27 -25.73 -75.58
N GLU H 97 -8.61 -25.65 -75.54
CA GLU H 97 -9.34 -24.56 -76.14
C GLU H 97 -9.60 -23.49 -75.08
N VAL H 98 -8.91 -22.35 -75.21
CA VAL H 98 -9.05 -21.25 -74.28
C VAL H 98 -10.09 -20.28 -74.84
N ASN H 99 -11.20 -20.13 -74.11
CA ASN H 99 -12.30 -19.25 -74.51
C ASN H 99 -12.63 -18.30 -73.38
N LEU H 100 -13.55 -17.36 -73.63
CA LEU H 100 -14.00 -16.40 -72.64
C LEU H 100 -14.50 -17.12 -71.39
N GLY H 101 -15.25 -18.22 -71.61
CA GLY H 101 -15.85 -18.98 -70.53
C GLY H 101 -14.81 -19.57 -69.57
N LEU H 102 -13.76 -20.17 -70.14
CA LEU H 102 -12.73 -20.82 -69.34
C LEU H 102 -12.12 -19.82 -68.37
N LEU H 103 -11.73 -18.65 -68.90
CA LEU H 103 -11.06 -17.62 -68.10
C LEU H 103 -11.92 -17.21 -66.92
N ALA H 104 -13.24 -17.08 -67.15
CA ALA H 104 -14.17 -16.70 -66.11
C ALA H 104 -14.14 -17.71 -64.96
N LYS H 105 -14.11 -18.99 -65.30
CA LYS H 105 -14.07 -20.06 -64.32
C LYS H 105 -12.73 -20.05 -63.59
N LYS H 106 -11.64 -19.82 -64.34
CA LYS H 106 -10.31 -19.75 -63.76
C LYS H 106 -10.25 -18.61 -62.75
N ALA H 107 -10.90 -17.48 -63.06
CA ALA H 107 -10.94 -16.32 -62.19
C ALA H 107 -11.66 -16.66 -60.89
N ASP H 108 -12.78 -17.39 -61.00
CA ASP H 108 -13.57 -17.78 -59.84
C ASP H 108 -12.73 -18.67 -58.93
N LEU H 109 -12.00 -19.62 -59.54
CA LEU H 109 -11.18 -20.57 -58.80
C LEU H 109 -10.14 -19.82 -57.97
N CYS H 110 -9.50 -18.83 -58.59
CA CYS H 110 -8.51 -17.99 -57.91
C CYS H 110 -9.13 -17.34 -56.68
N GLN H 111 -10.30 -16.73 -56.85
CA GLN H 111 -10.96 -15.95 -55.81
C GLN H 111 -11.24 -16.84 -54.59
N LEU H 112 -11.59 -18.10 -54.85
CA LEU H 112 -11.82 -19.06 -53.77
C LEU H 112 -10.49 -19.35 -53.06
N ILE H 113 -9.43 -19.56 -53.86
CA ILE H 113 -8.11 -19.86 -53.32
C ILE H 113 -7.61 -18.69 -52.50
N ARG H 114 -7.93 -17.46 -52.93
CA ARG H 114 -7.54 -16.26 -52.20
C ARG H 114 -8.10 -16.31 -50.78
N ASP H 115 -9.38 -16.68 -50.66
CA ASP H 115 -10.06 -16.72 -49.36
C ASP H 115 -9.43 -17.79 -48.48
N MET H 116 -9.03 -18.92 -49.09
CA MET H 116 -8.51 -20.06 -48.36
C MET H 116 -7.14 -19.73 -47.76
N VAL H 117 -6.42 -18.79 -48.38
CA VAL H 117 -5.11 -18.38 -47.91
C VAL H 117 -5.28 -17.41 -46.73
N ASN H 118 -6.34 -16.59 -46.76
CA ASN H 118 -6.60 -15.61 -45.71
C ASN H 118 -6.92 -16.32 -44.40
N VAL H 119 -7.80 -17.33 -44.47
CA VAL H 119 -8.29 -18.02 -43.29
C VAL H 119 -7.18 -18.81 -42.62
N CYS H 120 -6.31 -19.45 -43.43
CA CYS H 120 -5.24 -20.28 -42.92
C CYS H 120 -4.16 -19.40 -42.29
N GLU H 121 -3.99 -19.52 -40.97
CA GLU H 121 -2.99 -18.78 -40.21
C GLU H 121 -2.09 -19.76 -39.47
N ASN H 128 -4.80 -19.02 -32.16
CA ASN H 128 -5.73 -19.00 -33.32
C ASN H 128 -6.09 -20.43 -33.71
N PRO H 129 -7.18 -21.00 -33.14
CA PRO H 129 -7.67 -22.32 -33.56
C PRO H 129 -8.24 -22.31 -34.98
N PRO H 130 -8.48 -23.50 -35.58
CA PRO H 130 -9.09 -23.56 -36.92
C PRO H 130 -10.56 -23.18 -36.94
N SER H 131 -11.25 -23.38 -35.80
CA SER H 131 -12.68 -23.10 -35.70
C SER H 131 -12.93 -21.59 -35.66
N LEU H 132 -12.21 -20.91 -34.74
CA LEU H 132 -12.40 -19.49 -34.51
C LEU H 132 -11.92 -18.68 -35.71
N ALA H 133 -10.73 -19.04 -36.23
CA ALA H 133 -10.13 -18.34 -37.35
C ALA H 133 -11.09 -18.32 -38.54
N LYS H 134 -11.83 -19.43 -38.73
CA LYS H 134 -12.79 -19.55 -39.82
C LYS H 134 -13.98 -18.63 -39.58
N TYR H 135 -14.39 -18.46 -38.31
CA TYR H 135 -15.48 -17.56 -37.96
C TYR H 135 -15.05 -16.11 -38.19
N ARG H 136 -13.87 -15.76 -37.67
CA ARG H 136 -13.34 -14.41 -37.81
C ARG H 136 -13.13 -14.05 -39.27
N ALA H 137 -12.75 -15.03 -40.09
CA ALA H 137 -12.42 -14.80 -41.50
C ALA H 137 -13.64 -14.30 -42.27
N LEU H 138 -14.84 -14.77 -41.88
CA LEU H 138 -16.08 -14.36 -42.52
C LEU H 138 -16.36 -12.89 -42.24
N ARG H 139 -15.94 -12.42 -41.05
CA ARG H 139 -16.21 -11.06 -40.60
C ARG H 139 -17.71 -10.80 -40.68
N CYS H 140 -18.46 -11.58 -39.88
CA CYS H 140 -19.91 -11.50 -39.86
C CYS H 140 -20.43 -12.16 -38.58
N LYS H 141 -21.57 -11.67 -38.09
CA LYS H 141 -22.17 -12.16 -36.86
C LYS H 141 -23.17 -13.26 -37.20
N ILE H 142 -22.77 -14.53 -36.96
CA ILE H 142 -23.65 -15.67 -37.14
C ILE H 142 -24.02 -16.23 -35.77
N GLU H 143 -25.31 -16.20 -35.45
CA GLU H 143 -25.82 -16.68 -34.17
C GLU H 143 -26.79 -17.83 -34.42
N HIS H 144 -26.90 -18.74 -33.43
CA HIS H 144 -27.81 -19.86 -33.51
C HIS H 144 -29.15 -19.48 -32.89
N VAL H 145 -30.24 -20.04 -33.44
CA VAL H 145 -31.57 -19.83 -32.92
C VAL H 145 -32.15 -21.19 -32.50
N GLU H 146 -32.73 -21.23 -31.29
CA GLU H 146 -33.31 -22.45 -30.74
C GLU H 146 -34.67 -22.68 -31.38
N GLN H 147 -35.16 -23.92 -31.27
CA GLN H 147 -36.48 -24.30 -31.76
C GLN H 147 -37.56 -23.83 -30.79
N ASN H 148 -37.18 -23.71 -29.51
CA ASN H 148 -38.11 -23.32 -28.45
C ASN H 148 -38.55 -21.87 -28.65
N THR H 149 -37.65 -21.04 -29.19
CA THR H 149 -37.93 -19.63 -29.40
C THR H 149 -39.00 -19.46 -30.49
N GLU H 150 -39.75 -18.35 -30.40
CA GLU H 150 -40.87 -18.09 -31.27
C GLU H 150 -40.39 -17.40 -32.55
N GLU H 151 -39.12 -16.97 -32.56
CA GLU H 151 -38.48 -16.44 -33.77
C GLU H 151 -38.33 -17.56 -34.80
N PHE H 152 -38.03 -18.76 -34.32
CA PHE H 152 -37.80 -19.92 -35.17
C PHE H 152 -39.07 -20.25 -35.96
N LEU H 153 -40.22 -20.19 -35.29
CA LEU H 153 -41.50 -20.53 -35.89
C LEU H 153 -41.89 -19.50 -36.94
N ARG H 154 -41.50 -18.23 -36.72
CA ARG H 154 -41.78 -17.18 -37.68
C ARG H 154 -41.00 -17.45 -38.98
N VAL H 155 -39.69 -17.71 -38.84
CA VAL H 155 -38.81 -17.89 -39.97
C VAL H 155 -39.23 -19.14 -40.75
N ARG H 156 -39.56 -20.21 -40.01
CA ARG H 156 -40.01 -21.46 -40.61
C ARG H 156 -41.24 -21.21 -41.46
N LYS H 157 -42.20 -20.45 -40.91
CA LYS H 157 -43.48 -20.24 -41.57
C LYS H 157 -43.29 -19.36 -42.81
N GLU H 158 -42.45 -18.33 -42.71
CA GLU H 158 -42.17 -17.45 -43.84
C GLU H 158 -41.56 -18.24 -44.99
N VAL H 159 -40.78 -19.28 -44.66
CA VAL H 159 -40.21 -20.17 -45.66
C VAL H 159 -41.32 -21.06 -46.23
N LEU H 160 -42.12 -21.65 -45.34
CA LEU H 160 -43.16 -22.59 -45.73
C LEU H 160 -44.50 -21.88 -45.88
N GLN H 161 -44.67 -21.17 -47.00
CA GLN H 161 -45.95 -20.59 -47.39
C GLN H 161 -46.22 -20.68 -48.88
N ASN H 162 -45.28 -20.16 -49.68
CA ASN H 162 -45.35 -20.24 -51.13
C ASN H 162 -44.60 -21.52 -51.50
N HIS H 163 -45.30 -22.65 -51.40
CA HIS H 163 -44.71 -23.96 -51.67
C HIS H 163 -45.48 -24.62 -52.80
N HIS H 164 -45.01 -24.38 -54.04
CA HIS H 164 -45.66 -24.90 -55.24
C HIS H 164 -45.52 -26.42 -55.27
N SER H 165 -44.26 -26.90 -55.19
CA SER H 165 -43.98 -28.31 -55.07
C SER H 165 -44.37 -28.78 -53.66
N LYS H 166 -44.68 -30.08 -53.52
CA LYS H 166 -45.12 -30.64 -52.26
C LYS H 166 -44.18 -31.77 -51.85
N SER H 167 -42.90 -31.42 -51.67
CA SER H 167 -41.89 -32.34 -51.16
C SER H 167 -41.69 -32.07 -49.66
N PRO H 168 -41.43 -33.11 -48.84
CA PRO H 168 -41.15 -32.90 -47.41
C PRO H 168 -39.96 -31.96 -47.17
N VAL H 169 -40.23 -30.86 -46.46
CA VAL H 169 -39.21 -29.87 -46.14
C VAL H 169 -38.75 -30.09 -44.70
N ASP H 170 -37.46 -30.42 -44.53
CA ASP H 170 -36.87 -30.61 -43.22
C ASP H 170 -36.04 -29.37 -42.86
N VAL H 171 -36.62 -28.49 -42.04
CA VAL H 171 -35.93 -27.30 -41.57
C VAL H 171 -35.13 -27.67 -40.33
N LEU H 172 -33.84 -27.96 -40.52
CA LEU H 172 -32.98 -28.41 -39.43
C LEU H 172 -32.33 -27.39 -38.49
N GLN H 173 -31.80 -26.30 -39.06
CA GLN H 173 -31.01 -25.35 -38.30
C GLN H 173 -31.30 -24.00 -38.98
N ILE H 174 -31.50 -22.97 -38.15
CA ILE H 174 -31.70 -21.61 -38.64
C ILE H 174 -30.76 -20.68 -37.87
N PHE H 175 -30.04 -19.83 -38.61
CA PHE H 175 -29.07 -18.93 -38.01
C PHE H 175 -29.38 -17.48 -38.42
N ARG H 176 -29.23 -16.56 -37.47
CA ARG H 176 -29.24 -15.13 -37.76
C ARG H 176 -27.92 -14.77 -38.45
N VAL H 177 -27.95 -13.77 -39.32
CA VAL H 177 -26.75 -13.34 -40.02
C VAL H 177 -26.91 -11.87 -40.45
N GLY H 178 -25.79 -11.16 -40.55
CA GLY H 178 -25.77 -9.78 -41.00
C GLY H 178 -24.36 -9.23 -41.12
N ARG H 179 -24.00 -8.75 -42.32
CA ARG H 179 -22.68 -8.19 -42.57
C ARG H 179 -22.57 -6.82 -41.91
N VAL H 180 -21.34 -6.38 -41.66
CA VAL H 180 -21.06 -5.18 -40.90
C VAL H 180 -21.27 -3.95 -41.78
N ASN H 181 -20.58 -3.92 -42.92
CA ASN H 181 -20.55 -2.76 -43.79
C ASN H 181 -21.74 -2.74 -44.74
N GLU H 182 -22.52 -3.83 -44.76
CA GLU H 182 -23.67 -3.95 -45.65
C GLU H 182 -24.86 -3.20 -45.06
N THR H 183 -25.10 -3.36 -43.76
CA THR H 183 -26.27 -2.84 -43.09
C THR H 183 -26.38 -1.32 -43.27
N THR H 184 -25.26 -0.62 -43.07
CA THR H 184 -25.23 0.83 -43.15
C THR H 184 -25.42 1.30 -44.59
N GLU H 185 -24.78 0.59 -45.53
CA GLU H 185 -24.80 0.95 -46.94
C GLU H 185 -26.10 0.53 -47.60
N PHE H 186 -26.84 -0.40 -46.96
CA PHE H 186 -28.08 -0.93 -47.52
C PHE H 186 -29.08 0.21 -47.75
N LEU H 187 -29.82 0.12 -48.86
CA LEU H 187 -30.79 1.13 -49.24
C LEU H 187 -32.12 0.85 -48.54
N SER H 188 -32.21 1.29 -47.28
CA SER H 188 -33.42 1.14 -46.49
C SER H 188 -34.47 2.17 -46.92
N LYS H 189 -34.00 3.36 -47.32
CA LYS H 189 -34.88 4.46 -47.70
C LYS H 189 -35.66 4.10 -48.97
N LEU H 190 -35.05 3.30 -49.85
CA LEU H 190 -35.73 2.80 -51.04
C LEU H 190 -36.90 1.92 -50.60
N GLY H 191 -38.03 2.06 -51.31
CA GLY H 191 -39.28 1.44 -50.89
C GLY H 191 -39.36 -0.04 -51.27
N ASN H 192 -40.42 -0.69 -50.78
CA ASN H 192 -40.70 -2.09 -51.08
C ASN H 192 -39.57 -2.95 -50.55
N VAL H 193 -39.35 -2.89 -49.23
CA VAL H 193 -38.33 -3.68 -48.55
C VAL H 193 -38.98 -4.94 -48.01
N ARG H 194 -38.95 -6.02 -48.80
CA ARG H 194 -39.56 -7.29 -48.42
C ARG H 194 -38.51 -8.41 -48.46
N PRO H 195 -38.59 -9.40 -47.55
CA PRO H 195 -37.65 -10.52 -47.54
C PRO H 195 -37.94 -11.53 -48.65
N LEU H 196 -36.88 -12.15 -49.16
CA LEU H 196 -36.99 -13.18 -50.20
C LEU H 196 -35.94 -14.25 -49.95
N LEU H 197 -36.02 -15.36 -50.70
CA LEU H 197 -35.12 -16.48 -50.56
C LEU H 197 -34.12 -16.50 -51.71
N HIS H 198 -32.83 -16.63 -51.37
CA HIS H 198 -31.76 -16.72 -52.35
C HIS H 198 -31.17 -18.13 -52.32
N GLY H 199 -31.35 -18.87 -53.42
CA GLY H 199 -30.76 -20.19 -53.57
C GLY H 199 -29.29 -20.10 -53.98
N SER H 200 -28.46 -20.94 -53.35
CA SER H 200 -27.03 -20.95 -53.63
C SER H 200 -26.41 -22.28 -53.20
N PRO H 201 -25.36 -22.78 -53.89
CA PRO H 201 -24.64 -23.98 -53.44
C PRO H 201 -23.83 -23.72 -52.18
N VAL H 202 -23.49 -24.80 -51.47
CA VAL H 202 -22.88 -24.73 -50.15
C VAL H 202 -21.45 -24.21 -50.26
N GLN H 203 -20.78 -24.55 -51.37
CA GLN H 203 -19.38 -24.19 -51.59
C GLN H 203 -19.19 -22.67 -51.63
N ASN H 204 -20.18 -21.97 -52.20
CA ASN H 204 -20.05 -20.53 -52.44
C ASN H 204 -20.35 -19.72 -51.18
N ILE H 205 -20.92 -20.37 -50.15
CA ILE H 205 -21.40 -19.67 -48.97
C ILE H 205 -20.27 -18.89 -48.31
N VAL H 206 -19.10 -19.52 -48.17
CA VAL H 206 -17.96 -18.90 -47.51
C VAL H 206 -17.70 -17.52 -48.10
N GLY H 207 -17.77 -17.44 -49.44
CA GLY H 207 -17.54 -16.18 -50.15
C GLY H 207 -18.70 -15.20 -49.95
N ILE H 208 -19.93 -15.72 -49.95
CA ILE H 208 -21.12 -14.89 -49.81
C ILE H 208 -21.12 -14.22 -48.43
N LEU H 209 -20.71 -14.96 -47.39
CA LEU H 209 -20.68 -14.42 -46.05
C LEU H 209 -19.55 -13.40 -45.88
N CYS H 210 -18.50 -13.54 -46.69
CA CYS H 210 -17.36 -12.63 -46.64
C CYS H 210 -17.69 -11.32 -47.34
N ARG H 211 -17.98 -11.40 -48.65
CA ARG H 211 -18.04 -10.23 -49.51
C ARG H 211 -19.48 -9.79 -49.76
N GLY H 212 -20.46 -10.65 -49.42
CA GLY H 212 -21.84 -10.39 -49.74
C GLY H 212 -22.21 -10.90 -51.13
N LEU H 213 -23.49 -10.77 -51.49
CA LEU H 213 -23.96 -11.16 -52.82
C LEU H 213 -23.49 -10.13 -53.85
N LEU H 214 -22.61 -10.57 -54.75
CA LEU H 214 -22.01 -9.71 -55.76
C LEU H 214 -22.71 -9.95 -57.09
N LEU H 215 -22.47 -9.03 -58.03
CA LEU H 215 -23.08 -9.10 -59.36
C LEU H 215 -22.32 -10.14 -60.20
N PRO H 216 -23.01 -10.98 -61.00
CA PRO H 216 -22.33 -11.89 -61.92
C PRO H 216 -21.54 -11.16 -63.01
N LYS H 217 -20.43 -11.75 -63.43
CA LYS H 217 -19.49 -11.10 -64.32
C LYS H 217 -20.00 -11.22 -65.74
N VAL H 218 -20.16 -10.08 -66.43
CA VAL H 218 -20.69 -10.05 -67.78
C VAL H 218 -19.68 -10.69 -68.74
N VAL H 219 -20.20 -11.38 -69.77
CA VAL H 219 -19.38 -12.05 -70.77
C VAL H 219 -19.88 -11.65 -72.15
N GLU H 220 -19.01 -10.95 -72.91
CA GLU H 220 -19.35 -10.52 -74.26
C GLU H 220 -19.25 -11.71 -75.22
N VAL H 229 -28.81 -19.27 -68.21
CA VAL H 229 -29.78 -19.44 -67.07
C VAL H 229 -30.23 -18.07 -66.60
N GLY H 230 -29.30 -17.11 -66.48
CA GLY H 230 -29.64 -15.77 -66.09
C GLY H 230 -30.54 -15.55 -67.29
N ASN H 231 -31.78 -15.11 -67.02
CA ASN H 231 -32.80 -14.96 -68.05
C ASN H 231 -33.26 -13.52 -67.86
N LEU H 232 -32.81 -12.87 -66.77
CA LEU H 232 -33.09 -11.46 -66.53
C LEU H 232 -31.78 -10.71 -66.33
N GLY H 233 -30.80 -10.99 -67.21
CA GLY H 233 -29.54 -10.27 -67.21
C GLY H 233 -28.64 -10.68 -66.03
N SER H 234 -27.49 -10.00 -65.92
CA SER H 234 -26.51 -10.27 -64.89
C SER H 234 -26.89 -9.51 -63.61
N GLY H 235 -27.65 -10.17 -62.74
CA GLY H 235 -28.08 -9.59 -61.49
C GLY H 235 -28.17 -10.64 -60.38
N ILE H 236 -28.60 -10.21 -59.19
CA ILE H 236 -28.75 -11.09 -58.05
C ILE H 236 -30.20 -11.60 -58.04
N TYR H 237 -30.36 -12.92 -58.24
CA TYR H 237 -31.67 -13.54 -58.37
C TYR H 237 -32.17 -13.99 -57.00
N PHE H 238 -33.49 -13.85 -56.79
CA PHE H 238 -34.16 -14.32 -55.59
C PHE H 238 -35.46 -15.00 -55.98
N SER H 239 -36.19 -15.49 -54.97
CA SER H 239 -37.52 -16.05 -55.19
C SER H 239 -38.32 -16.00 -53.88
N ASP H 240 -39.64 -15.87 -54.00
CA ASP H 240 -40.53 -15.93 -52.85
C ASP H 240 -40.83 -17.39 -52.53
N SER H 241 -40.85 -18.24 -53.56
CA SER H 241 -41.12 -19.66 -53.41
C SER H 241 -39.85 -20.39 -52.98
N LEU H 242 -40.04 -21.47 -52.19
CA LEU H 242 -38.94 -22.30 -51.73
C LEU H 242 -38.62 -23.36 -52.78
N SER H 243 -39.67 -23.95 -53.36
CA SER H 243 -39.54 -25.03 -54.33
C SER H 243 -38.64 -24.62 -55.49
N THR H 244 -38.71 -23.34 -55.87
CA THR H 244 -37.90 -22.79 -56.94
C THR H 244 -36.44 -22.69 -56.49
N SER H 245 -36.23 -22.41 -55.20
CA SER H 245 -34.90 -22.21 -54.63
C SER H 245 -34.18 -23.54 -54.43
N ILE H 246 -34.93 -24.65 -54.43
CA ILE H 246 -34.36 -25.98 -54.26
C ILE H 246 -33.50 -26.33 -55.48
N LYS H 247 -33.95 -25.87 -56.67
CA LYS H 247 -33.25 -26.15 -57.91
C LYS H 247 -31.91 -25.42 -57.95
N TYR H 248 -31.86 -24.23 -57.33
CA TYR H 248 -30.62 -23.48 -57.19
C TYR H 248 -29.68 -24.19 -56.22
N SER H 249 -30.14 -24.36 -54.98
CA SER H 249 -29.33 -24.89 -53.90
C SER H 249 -29.28 -26.41 -53.97
N HIS H 250 -28.15 -26.96 -54.45
CA HIS H 250 -27.91 -28.39 -54.45
C HIS H 250 -27.48 -28.84 -53.05
N PRO H 251 -27.54 -30.15 -52.74
CA PRO H 251 -27.04 -30.67 -51.46
C PRO H 251 -25.53 -30.49 -51.32
N GLY H 252 -25.07 -30.46 -50.06
CA GLY H 252 -23.65 -30.34 -49.76
C GLY H 252 -22.93 -31.67 -49.93
N GLU H 253 -21.59 -31.60 -49.99
CA GLU H 253 -20.74 -32.78 -50.11
C GLU H 253 -20.32 -33.26 -48.73
N THR H 254 -19.95 -32.31 -47.85
CA THR H 254 -19.40 -32.63 -46.55
C THR H 254 -20.49 -33.17 -45.63
N ASP H 255 -21.50 -32.35 -45.33
CA ASP H 255 -22.55 -32.71 -44.39
C ASP H 255 -23.67 -33.41 -45.15
N GLY H 256 -24.16 -32.77 -46.22
CA GLY H 256 -25.27 -33.28 -47.00
C GLY H 256 -26.56 -32.54 -46.68
N THR H 257 -26.50 -31.21 -46.69
CA THR H 257 -27.62 -30.35 -46.34
C THR H 257 -27.58 -29.08 -47.19
N ARG H 258 -28.75 -28.69 -47.71
CA ARG H 258 -28.87 -27.48 -48.51
C ARG H 258 -28.81 -26.26 -47.60
N LEU H 259 -28.18 -25.19 -48.10
CA LEU H 259 -28.19 -23.89 -47.44
C LEU H 259 -28.93 -22.89 -48.33
N LEU H 260 -29.54 -21.89 -47.70
CA LEU H 260 -30.36 -20.91 -48.40
C LEU H 260 -30.43 -19.63 -47.57
N LEU H 261 -30.23 -18.48 -48.23
CA LEU H 261 -30.15 -17.20 -47.55
C LEU H 261 -31.45 -16.43 -47.72
N ILE H 262 -32.05 -16.02 -46.60
CA ILE H 262 -33.18 -15.10 -46.60
C ILE H 262 -32.62 -13.70 -46.43
N CYS H 263 -32.99 -12.79 -47.35
CA CYS H 263 -32.43 -11.45 -47.41
C CYS H 263 -33.54 -10.42 -47.61
N ASP H 264 -33.43 -9.28 -46.90
CA ASP H 264 -34.30 -8.15 -47.11
C ASP H 264 -33.89 -7.43 -48.38
N VAL H 265 -34.48 -7.84 -49.52
CA VAL H 265 -34.15 -7.27 -50.82
C VAL H 265 -35.03 -6.05 -51.07
N ALA H 266 -34.41 -4.88 -51.09
CA ALA H 266 -35.09 -3.65 -51.48
C ALA H 266 -35.21 -3.63 -53.01
N LEU H 267 -36.38 -4.00 -53.51
CA LEU H 267 -36.62 -4.10 -54.99
C LEU H 267 -37.16 -2.76 -55.49
N GLY H 268 -37.58 -1.87 -54.60
CA GLY H 268 -38.18 -0.58 -55.02
C GLY H 268 -39.14 -0.82 -56.16
N LYS H 269 -39.23 0.09 -57.13
CA LYS H 269 -40.06 -0.13 -58.34
C LYS H 269 -39.74 -1.53 -58.85
N CYS H 270 -40.72 -2.26 -59.38
CA CYS H 270 -40.49 -3.60 -59.95
C CYS H 270 -41.28 -3.78 -61.24
N MET H 271 -40.59 -4.06 -62.34
CA MET H 271 -41.21 -4.27 -63.64
C MET H 271 -41.65 -5.71 -63.76
N ASP H 272 -42.97 -5.93 -63.88
CA ASP H 272 -43.53 -7.25 -64.06
C ASP H 272 -43.43 -7.63 -65.54
N LEU H 273 -42.24 -8.07 -65.95
CA LEU H 273 -41.98 -8.42 -67.34
C LEU H 273 -42.49 -9.84 -67.61
N HIS H 274 -42.99 -10.04 -68.84
CA HIS H 274 -43.42 -11.34 -69.31
C HIS H 274 -42.30 -11.97 -70.13
N GLU H 275 -41.76 -11.19 -71.08
CA GLU H 275 -40.72 -11.66 -71.97
C GLU H 275 -39.38 -11.67 -71.22
N LYS H 276 -38.43 -12.46 -71.74
CA LYS H 276 -37.07 -12.51 -71.20
C LYS H 276 -36.27 -11.32 -71.73
N ASP H 277 -35.16 -11.01 -71.07
CA ASP H 277 -34.27 -9.94 -71.48
C ASP H 277 -32.89 -10.17 -70.85
N PHE H 278 -31.92 -10.54 -71.69
CA PHE H 278 -30.60 -10.96 -71.24
C PHE H 278 -29.61 -9.79 -71.27
N SER H 279 -29.98 -8.69 -71.95
CA SER H 279 -29.06 -7.59 -72.20
C SER H 279 -29.01 -6.64 -71.00
N LEU H 280 -29.82 -6.90 -69.97
CA LEU H 280 -29.89 -6.04 -68.80
C LEU H 280 -28.66 -6.23 -67.94
N THR H 281 -27.66 -5.36 -68.14
CA THR H 281 -26.51 -5.28 -67.26
C THR H 281 -26.93 -4.66 -65.93
N GLU H 282 -27.88 -3.73 -66.01
CA GLU H 282 -28.47 -3.07 -64.84
C GLU H 282 -29.99 -3.02 -65.02
N ALA H 283 -30.69 -2.50 -64.01
CA ALA H 283 -32.15 -2.52 -63.98
C ALA H 283 -32.71 -1.72 -65.15
N PRO H 284 -33.98 -1.96 -65.56
CA PRO H 284 -34.61 -1.20 -66.64
C PRO H 284 -34.86 0.26 -66.26
N PRO H 285 -35.16 1.14 -67.25
CA PRO H 285 -35.32 2.57 -66.98
C PRO H 285 -36.63 2.91 -66.27
N GLY H 286 -36.52 3.53 -65.09
CA GLY H 286 -37.68 3.99 -64.34
C GLY H 286 -38.01 3.08 -63.15
N TYR H 287 -37.43 1.87 -63.14
CA TYR H 287 -37.74 0.87 -62.13
C TYR H 287 -36.45 0.35 -61.50
N ASP H 288 -36.57 -0.23 -60.30
CA ASP H 288 -35.42 -0.58 -59.48
C ASP H 288 -35.19 -2.09 -59.50
N SER H 289 -36.10 -2.85 -60.13
CA SER H 289 -36.02 -4.31 -60.13
C SER H 289 -36.88 -4.90 -61.23
N VAL H 290 -36.72 -6.21 -61.46
CA VAL H 290 -37.50 -6.94 -62.45
C VAL H 290 -38.08 -8.17 -61.77
N HIS H 291 -39.40 -8.38 -61.96
CA HIS H 291 -40.09 -9.55 -61.43
C HIS H 291 -40.46 -10.48 -62.57
N GLY H 292 -39.76 -11.61 -62.66
CA GLY H 292 -40.11 -12.68 -63.58
C GLY H 292 -41.47 -13.06 -62.98
N VAL H 293 -42.51 -13.08 -63.83
CA VAL H 293 -43.87 -13.32 -63.39
C VAL H 293 -44.00 -14.80 -63.74
N SER H 294 -44.26 -15.62 -62.72
CA SER H 294 -44.37 -17.06 -62.89
C SER H 294 -45.56 -17.40 -63.78
N GLN H 295 -45.53 -18.60 -64.38
CA GLN H 295 -46.56 -19.04 -65.29
C GLN H 295 -47.84 -19.35 -64.50
N THR H 296 -48.85 -18.49 -64.66
CA THR H 296 -50.08 -18.57 -63.89
C THR H 296 -51.23 -19.00 -64.80
N ALA H 297 -52.28 -19.52 -64.13
CA ALA H 297 -53.53 -19.91 -64.81
C ALA H 297 -53.56 -18.80 -65.84
N SER H 298 -53.54 -19.10 -67.15
CA SER H 298 -53.76 -18.11 -68.25
C SER H 298 -53.02 -16.76 -68.36
N VAL H 299 -51.71 -16.61 -68.11
CA VAL H 299 -50.97 -15.41 -68.44
C VAL H 299 -49.67 -15.83 -69.10
N THR H 300 -49.40 -15.26 -70.28
CA THR H 300 -48.28 -15.69 -71.12
C THR H 300 -46.97 -15.16 -70.56
N THR H 301 -46.18 -16.04 -69.92
CA THR H 301 -44.85 -15.72 -69.45
C THR H 301 -43.92 -16.90 -69.72
N ASP H 302 -42.69 -16.59 -70.14
CA ASP H 302 -41.67 -17.61 -70.37
C ASP H 302 -41.11 -18.09 -69.03
N PHE H 303 -41.18 -17.22 -68.01
CA PHE H 303 -40.68 -17.53 -66.68
C PHE H 303 -41.57 -18.56 -66.01
N GLU H 304 -40.95 -19.65 -65.53
CA GLU H 304 -41.66 -20.68 -64.78
C GLU H 304 -41.66 -20.31 -63.30
N ASP H 305 -40.48 -20.00 -62.77
CA ASP H 305 -40.30 -19.67 -61.36
C ASP H 305 -40.54 -18.18 -61.15
N ASP H 306 -40.85 -17.81 -59.90
CA ASP H 306 -40.91 -16.41 -59.50
C ASP H 306 -39.48 -15.91 -59.28
N GLU H 307 -39.06 -14.95 -60.09
CA GLU H 307 -37.68 -14.46 -60.07
C GLU H 307 -37.67 -12.96 -59.85
N PHE H 308 -37.29 -12.56 -58.63
CA PHE H 308 -37.03 -11.16 -58.30
C PHE H 308 -35.54 -10.88 -58.50
N VAL H 309 -35.21 -9.82 -59.24
CA VAL H 309 -33.84 -9.53 -59.62
C VAL H 309 -33.53 -8.06 -59.35
N VAL H 310 -32.38 -7.83 -58.70
CA VAL H 310 -31.81 -6.50 -58.53
C VAL H 310 -30.42 -6.51 -59.15
N TYR H 311 -29.89 -5.31 -59.42
CA TYR H 311 -28.62 -5.16 -60.12
C TYR H 311 -27.69 -4.23 -59.34
N LYS H 312 -27.73 -4.35 -58.00
CA LYS H 312 -26.88 -3.55 -57.13
C LYS H 312 -26.49 -4.38 -55.91
N THR H 313 -25.29 -4.13 -55.39
CA THR H 313 -24.76 -4.86 -54.24
C THR H 313 -25.44 -4.38 -52.97
N ASN H 314 -25.85 -3.10 -52.95
CA ASN H 314 -26.37 -2.47 -51.75
C ASN H 314 -27.90 -2.45 -51.77
N GLN H 315 -28.51 -3.25 -52.65
CA GLN H 315 -29.95 -3.45 -52.66
C GLN H 315 -30.32 -4.72 -51.91
N VAL H 316 -29.33 -5.34 -51.24
CA VAL H 316 -29.54 -6.60 -50.54
C VAL H 316 -29.03 -6.45 -49.11
N LYS H 317 -29.68 -7.16 -48.18
CA LYS H 317 -29.26 -7.26 -46.79
C LYS H 317 -29.66 -8.62 -46.26
N MET H 318 -28.66 -9.49 -46.06
CA MET H 318 -28.91 -10.87 -45.65
C MET H 318 -29.28 -10.89 -44.16
N LYS H 319 -30.25 -11.76 -43.83
CA LYS H 319 -30.85 -11.81 -42.50
C LYS H 319 -30.66 -13.17 -41.87
N TYR H 320 -31.04 -14.23 -42.59
CA TYR H 320 -31.05 -15.58 -42.03
C TYR H 320 -30.39 -16.57 -43.00
N ILE H 321 -29.94 -17.71 -42.44
CA ILE H 321 -29.42 -18.83 -43.20
C ILE H 321 -30.21 -20.07 -42.82
N ILE H 322 -30.83 -20.70 -43.83
CA ILE H 322 -31.70 -21.84 -43.60
C ILE H 322 -30.96 -23.12 -44.00
N LYS H 323 -30.63 -23.95 -43.00
CA LYS H 323 -30.05 -25.26 -43.22
C LYS H 323 -31.18 -26.28 -43.32
N PHE H 324 -31.36 -26.87 -44.51
CA PHE H 324 -32.44 -27.81 -44.75
C PHE H 324 -31.95 -28.95 -45.64
N SER H 325 -32.75 -30.02 -45.69
CA SER H 325 -32.42 -31.22 -46.46
C SER H 325 -33.67 -31.79 -47.11
N MET H 326 -33.50 -32.33 -48.33
CA MET H 326 -34.59 -32.94 -49.08
C MET H 326 -34.65 -34.43 -48.75
N PRO H 327 -35.75 -35.14 -49.09
CA PRO H 327 -35.83 -36.59 -48.89
C PRO H 327 -34.61 -37.36 -49.39
N GLY H 328 -34.17 -37.04 -50.61
CA GLY H 328 -33.00 -37.67 -51.20
C GLY H 328 -31.71 -37.16 -50.57
#